data_6HGB
#
_entry.id   6HGB
#
_cell.length_a   106.200
_cell.length_b   73.900
_cell.length_c   106.400
_cell.angle_alpha   90.00
_cell.angle_beta   90.30
_cell.angle_gamma   90.00
#
_symmetry.space_group_name_H-M   'P 1 21 1'
#
loop_
_entity.id
_entity.type
_entity.pdbx_description
1 polymer Neuraminidase
2 branched 2-acetamido-2-deoxy-beta-D-glucopyranose-(1-4)-2-acetamido-2-deoxy-beta-D-glucopyranose
3 branched alpha-D-mannopyranose-(1-2)-alpha-D-mannopyranose-(1-3)-[alpha-D-mannopyranose-(1-3)-[alpha-D-mannopyranose-(1-6)]alpha-D-mannopyranose-(1-6)]beta-D-mannopyranose-(1-4)-2-acetamido-2-deoxy-beta-D-glucopyranose-(1-4)-2-acetamido-2-deoxy-beta-D-glucopyranose
4 branched alpha-D-mannopyranose-(1-3)-[alpha-D-mannopyranose-(1-6)]alpha-D-mannopyranose-(1-6)-[alpha-D-mannopyranose-(1-3)]beta-D-mannopyranose-(1-4)-2-acetamido-2-deoxy-beta-D-glucopyranose-(1-4)-2-acetamido-2-deoxy-beta-D-glucopyranose
5 branched alpha-D-mannopyranose-(1-3)-[alpha-D-mannopyranose-(1-6)]alpha-D-mannopyranose-(1-6)-beta-D-mannopyranose-(1-4)-2-acetamido-2-deoxy-beta-D-glucopyranose-(1-4)-2-acetamido-2-deoxy-beta-D-glucopyranose
6 non-polymer GLYCEROL
7 non-polymer 'CALCIUM ION'
8 non-polymer 'PHOSPHATE ION'
9 non-polymer DI(HYDROXYETHYL)ETHER
10 non-polymer 2-acetamido-2-deoxy-beta-D-glucopyranose
11 water water
#
_entity_poly.entity_id   1
_entity_poly.type   'polypeptide(L)'
_entity_poly.pdbx_seq_one_letter_code
;RTFLNLTKPLCEVNSWHILSKDNAIRIGEDAHILVTREPYLSCDPQGCRMFALSQGTTLRGRHANGTIHDRSPFRALISW
EMGQAPSPYNTRVECIGWSSTSCHDGMSRMSICMSGPNNNASAVVWYGGRPITEIPSWAGNILRTQESECVCHKGVCPVV
MTDGPANNRAATKIIYFKEGKIQKIEELAGNAQHIEECSCYGAGGVIKCICRDNWKGANRPVITIDPEMMTHTSKYLCSK
VLTDTSRPNDPTNGNCDAPITGGSPDPGVKGFAFLDGENSWLGRTISKDSRSGYEMLKVPNAETDIQSGPISNQVIVNNQ
NWSGYSGAFIDYWANKECFNPCFYVELIRGRPKESSVLWTSNSIVALCGSKKRLGSWSWHDGAEIIYFE
;
_entity_poly.pdbx_strand_id   A,B,C,D
#
loop_
_chem_comp.id
_chem_comp.type
_chem_comp.name
_chem_comp.formula
BMA D-saccharide, beta linking beta-D-mannopyranose 'C6 H12 O6'
CA non-polymer 'CALCIUM ION' 'Ca 2'
GOL non-polymer GLYCEROL 'C3 H8 O3'
MAN D-saccharide, alpha linking alpha-D-mannopyranose 'C6 H12 O6'
NAG D-saccharide, beta linking 2-acetamido-2-deoxy-beta-D-glucopyranose 'C8 H15 N O6'
PEG non-polymer DI(HYDROXYETHYL)ETHER 'C4 H10 O3'
PO4 non-polymer 'PHOSPHATE ION' 'O4 P -3'
#
# COMPACT_ATOMS: atom_id res chain seq x y z
N ARG A 1 -11.23 -15.38 -20.71
CA ARG A 1 -11.81 -13.97 -20.63
C ARG A 1 -12.68 -13.67 -21.85
N THR A 2 -13.96 -13.35 -21.60
N THR A 2 -13.87 -13.15 -21.58
CA THR A 2 -14.90 -13.04 -22.64
CA THR A 2 -14.88 -13.02 -22.56
C THR A 2 -15.79 -11.88 -22.20
C THR A 2 -15.82 -11.87 -22.17
N PHE A 3 -16.49 -11.30 -23.17
CA PHE A 3 -17.53 -10.37 -22.90
C PHE A 3 -18.62 -11.08 -22.08
N LEU A 4 -19.04 -10.41 -21.01
CA LEU A 4 -20.19 -10.83 -20.24
C LEU A 4 -21.44 -10.79 -21.12
N ASN A 5 -22.33 -11.81 -20.99
CA ASN A 5 -23.68 -11.64 -21.45
C ASN A 5 -24.67 -11.90 -20.30
N LEU A 6 -25.90 -11.44 -20.50
CA LEU A 6 -26.88 -11.31 -19.44
C LEU A 6 -27.96 -12.42 -19.56
N THR A 7 -27.58 -13.56 -20.12
N THR A 7 -27.63 -13.58 -20.11
CA THR A 7 -28.53 -14.67 -20.38
CA THR A 7 -28.68 -14.60 -20.41
C THR A 7 -28.60 -15.65 -19.20
C THR A 7 -29.32 -15.21 -19.14
N LYS A 8 -28.67 -15.09 -17.99
CA LYS A 8 -29.09 -15.83 -16.79
C LYS A 8 -30.29 -15.13 -16.16
N PRO A 9 -31.18 -15.89 -15.47
CA PRO A 9 -32.29 -15.29 -14.72
C PRO A 9 -31.77 -14.77 -13.37
N LEU A 10 -32.56 -13.93 -12.68
CA LEU A 10 -32.29 -13.50 -11.35
C LEU A 10 -32.51 -14.67 -10.40
N CYS A 11 -31.66 -14.77 -9.38
CA CYS A 11 -31.86 -15.75 -8.35
C CYS A 11 -33.10 -15.38 -7.55
N GLU A 12 -33.73 -16.41 -7.00
CA GLU A 12 -34.76 -16.29 -6.01
C GLU A 12 -34.18 -15.59 -4.78
N VAL A 13 -34.90 -14.61 -4.23
CA VAL A 13 -34.47 -13.90 -3.01
C VAL A 13 -35.61 -13.90 -2.00
N ASN A 14 -35.32 -14.43 -0.79
CA ASN A 14 -36.24 -14.46 0.34
C ASN A 14 -35.74 -13.58 1.50
N SER A 15 -34.43 -13.29 1.57
CA SER A 15 -33.89 -12.35 2.56
C SER A 15 -32.56 -11.84 2.02
N TRP A 16 -31.87 -11.00 2.81
CA TRP A 16 -30.66 -10.34 2.34
C TRP A 16 -29.53 -10.61 3.33
N HIS A 17 -28.38 -11.06 2.83
CA HIS A 17 -27.21 -11.33 3.67
C HIS A 17 -26.22 -10.17 3.54
N ILE A 18 -25.44 -9.98 4.60
CA ILE A 18 -24.41 -8.92 4.59
C ILE A 18 -23.26 -9.31 3.66
N LEU A 19 -22.89 -8.37 2.77
CA LEU A 19 -21.80 -8.54 1.84
C LEU A 19 -20.59 -7.74 2.34
N SER A 20 -20.79 -6.43 2.57
CA SER A 20 -19.65 -5.61 2.95
C SER A 20 -20.14 -4.40 3.74
N LYS A 21 -19.22 -3.83 4.54
CA LYS A 21 -19.47 -2.61 5.27
C LYS A 21 -18.13 -1.96 5.55
N ASP A 22 -17.96 -0.67 5.22
CA ASP A 22 -16.59 -0.06 5.32
C ASP A 22 -16.38 0.74 6.61
N ASN A 23 -17.43 1.09 7.36
CA ASN A 23 -17.26 1.82 8.64
C ASN A 23 -16.38 3.07 8.45
N ALA A 24 -16.52 3.75 7.31
CA ALA A 24 -15.58 4.78 6.91
C ALA A 24 -15.56 5.97 7.89
N ILE A 25 -16.72 6.40 8.42
CA ILE A 25 -16.76 7.57 9.22
C ILE A 25 -16.19 7.23 10.60
N ARG A 26 -16.49 6.03 11.16
CA ARG A 26 -15.89 5.63 12.41
C ARG A 26 -14.35 5.65 12.30
N ILE A 27 -13.86 5.02 11.24
CA ILE A 27 -12.38 4.89 11.03
C ILE A 27 -11.78 6.28 10.75
N GLY A 28 -12.46 7.07 9.95
CA GLY A 28 -12.01 8.36 9.52
C GLY A 28 -12.01 9.44 10.59
N GLU A 29 -12.62 9.16 11.77
CA GLU A 29 -12.49 10.07 12.90
C GLU A 29 -11.03 10.26 13.28
N ASP A 30 -10.19 9.26 12.97
N ASP A 30 -10.19 9.24 13.03
CA ASP A 30 -8.79 9.30 13.42
CA ASP A 30 -8.73 9.26 13.44
C ASP A 30 -7.88 8.42 12.56
C ASP A 30 -7.79 9.04 12.25
N ALA A 31 -8.19 8.26 11.27
CA ALA A 31 -7.28 7.79 10.23
C ALA A 31 -7.56 8.69 9.02
N HIS A 32 -6.71 8.62 8.02
CA HIS A 32 -6.78 9.51 6.86
C HIS A 32 -7.75 8.94 5.84
N ILE A 33 -9.03 9.28 5.98
CA ILE A 33 -10.10 8.73 5.12
C ILE A 33 -10.66 9.90 4.30
N LEU A 34 -10.78 9.72 3.00
CA LEU A 34 -11.31 10.75 2.11
C LEU A 34 -12.78 11.01 2.40
N VAL A 35 -13.17 12.28 2.30
CA VAL A 35 -14.55 12.63 2.28
C VAL A 35 -15.12 12.17 0.93
N THR A 36 -16.29 11.51 0.96
CA THR A 36 -16.93 11.06 -0.21
C THR A 36 -18.43 11.42 -0.17
N ARG A 37 -19.10 11.01 -1.26
CA ARG A 37 -20.57 10.79 -1.30
C ARG A 37 -20.84 10.11 -2.63
N GLU A 38 -22.07 9.68 -2.87
CA GLU A 38 -22.49 9.01 -4.08
C GLU A 38 -21.68 7.74 -4.32
N PRO A 39 -21.64 6.84 -3.33
CA PRO A 39 -20.90 5.59 -3.47
C PRO A 39 -21.68 4.56 -4.28
N TYR A 40 -20.99 3.47 -4.62
CA TYR A 40 -21.63 2.31 -5.19
C TYR A 40 -20.63 1.15 -5.16
N LEU A 41 -21.05 -0.02 -5.66
CA LEU A 41 -20.14 -1.10 -5.87
C LEU A 41 -20.28 -1.57 -7.30
N SER A 42 -19.23 -2.21 -7.80
CA SER A 42 -19.24 -2.80 -9.12
C SER A 42 -18.23 -3.95 -9.13
N CYS A 43 -18.58 -5.02 -9.82
CA CYS A 43 -17.80 -6.22 -9.79
C CYS A 43 -17.14 -6.45 -11.15
N ASP A 44 -16.29 -7.46 -11.21
CA ASP A 44 -15.56 -7.87 -12.39
C ASP A 44 -15.16 -9.32 -12.21
N PRO A 45 -14.49 -9.96 -13.20
CA PRO A 45 -14.16 -11.38 -13.04
C PRO A 45 -13.43 -11.75 -11.73
N GLN A 46 -12.68 -10.79 -11.15
CA GLN A 46 -11.82 -11.08 -10.03
C GLN A 46 -12.57 -10.89 -8.70
N GLY A 47 -13.58 -10.03 -8.68
CA GLY A 47 -14.21 -9.72 -7.40
C GLY A 47 -15.05 -8.48 -7.49
N CYS A 48 -15.27 -7.79 -6.35
N CYS A 48 -15.17 -7.75 -6.38
N CYS A 48 -15.14 -7.75 -6.37
CA CYS A 48 -16.08 -6.56 -6.34
CA CYS A 48 -15.97 -6.55 -6.37
CA CYS A 48 -15.99 -6.59 -6.23
C CYS A 48 -15.27 -5.43 -5.66
C CYS A 48 -15.23 -5.42 -5.67
C CYS A 48 -15.17 -5.42 -5.68
N ARG A 49 -15.52 -4.19 -6.09
CA ARG A 49 -14.85 -2.97 -5.58
C ARG A 49 -15.91 -1.97 -5.18
N MET A 50 -15.53 -1.11 -4.22
CA MET A 50 -16.30 0.04 -3.83
C MET A 50 -15.85 1.23 -4.64
N PHE A 51 -16.80 2.12 -4.94
CA PHE A 51 -16.62 3.32 -5.77
C PHE A 51 -17.30 4.46 -5.04
N ALA A 52 -16.82 5.69 -5.26
CA ALA A 52 -17.52 6.88 -4.74
C ALA A 52 -16.90 8.11 -5.36
N LEU A 53 -17.55 9.26 -5.18
CA LEU A 53 -16.98 10.52 -5.58
C LEU A 53 -16.27 11.16 -4.38
N SER A 54 -14.93 11.16 -4.45
CA SER A 54 -14.15 11.87 -3.47
C SER A 54 -14.45 13.38 -3.52
N GLN A 55 -14.21 14.08 -2.40
CA GLN A 55 -14.23 15.55 -2.34
C GLN A 55 -12.81 16.13 -2.31
N GLY A 56 -11.77 15.27 -2.45
CA GLY A 56 -10.39 15.79 -2.55
C GLY A 56 -9.90 16.42 -1.26
N THR A 57 -10.27 15.81 -0.15
CA THR A 57 -9.88 16.17 1.20
C THR A 57 -10.14 14.96 2.09
N THR A 58 -9.43 14.88 3.21
CA THR A 58 -9.78 13.94 4.27
C THR A 58 -10.88 14.50 5.18
N LEU A 59 -11.52 13.59 5.90
CA LEU A 59 -12.67 13.86 6.74
C LEU A 59 -12.28 14.79 7.90
N ARG A 60 -11.13 14.54 8.53
CA ARG A 60 -10.68 15.37 9.64
C ARG A 60 -9.94 16.62 9.16
N GLY A 61 -9.60 16.71 7.87
CA GLY A 61 -8.91 17.84 7.30
C GLY A 61 -9.77 19.10 7.36
N ARG A 62 -9.11 20.26 7.35
CA ARG A 62 -9.84 21.54 7.34
C ARG A 62 -10.63 21.71 6.05
N HIS A 63 -10.20 21.07 4.95
CA HIS A 63 -10.92 21.22 3.71
C HIS A 63 -12.21 20.39 3.68
N ALA A 64 -12.51 19.65 4.74
CA ALA A 64 -13.80 18.96 4.82
C ALA A 64 -14.93 19.98 5.02
N ASN A 65 -14.57 21.16 5.53
CA ASN A 65 -15.52 22.27 5.64
C ASN A 65 -16.06 22.62 4.25
N GLY A 66 -17.40 22.55 4.10
CA GLY A 66 -18.03 22.90 2.89
C GLY A 66 -18.29 21.76 1.91
N THR A 67 -18.10 20.50 2.34
CA THR A 67 -18.32 19.38 1.51
C THR A 67 -19.80 19.01 1.30
N ILE A 68 -20.74 19.80 1.84
CA ILE A 68 -22.12 19.65 1.42
CA ILE A 68 -22.14 19.75 1.43
C ILE A 68 -22.22 19.94 -0.08
N HIS A 69 -21.36 20.80 -0.62
CA HIS A 69 -21.46 21.20 -2.01
C HIS A 69 -21.18 20.00 -2.91
N ASP A 70 -21.98 19.84 -3.97
CA ASP A 70 -21.97 18.68 -4.83
C ASP A 70 -20.87 18.72 -5.92
N ARG A 71 -20.52 19.91 -6.44
CA ARG A 71 -19.70 19.98 -7.65
C ARG A 71 -18.52 20.93 -7.44
N SER A 72 -17.32 20.44 -7.70
CA SER A 72 -16.11 21.25 -7.57
C SER A 72 -15.08 20.63 -8.48
N PRO A 73 -13.99 21.37 -8.79
CA PRO A 73 -12.87 20.80 -9.55
C PRO A 73 -12.00 19.83 -8.73
N PHE A 74 -12.41 19.55 -7.48
CA PHE A 74 -11.57 18.74 -6.53
C PHE A 74 -12.15 17.34 -6.32
N ARG A 75 -13.24 17.05 -7.04
CA ARG A 75 -13.91 15.75 -6.97
C ARG A 75 -13.40 14.80 -8.07
N ALA A 76 -13.46 13.51 -7.73
CA ALA A 76 -13.01 12.42 -8.66
C ALA A 76 -13.71 11.13 -8.25
N LEU A 77 -13.97 10.30 -9.24
CA LEU A 77 -14.42 8.91 -8.99
C LEU A 77 -13.20 8.08 -8.58
N ILE A 78 -13.30 7.50 -7.38
CA ILE A 78 -12.26 6.64 -6.80
C ILE A 78 -12.86 5.25 -6.59
N SER A 79 -12.00 4.24 -6.64
CA SER A 79 -12.41 2.90 -6.39
C SER A 79 -11.40 2.28 -5.44
N TRP A 80 -11.83 1.25 -4.71
CA TRP A 80 -10.95 0.60 -3.75
C TRP A 80 -11.48 -0.79 -3.43
N GLU A 81 -10.61 -1.62 -2.82
CA GLU A 81 -10.97 -2.99 -2.51
C GLU A 81 -12.18 -2.99 -1.56
N MET A 82 -13.16 -3.84 -1.88
CA MET A 82 -14.41 -3.88 -1.16
C MET A 82 -14.15 -4.16 0.34
N GLY A 83 -14.72 -3.30 1.20
CA GLY A 83 -14.70 -3.47 2.64
C GLY A 83 -13.70 -2.57 3.31
N GLN A 84 -12.64 -2.19 2.59
CA GLN A 84 -11.72 -1.21 3.13
CA GLN A 84 -11.71 -1.20 3.12
C GLN A 84 -12.46 0.14 3.15
N ALA A 85 -11.97 1.07 3.97
CA ALA A 85 -12.40 2.49 3.92
C ALA A 85 -11.51 3.23 2.92
N PRO A 86 -12.05 4.29 2.27
CA PRO A 86 -11.31 5.00 1.22
C PRO A 86 -10.31 6.01 1.79
N SER A 87 -9.03 5.73 1.64
CA SER A 87 -7.94 6.58 2.10
C SER A 87 -7.21 7.12 0.86
N PRO A 88 -6.34 8.12 1.04
CA PRO A 88 -5.47 8.55 -0.05
C PRO A 88 -4.47 7.45 -0.48
N TYR A 89 -4.35 6.38 0.31
CA TYR A 89 -3.29 5.41 0.14
C TYR A 89 -3.78 4.14 -0.57
N ASN A 90 -5.10 3.92 -0.67
CA ASN A 90 -5.62 2.63 -1.13
C ASN A 90 -6.63 2.82 -2.25
N THR A 91 -6.75 4.03 -2.80
CA THR A 91 -7.79 4.35 -3.75
C THR A 91 -7.21 4.61 -5.14
N ARG A 92 -7.92 4.11 -6.15
CA ARG A 92 -7.56 4.36 -7.51
C ARG A 92 -8.47 5.47 -8.07
N VAL A 93 -7.89 6.45 -8.75
CA VAL A 93 -8.66 7.48 -9.40
C VAL A 93 -9.08 6.94 -10.77
N GLU A 94 -10.39 6.75 -10.94
CA GLU A 94 -10.95 6.23 -12.14
C GLU A 94 -11.10 7.32 -13.21
N CYS A 95 -11.52 8.51 -12.78
CA CYS A 95 -11.72 9.66 -13.68
C CYS A 95 -11.97 10.88 -12.80
N ILE A 96 -11.97 12.07 -13.39
CA ILE A 96 -12.11 13.32 -12.65
CA ILE A 96 -12.09 13.34 -12.67
C ILE A 96 -13.50 13.91 -12.90
N GLY A 97 -14.17 14.28 -11.81
CA GLY A 97 -15.48 14.94 -11.91
C GLY A 97 -16.41 14.60 -10.78
N TRP A 98 -17.68 14.97 -10.98
CA TRP A 98 -18.65 15.09 -9.89
C TRP A 98 -19.97 14.37 -10.16
N SER A 99 -19.97 13.53 -11.18
CA SER A 99 -21.04 12.56 -11.46
CA SER A 99 -21.03 12.56 -11.46
C SER A 99 -20.43 11.40 -12.26
N SER A 100 -20.80 10.17 -11.92
CA SER A 100 -20.14 9.01 -12.50
C SER A 100 -21.01 7.79 -12.71
N THR A 101 -20.45 6.87 -13.49
CA THR A 101 -20.85 5.49 -13.55
C THR A 101 -19.61 4.66 -13.90
N SER A 102 -19.74 3.34 -13.75
CA SER A 102 -18.67 2.43 -14.09
C SER A 102 -19.28 1.04 -14.26
N CYS A 103 -18.69 0.26 -15.16
CA CYS A 103 -19.04 -1.16 -15.28
C CYS A 103 -17.96 -1.90 -16.04
N HIS A 104 -17.90 -3.21 -15.81
CA HIS A 104 -16.93 -4.11 -16.40
C HIS A 104 -17.67 -4.93 -17.46
N ASP A 105 -17.09 -5.01 -18.67
CA ASP A 105 -17.79 -5.76 -19.76
C ASP A 105 -17.35 -7.22 -19.86
N GLY A 106 -16.56 -7.69 -18.90
CA GLY A 106 -15.94 -9.00 -18.93
C GLY A 106 -14.49 -8.93 -19.34
N MET A 107 -14.14 -7.96 -20.21
CA MET A 107 -12.76 -7.78 -20.65
C MET A 107 -12.06 -6.64 -19.87
N SER A 108 -12.66 -5.46 -19.87
CA SER A 108 -12.12 -4.27 -19.16
C SER A 108 -13.23 -3.44 -18.54
N ARG A 109 -12.82 -2.51 -17.67
CA ARG A 109 -13.73 -1.59 -17.01
C ARG A 109 -13.87 -0.30 -17.83
N MET A 110 -15.12 0.08 -18.02
CA MET A 110 -15.51 1.42 -18.45
C MET A 110 -15.88 2.29 -17.23
N SER A 111 -15.28 3.47 -17.15
CA SER A 111 -15.62 4.44 -16.14
C SER A 111 -15.90 5.79 -16.81
N ILE A 112 -16.96 6.46 -16.37
CA ILE A 112 -17.38 7.75 -16.92
C ILE A 112 -17.55 8.75 -15.79
N CYS A 113 -16.98 9.95 -16.00
CA CYS A 113 -17.09 11.07 -15.07
CA CYS A 113 -17.15 11.06 -15.07
C CYS A 113 -17.46 12.33 -15.85
N MET A 114 -18.41 13.10 -15.31
CA MET A 114 -18.70 14.45 -15.81
C MET A 114 -18.01 15.50 -14.93
N SER A 115 -17.47 16.53 -15.57
CA SER A 115 -16.86 17.64 -14.89
CA SER A 115 -16.92 17.65 -14.85
C SER A 115 -17.19 18.92 -15.64
N GLY A 116 -16.80 20.05 -15.02
CA GLY A 116 -16.93 21.34 -15.63
C GLY A 116 -17.98 22.16 -14.93
N PRO A 117 -18.25 23.37 -15.45
CA PRO A 117 -19.22 24.29 -14.89
C PRO A 117 -20.63 23.83 -15.27
N ASN A 118 -21.64 24.33 -14.56
CA ASN A 118 -23.01 23.86 -14.77
C ASN A 118 -23.43 24.03 -16.24
N ASN A 119 -22.99 25.12 -16.88
CA ASN A 119 -23.48 25.41 -18.21
C ASN A 119 -22.62 24.84 -19.32
N ASN A 120 -21.62 24.00 -19.01
CA ASN A 120 -20.64 23.61 -20.00
C ASN A 120 -19.88 22.36 -19.55
N ALA A 121 -20.61 21.43 -18.93
CA ALA A 121 -20.00 20.17 -18.46
C ALA A 121 -19.70 19.25 -19.64
N SER A 122 -18.90 18.23 -19.36
N SER A 122 -18.87 18.23 -19.35
CA SER A 122 -18.54 17.27 -20.33
CA SER A 122 -18.31 17.31 -20.29
C SER A 122 -18.20 15.96 -19.62
C SER A 122 -18.15 15.94 -19.61
N ALA A 123 -18.53 14.86 -20.28
CA ALA A 123 -18.18 13.51 -19.82
C ALA A 123 -16.89 13.08 -20.52
N VAL A 124 -16.04 12.36 -19.77
CA VAL A 124 -14.90 11.64 -20.32
C VAL A 124 -15.14 10.17 -19.99
N VAL A 125 -15.10 9.34 -21.03
CA VAL A 125 -15.36 7.94 -21.02
C VAL A 125 -14.03 7.20 -21.10
N TRP A 126 -13.70 6.44 -20.04
CA TRP A 126 -12.48 5.69 -19.92
C TRP A 126 -12.76 4.21 -20.15
N TYR A 127 -11.77 3.49 -20.70
CA TYR A 127 -11.88 2.06 -20.90
C TYR A 127 -10.51 1.44 -20.70
N GLY A 128 -10.43 0.45 -19.82
CA GLY A 128 -9.18 -0.19 -19.47
C GLY A 128 -8.16 0.81 -18.92
N GLY A 129 -8.64 1.86 -18.26
CA GLY A 129 -7.79 2.86 -17.61
C GLY A 129 -7.26 3.95 -18.52
N ARG A 130 -7.80 4.06 -19.74
CA ARG A 130 -7.37 5.08 -20.68
C ARG A 130 -8.60 5.87 -21.13
N PRO A 131 -8.47 7.18 -21.39
CA PRO A 131 -9.57 7.98 -21.92
C PRO A 131 -9.82 7.62 -23.40
N ILE A 132 -11.10 7.34 -23.74
N ILE A 132 -11.09 7.42 -23.78
CA ILE A 132 -11.49 6.92 -25.09
CA ILE A 132 -11.39 6.99 -25.15
C ILE A 132 -12.28 8.03 -25.80
C ILE A 132 -12.39 7.90 -25.88
N THR A 133 -13.32 8.56 -25.16
CA THR A 133 -14.34 9.39 -25.78
C THR A 133 -14.66 10.55 -24.83
N GLU A 134 -15.05 11.68 -25.42
CA GLU A 134 -15.53 12.83 -24.62
C GLU A 134 -16.92 13.20 -25.15
N ILE A 135 -17.77 13.73 -24.26
CA ILE A 135 -19.14 14.06 -24.64
C ILE A 135 -19.48 15.40 -24.03
N PRO A 136 -19.69 16.44 -24.86
CA PRO A 136 -20.11 17.73 -24.34
C PRO A 136 -21.58 17.74 -23.93
N SER A 137 -21.89 18.60 -22.97
CA SER A 137 -23.23 18.95 -22.55
C SER A 137 -24.07 19.24 -23.80
N TRP A 138 -25.29 18.69 -23.86
CA TRP A 138 -26.20 18.95 -24.95
CA TRP A 138 -26.20 18.95 -24.95
C TRP A 138 -27.29 19.96 -24.53
N ALA A 139 -27.47 20.20 -23.24
CA ALA A 139 -28.55 21.07 -22.77
C ALA A 139 -28.03 22.18 -21.87
N GLY A 140 -26.72 22.26 -21.65
CA GLY A 140 -26.16 23.35 -20.85
C GLY A 140 -26.63 23.42 -19.41
N ASN A 141 -26.90 22.26 -18.76
CA ASN A 141 -27.39 22.33 -17.39
C ASN A 141 -27.09 21.03 -16.63
N ILE A 142 -25.83 20.94 -16.19
CA ILE A 142 -25.33 19.84 -15.36
C ILE A 142 -25.54 18.47 -16.02
N LEU A 143 -24.88 18.24 -17.15
CA LEU A 143 -24.77 16.91 -17.71
C LEU A 143 -24.32 15.95 -16.60
N ARG A 144 -25.04 14.81 -16.44
CA ARG A 144 -24.91 13.98 -15.22
C ARG A 144 -25.42 12.58 -15.51
N THR A 145 -25.12 11.65 -14.59
CA THR A 145 -25.40 10.23 -14.85
C THR A 145 -25.74 9.49 -13.54
N GLN A 146 -25.51 8.19 -13.56
CA GLN A 146 -26.25 7.24 -12.71
C GLN A 146 -25.90 7.30 -11.23
N GLU A 147 -24.61 7.49 -10.96
CA GLU A 147 -24.03 7.37 -9.65
C GLU A 147 -24.13 5.94 -9.09
N SER A 148 -24.35 4.96 -9.95
CA SER A 148 -24.13 3.53 -9.63
C SER A 148 -23.77 2.80 -10.93
N GLU A 149 -23.52 1.50 -10.83
CA GLU A 149 -22.87 0.82 -11.96
C GLU A 149 -23.81 0.74 -13.17
N CYS A 150 -23.19 0.80 -14.34
CA CYS A 150 -23.83 0.43 -15.60
C CYS A 150 -23.78 -1.10 -15.74
N VAL A 151 -24.31 -1.63 -16.84
CA VAL A 151 -24.42 -3.02 -17.11
C VAL A 151 -24.07 -3.26 -18.57
N CYS A 152 -23.33 -4.35 -18.85
CA CYS A 152 -22.84 -4.70 -20.17
C CYS A 152 -23.36 -6.06 -20.66
N HIS A 153 -23.66 -6.12 -21.96
CA HIS A 153 -24.03 -7.37 -22.63
C HIS A 153 -23.33 -7.47 -23.99
N LYS A 154 -22.59 -8.55 -24.19
CA LYS A 154 -21.85 -8.85 -25.43
CA LYS A 154 -21.86 -8.85 -25.43
C LYS A 154 -21.08 -7.61 -25.90
N GLY A 155 -20.46 -6.91 -24.93
CA GLY A 155 -19.62 -5.74 -25.30
C GLY A 155 -20.32 -4.42 -25.20
N VAL A 156 -21.66 -4.40 -25.17
CA VAL A 156 -22.43 -3.18 -25.22
C VAL A 156 -22.90 -2.81 -23.83
N CYS A 157 -22.52 -1.61 -23.40
CA CYS A 157 -22.79 -1.13 -22.06
C CYS A 157 -23.63 0.14 -22.21
N PRO A 158 -24.96 0.09 -22.01
CA PRO A 158 -25.79 1.29 -22.01
C PRO A 158 -25.61 2.10 -20.74
N VAL A 159 -25.73 3.42 -20.90
CA VAL A 159 -25.61 4.34 -19.86
C VAL A 159 -26.71 5.38 -20.01
N VAL A 160 -27.40 5.68 -18.91
CA VAL A 160 -28.43 6.72 -18.92
C VAL A 160 -27.83 8.01 -18.39
N MET A 161 -27.97 9.11 -19.16
CA MET A 161 -27.48 10.42 -18.78
C MET A 161 -28.61 11.45 -18.90
N THR A 162 -28.57 12.45 -18.08
CA THR A 162 -29.52 13.58 -18.11
C THR A 162 -28.76 14.90 -18.18
N ASP A 163 -29.33 15.87 -18.91
CA ASP A 163 -28.81 17.21 -18.99
C ASP A 163 -30.03 18.13 -19.05
N GLY A 164 -30.11 19.12 -18.15
CA GLY A 164 -31.31 19.89 -18.02
C GLY A 164 -31.72 20.13 -16.58
N PRO A 165 -32.88 20.79 -16.38
CA PRO A 165 -33.37 21.11 -15.07
C PRO A 165 -33.55 19.86 -14.19
N ALA A 166 -33.34 20.06 -12.90
CA ALA A 166 -33.67 19.07 -11.88
C ALA A 166 -35.14 19.15 -11.47
N ASN A 167 -35.83 20.25 -11.86
CA ASN A 167 -37.15 20.58 -11.32
C ASN A 167 -38.14 20.87 -12.46
N ASN A 168 -37.90 20.30 -13.64
CA ASN A 168 -38.72 20.52 -14.81
C ASN A 168 -38.23 19.50 -15.83
N ARG A 169 -38.87 19.42 -16.99
CA ARG A 169 -38.51 18.52 -18.04
C ARG A 169 -37.05 18.73 -18.40
N ALA A 170 -36.33 17.60 -18.60
CA ALA A 170 -34.91 17.60 -18.94
C ALA A 170 -34.67 16.76 -20.19
N ALA A 171 -33.42 16.72 -20.67
CA ALA A 171 -33.06 15.94 -21.86
C ALA A 171 -32.21 14.72 -21.45
N THR A 172 -32.88 13.58 -21.37
CA THR A 172 -32.26 12.31 -21.02
C THR A 172 -31.95 11.57 -22.29
N LYS A 173 -30.77 10.92 -22.30
CA LYS A 173 -30.33 10.11 -23.38
CA LYS A 173 -30.32 10.11 -23.37
C LYS A 173 -29.79 8.80 -22.83
N ILE A 174 -29.95 7.75 -23.62
N ILE A 174 -29.97 7.77 -23.63
CA ILE A 174 -29.30 6.46 -23.39
CA ILE A 174 -29.32 6.51 -23.47
C ILE A 174 -28.20 6.29 -24.44
C ILE A 174 -28.17 6.46 -24.46
N ILE A 175 -26.96 6.23 -23.95
CA ILE A 175 -25.79 6.09 -24.81
C ILE A 175 -25.27 4.69 -24.67
N TYR A 176 -25.02 4.07 -25.81
CA TYR A 176 -24.62 2.70 -25.85
C TYR A 176 -23.13 2.64 -26.20
N PHE A 177 -22.31 2.13 -25.28
CA PHE A 177 -20.86 2.10 -25.50
C PHE A 177 -20.35 0.68 -25.79
N LYS A 178 -19.26 0.58 -26.56
CA LYS A 178 -18.51 -0.64 -26.70
C LYS A 178 -17.04 -0.25 -26.72
N GLU A 179 -16.28 -0.78 -25.75
CA GLU A 179 -14.85 -0.42 -25.55
C GLU A 179 -14.67 1.09 -25.46
N GLY A 180 -15.65 1.71 -24.81
CA GLY A 180 -15.68 3.13 -24.55
C GLY A 180 -16.02 4.01 -25.76
N LYS A 181 -16.37 3.38 -26.90
N LYS A 181 -16.33 3.39 -26.92
CA LYS A 181 -16.74 4.11 -28.10
CA LYS A 181 -16.69 4.07 -28.18
C LYS A 181 -18.27 4.14 -28.19
C LYS A 181 -18.22 4.08 -28.34
N ILE A 182 -18.79 5.26 -28.64
CA ILE A 182 -20.25 5.42 -28.80
C ILE A 182 -20.73 4.58 -30.00
N GLN A 183 -21.70 3.69 -29.73
CA GLN A 183 -22.34 2.82 -30.76
C GLN A 183 -23.66 3.43 -31.24
N LYS A 184 -24.33 4.18 -30.34
CA LYS A 184 -25.62 4.73 -30.61
C LYS A 184 -25.99 5.66 -29.47
N ILE A 185 -26.75 6.70 -29.81
CA ILE A 185 -27.33 7.62 -28.87
C ILE A 185 -28.83 7.66 -29.11
N GLU A 186 -29.64 7.52 -28.06
CA GLU A 186 -31.12 7.68 -28.16
C GLU A 186 -31.60 8.71 -27.15
N GLU A 187 -32.60 9.48 -27.53
CA GLU A 187 -33.34 10.27 -26.58
C GLU A 187 -34.29 9.34 -25.82
N LEU A 188 -34.54 9.69 -24.56
CA LEU A 188 -35.50 8.98 -23.70
C LEU A 188 -36.84 8.94 -24.43
N ALA A 189 -37.43 7.74 -24.42
CA ALA A 189 -38.76 7.48 -24.94
C ALA A 189 -39.65 6.97 -23.81
N GLY A 190 -40.97 6.96 -24.05
CA GLY A 190 -41.94 6.37 -23.15
C GLY A 190 -42.56 7.34 -22.16
N ASN A 191 -43.11 6.80 -21.05
CA ASN A 191 -43.97 7.54 -20.17
C ASN A 191 -43.28 8.06 -18.90
N ALA A 192 -42.00 7.71 -18.64
CA ALA A 192 -41.30 8.39 -17.58
C ALA A 192 -41.12 9.85 -17.96
N GLN A 193 -41.40 10.74 -17.01
CA GLN A 193 -41.45 12.18 -17.27
C GLN A 193 -40.15 12.91 -16.90
N HIS A 194 -39.33 12.28 -16.04
CA HIS A 194 -38.11 12.86 -15.60
C HIS A 194 -37.23 11.75 -15.07
N ILE A 195 -35.91 11.81 -15.38
CA ILE A 195 -35.01 10.72 -15.05
C ILE A 195 -33.75 11.27 -14.40
N GLU A 196 -33.45 10.79 -13.20
CA GLU A 196 -32.17 11.03 -12.52
C GLU A 196 -31.62 9.70 -12.01
N GLU A 197 -30.29 9.58 -11.99
CA GLU A 197 -29.59 8.68 -11.09
C GLU A 197 -30.09 7.23 -11.19
N CYS A 198 -30.08 6.66 -12.39
CA CYS A 198 -30.64 5.33 -12.59
C CYS A 198 -29.78 4.27 -11.91
N SER A 199 -30.49 3.31 -11.27
CA SER A 199 -29.91 2.08 -10.72
C SER A 199 -30.25 0.89 -11.62
N CYS A 200 -29.24 0.24 -12.23
CA CYS A 200 -29.49 -0.67 -13.34
C CYS A 200 -28.97 -2.07 -12.99
N TYR A 201 -29.64 -3.12 -13.49
CA TYR A 201 -29.14 -4.48 -13.42
C TYR A 201 -29.67 -5.25 -14.62
N GLY A 202 -28.97 -6.32 -14.98
CA GLY A 202 -29.36 -7.17 -16.08
C GLY A 202 -29.75 -8.59 -15.64
N ALA A 203 -30.62 -9.20 -16.46
CA ALA A 203 -31.14 -10.54 -16.27
C ALA A 203 -31.98 -10.87 -17.51
N GLY A 204 -31.84 -12.09 -17.99
CA GLY A 204 -32.71 -12.58 -19.06
C GLY A 204 -32.51 -11.76 -20.33
N GLY A 205 -31.29 -11.26 -20.53
CA GLY A 205 -30.90 -10.47 -21.71
C GLY A 205 -31.42 -9.04 -21.73
N VAL A 206 -32.04 -8.57 -20.63
CA VAL A 206 -32.67 -7.26 -20.50
C VAL A 206 -31.99 -6.47 -19.36
N ILE A 207 -31.84 -5.16 -19.55
CA ILE A 207 -31.37 -4.28 -18.48
C ILE A 207 -32.56 -3.46 -17.99
N LYS A 208 -32.81 -3.45 -16.68
CA LYS A 208 -33.79 -2.61 -16.08
C LYS A 208 -33.11 -1.54 -15.20
N CYS A 209 -33.46 -0.28 -15.43
CA CYS A 209 -32.97 0.85 -14.68
C CYS A 209 -34.14 1.42 -13.90
N ILE A 210 -34.02 1.45 -12.56
CA ILE A 210 -35.00 2.08 -11.68
C ILE A 210 -34.41 3.41 -11.23
N CYS A 211 -35.13 4.49 -11.49
CA CYS A 211 -34.52 5.83 -11.48
C CYS A 211 -35.27 6.72 -10.48
N ARG A 212 -34.97 8.01 -10.52
CA ARG A 212 -35.50 9.01 -9.65
C ARG A 212 -36.19 10.04 -10.54
N ASP A 213 -37.49 10.27 -10.34
CA ASP A 213 -38.16 11.40 -10.99
C ASP A 213 -38.10 12.55 -9.98
N ASN A 214 -37.28 13.58 -10.29
CA ASN A 214 -37.09 14.66 -9.36
C ASN A 214 -38.09 15.81 -9.58
N TRP A 215 -38.91 15.67 -10.59
CA TRP A 215 -39.86 16.72 -10.99
C TRP A 215 -41.22 16.53 -10.32
N LYS A 216 -41.83 15.35 -10.50
CA LYS A 216 -43.22 15.14 -10.07
C LYS A 216 -43.39 13.90 -9.17
N GLY A 217 -42.78 12.78 -9.56
CA GLY A 217 -43.20 11.43 -9.12
C GLY A 217 -42.54 11.01 -7.82
N ALA A 218 -43.35 10.48 -6.89
CA ALA A 218 -42.89 9.77 -5.70
C ALA A 218 -42.77 8.27 -5.99
N ASN A 219 -43.39 7.84 -7.08
CA ASN A 219 -43.15 6.55 -7.70
C ASN A 219 -41.90 6.67 -8.58
N ARG A 220 -41.15 5.59 -8.68
CA ARG A 220 -39.91 5.63 -9.45
C ARG A 220 -40.10 5.25 -10.91
N PRO A 221 -39.52 5.99 -11.86
CA PRO A 221 -39.49 5.54 -13.25
C PRO A 221 -38.70 4.23 -13.43
N VAL A 222 -39.07 3.48 -14.46
CA VAL A 222 -38.40 2.27 -14.84
C VAL A 222 -38.13 2.32 -16.34
N ILE A 223 -36.85 2.21 -16.73
CA ILE A 223 -36.40 2.16 -18.09
C ILE A 223 -35.97 0.73 -18.38
N THR A 224 -36.53 0.12 -19.42
CA THR A 224 -36.19 -1.22 -19.81
C THR A 224 -35.38 -1.13 -21.11
N ILE A 225 -34.15 -1.66 -21.10
CA ILE A 225 -33.21 -1.50 -22.23
C ILE A 225 -32.90 -2.88 -22.78
N ASP A 226 -33.01 -3.01 -24.11
CA ASP A 226 -32.50 -4.15 -24.79
C ASP A 226 -31.13 -3.81 -25.37
N PRO A 227 -30.03 -4.36 -24.81
CA PRO A 227 -28.68 -4.01 -25.23
C PRO A 227 -28.24 -4.65 -26.54
N GLU A 228 -29.05 -5.58 -27.08
CA GLU A 228 -28.76 -6.20 -28.38
C GLU A 228 -29.35 -5.33 -29.49
N MET A 229 -30.63 -5.00 -29.39
N MET A 229 -30.64 -4.97 -29.37
CA MET A 229 -31.28 -4.11 -30.36
CA MET A 229 -31.32 -4.13 -30.35
C MET A 229 -30.86 -2.65 -30.18
C MET A 229 -31.07 -2.64 -30.05
N MET A 230 -30.32 -2.34 -28.98
CA MET A 230 -30.03 -0.99 -28.50
C MET A 230 -31.24 -0.07 -28.62
N THR A 231 -32.33 -0.51 -27.98
CA THR A 231 -33.54 0.26 -27.80
C THR A 231 -34.06 0.13 -26.36
N HIS A 232 -34.99 1.00 -26.01
CA HIS A 232 -35.56 1.02 -24.67
C HIS A 232 -37.02 1.48 -24.69
N THR A 233 -37.67 1.25 -23.55
CA THR A 233 -38.98 1.79 -23.18
C THR A 233 -38.90 2.38 -21.77
N SER A 234 -39.86 3.20 -21.38
CA SER A 234 -39.94 3.71 -20.00
C SER A 234 -41.39 3.85 -19.57
N LYS A 235 -41.56 3.76 -18.26
CA LYS A 235 -42.80 3.97 -17.57
C LYS A 235 -42.42 4.16 -16.09
N TYR A 236 -43.40 3.95 -15.19
CA TYR A 236 -43.21 4.02 -13.75
C TYR A 236 -43.46 2.65 -13.13
N LEU A 237 -42.83 2.42 -11.97
CA LEU A 237 -43.20 1.25 -11.13
CA LEU A 237 -43.18 1.25 -11.15
C LEU A 237 -44.69 1.30 -10.86
N CYS A 238 -45.38 0.18 -11.04
CA CYS A 238 -46.87 0.12 -10.91
C CYS A 238 -47.31 0.17 -9.44
N SER A 239 -46.50 -0.45 -8.56
CA SER A 239 -46.93 -0.69 -7.18
C SER A 239 -47.38 0.60 -6.49
N LYS A 240 -48.40 0.45 -5.66
CA LYS A 240 -48.79 1.45 -4.67
C LYS A 240 -47.73 1.72 -3.60
N VAL A 241 -46.74 0.83 -3.44
CA VAL A 241 -45.68 1.04 -2.50
C VAL A 241 -44.69 2.03 -3.13
N LEU A 242 -44.77 3.30 -2.71
CA LEU A 242 -44.00 4.38 -3.30
C LEU A 242 -42.59 4.32 -2.67
N THR A 243 -41.59 4.54 -3.49
CA THR A 243 -40.23 4.31 -3.01
C THR A 243 -39.25 5.47 -3.23
N ASP A 244 -39.71 6.66 -3.64
CA ASP A 244 -38.86 7.86 -3.62
C ASP A 244 -38.99 8.51 -2.24
N THR A 245 -38.12 9.49 -1.99
CA THR A 245 -38.15 10.31 -0.78
C THR A 245 -37.90 11.76 -1.21
N SER A 246 -38.80 12.71 -0.90
CA SER A 246 -39.97 12.54 -0.05
C SER A 246 -41.13 11.92 -0.82
N ARG A 247 -42.09 11.38 -0.07
CA ARG A 247 -43.24 10.72 -0.68
C ARG A 247 -44.42 10.89 0.26
N PRO A 248 -45.67 10.83 -0.28
CA PRO A 248 -46.83 10.85 0.59
C PRO A 248 -47.01 9.43 1.17
N ASN A 249 -48.05 9.26 1.99
CA ASN A 249 -48.46 7.90 2.37
C ASN A 249 -48.76 7.09 1.10
N ASP A 250 -48.52 5.78 1.15
CA ASP A 250 -48.83 4.91 0.05
C ASP A 250 -50.33 4.93 -0.23
N PRO A 251 -50.73 5.18 -1.50
CA PRO A 251 -52.14 5.18 -1.87
C PRO A 251 -52.70 3.77 -2.00
N THR A 252 -54.01 3.63 -2.28
N THR A 252 -54.01 3.71 -2.27
CA THR A 252 -54.58 2.29 -2.44
CA THR A 252 -54.72 2.48 -2.50
C THR A 252 -54.20 1.74 -3.82
C THR A 252 -54.16 1.79 -3.76
N ASN A 253 -53.83 2.60 -4.77
CA ASN A 253 -53.35 2.12 -6.04
C ASN A 253 -52.15 2.96 -6.54
N GLY A 254 -51.18 2.27 -7.14
CA GLY A 254 -50.10 2.94 -7.81
C GLY A 254 -50.53 3.37 -9.21
N ASN A 255 -49.56 3.83 -9.98
CA ASN A 255 -49.77 4.28 -11.35
C ASN A 255 -48.54 3.97 -12.19
N CYS A 256 -48.76 3.13 -13.21
N CYS A 256 -48.64 3.12 -13.21
CA CYS A 256 -47.75 2.57 -14.08
CA CYS A 256 -47.39 2.81 -13.88
C CYS A 256 -47.22 3.66 -15.04
C CYS A 256 -47.19 3.64 -15.13
N ASP A 257 -48.04 4.66 -15.36
CA ASP A 257 -47.79 5.46 -16.57
C ASP A 257 -47.81 6.95 -16.28
N ALA A 258 -47.82 7.35 -15.01
CA ALA A 258 -47.77 8.73 -14.66
C ALA A 258 -47.15 8.85 -13.29
N PRO A 259 -46.51 10.01 -12.99
CA PRO A 259 -46.04 10.28 -11.65
C PRO A 259 -47.17 10.52 -10.64
N ILE A 260 -47.01 9.95 -9.45
CA ILE A 260 -47.87 10.23 -8.32
C ILE A 260 -47.23 11.35 -7.50
N THR A 261 -47.90 12.50 -7.44
CA THR A 261 -47.27 13.64 -6.79
C THR A 261 -47.46 13.59 -5.28
N GLY A 262 -46.72 14.48 -4.60
CA GLY A 262 -46.86 14.64 -3.18
C GLY A 262 -45.56 14.32 -2.44
N GLY A 263 -45.60 14.57 -1.15
CA GLY A 263 -44.48 14.42 -0.26
C GLY A 263 -43.75 15.73 -0.04
N SER A 264 -43.07 15.83 1.09
CA SER A 264 -42.38 17.03 1.48
C SER A 264 -41.28 16.66 2.48
N PRO A 265 -40.15 17.36 2.49
CA PRO A 265 -39.89 18.56 1.70
C PRO A 265 -39.01 18.37 0.46
N ASP A 266 -38.58 17.13 0.15
CA ASP A 266 -37.54 16.94 -0.84
C ASP A 266 -38.08 16.24 -2.07
N PRO A 267 -37.55 16.60 -3.25
CA PRO A 267 -38.02 16.05 -4.51
C PRO A 267 -37.60 14.63 -4.92
N GLY A 268 -36.58 14.06 -4.27
CA GLY A 268 -36.14 12.75 -4.67
C GLY A 268 -34.86 12.32 -3.99
N VAL A 269 -34.59 11.03 -4.18
CA VAL A 269 -33.35 10.39 -3.80
C VAL A 269 -33.09 9.25 -4.78
N LYS A 270 -31.81 8.96 -5.06
CA LYS A 270 -31.48 7.81 -5.84
C LYS A 270 -31.89 6.56 -5.09
N GLY A 271 -32.52 5.63 -5.81
CA GLY A 271 -32.90 4.34 -5.21
C GLY A 271 -32.91 3.25 -6.25
N PHE A 272 -33.56 2.12 -5.95
CA PHE A 272 -33.44 0.93 -6.81
C PHE A 272 -34.57 -0.07 -6.51
N ALA A 273 -34.73 -1.02 -7.42
CA ALA A 273 -35.56 -2.20 -7.20
C ALA A 273 -35.10 -3.33 -8.12
N PHE A 274 -35.46 -4.55 -7.73
CA PHE A 274 -35.28 -5.73 -8.54
C PHE A 274 -36.67 -6.21 -8.91
N LEU A 275 -36.94 -6.31 -10.21
CA LEU A 275 -38.30 -6.53 -10.71
C LEU A 275 -38.30 -7.82 -11.51
N ASP A 276 -38.94 -8.84 -10.95
CA ASP A 276 -38.90 -10.17 -11.53
C ASP A 276 -40.14 -10.95 -11.13
N GLY A 277 -41.32 -10.45 -11.52
CA GLY A 277 -42.57 -11.11 -11.17
C GLY A 277 -42.78 -11.24 -9.68
N GLU A 278 -43.03 -12.47 -9.22
CA GLU A 278 -43.26 -12.72 -7.80
C GLU A 278 -41.98 -12.40 -6.99
N ASN A 279 -40.82 -12.54 -7.63
CA ASN A 279 -39.51 -12.36 -7.04
C ASN A 279 -39.06 -10.90 -7.10
N SER A 280 -39.89 -9.96 -6.65
CA SER A 280 -39.61 -8.52 -6.81
C SER A 280 -39.40 -7.90 -5.44
N TRP A 281 -38.35 -7.09 -5.36
CA TRP A 281 -38.00 -6.39 -4.10
C TRP A 281 -37.79 -4.91 -4.39
N LEU A 282 -38.37 -4.07 -3.51
CA LEU A 282 -38.25 -2.63 -3.57
C LEU A 282 -37.49 -2.18 -2.31
N GLY A 283 -36.48 -1.36 -2.50
CA GLY A 283 -35.88 -0.59 -1.42
C GLY A 283 -36.51 0.79 -1.23
N ARG A 284 -36.49 1.29 0.00
CA ARG A 284 -36.82 2.67 0.27
C ARG A 284 -36.36 3.07 1.66
N THR A 285 -36.25 4.40 1.84
CA THR A 285 -36.04 4.92 3.15
C THR A 285 -37.27 4.55 3.99
N ILE A 286 -37.05 4.38 5.29
CA ILE A 286 -38.19 4.09 6.18
C ILE A 286 -39.02 5.37 6.35
N SER A 287 -38.35 6.50 6.56
CA SER A 287 -39.07 7.78 6.62
C SER A 287 -39.62 8.14 5.24
N LYS A 288 -40.88 8.63 5.16
N LYS A 288 -40.86 8.64 5.24
CA LYS A 288 -41.40 9.11 3.89
CA LYS A 288 -41.54 9.17 4.08
C LYS A 288 -40.92 10.56 3.65
C LYS A 288 -40.94 10.52 3.69
N ASP A 289 -40.38 11.23 4.66
CA ASP A 289 -39.99 12.65 4.51
C ASP A 289 -38.49 12.80 4.24
N SER A 290 -37.69 12.07 5.02
N SER A 290 -37.68 12.11 5.07
CA SER A 290 -36.24 12.28 5.14
CA SER A 290 -36.23 12.32 5.16
C SER A 290 -35.49 11.03 4.72
C SER A 290 -35.49 11.05 4.75
N ARG A 291 -34.20 11.23 4.43
CA ARG A 291 -33.27 10.14 4.15
C ARG A 291 -32.82 9.47 5.47
N SER A 292 -33.77 8.83 6.15
N SER A 292 -33.76 8.70 6.04
CA SER A 292 -33.48 8.08 7.34
CA SER A 292 -33.65 8.11 7.35
C SER A 292 -34.12 6.69 7.22
C SER A 292 -34.18 6.68 7.28
N GLY A 293 -33.39 5.73 7.78
CA GLY A 293 -33.74 4.37 7.75
C GLY A 293 -33.68 3.80 6.35
N TYR A 294 -33.76 2.47 6.27
CA TYR A 294 -33.80 1.78 4.98
C TYR A 294 -34.41 0.38 5.15
N GLU A 295 -35.36 0.03 4.26
CA GLU A 295 -36.07 -1.20 4.35
C GLU A 295 -36.15 -1.81 2.94
N MET A 296 -36.10 -3.15 2.90
CA MET A 296 -36.35 -3.88 1.72
C MET A 296 -37.75 -4.52 1.85
N LEU A 297 -38.55 -4.40 0.77
CA LEU A 297 -39.92 -4.93 0.79
C LEU A 297 -40.07 -5.85 -0.40
N LYS A 298 -40.56 -7.08 -0.16
CA LYS A 298 -40.83 -8.01 -1.23
C LYS A 298 -42.26 -7.75 -1.70
N VAL A 299 -42.37 -7.25 -2.92
CA VAL A 299 -43.63 -6.76 -3.47
C VAL A 299 -43.89 -7.52 -4.77
N PRO A 300 -44.51 -8.71 -4.70
CA PRO A 300 -44.78 -9.49 -5.90
C PRO A 300 -45.49 -8.65 -6.96
N ASN A 301 -44.97 -8.73 -8.19
CA ASN A 301 -45.57 -8.07 -9.35
C ASN A 301 -45.61 -6.55 -9.21
N ALA A 302 -44.68 -5.95 -8.44
CA ALA A 302 -44.56 -4.51 -8.33
C ALA A 302 -44.50 -3.81 -9.70
N GLU A 303 -43.90 -4.49 -10.69
CA GLU A 303 -43.69 -3.91 -12.01
C GLU A 303 -44.98 -3.81 -12.82
N THR A 304 -46.02 -4.58 -12.45
CA THR A 304 -47.18 -4.73 -13.33
C THR A 304 -48.51 -4.53 -12.62
N ASP A 305 -48.58 -4.57 -11.29
CA ASP A 305 -49.86 -4.54 -10.57
C ASP A 305 -49.93 -3.32 -9.64
N ILE A 306 -50.88 -2.41 -9.92
CA ILE A 306 -51.00 -1.18 -9.15
C ILE A 306 -51.45 -1.48 -7.72
N GLN A 307 -51.98 -2.66 -7.46
CA GLN A 307 -52.46 -2.96 -6.12
C GLN A 307 -51.44 -3.77 -5.31
N SER A 308 -50.26 -4.04 -5.88
CA SER A 308 -49.25 -4.93 -5.27
C SER A 308 -48.72 -4.28 -3.99
N GLY A 309 -48.68 -5.08 -2.92
CA GLY A 309 -48.17 -4.63 -1.66
C GLY A 309 -47.15 -5.63 -1.12
N PRO A 310 -46.52 -5.33 0.02
CA PRO A 310 -45.48 -6.20 0.55
C PRO A 310 -45.98 -7.51 1.12
N ILE A 311 -45.18 -8.57 0.93
CA ILE A 311 -45.42 -9.87 1.61
C ILE A 311 -44.31 -10.19 2.62
N SER A 312 -43.21 -9.41 2.58
CA SER A 312 -42.15 -9.54 3.56
CA SER A 312 -42.03 -9.60 3.43
C SER A 312 -41.33 -8.25 3.59
N ASN A 313 -40.60 -8.12 4.69
CA ASN A 313 -39.80 -6.93 4.94
C ASN A 313 -38.47 -7.36 5.55
N GLN A 314 -37.44 -6.56 5.30
CA GLN A 314 -36.22 -6.59 6.10
C GLN A 314 -35.72 -5.17 6.30
N VAL A 315 -35.52 -4.78 7.57
CA VAL A 315 -34.95 -3.49 7.91
C VAL A 315 -33.44 -3.61 7.76
N ILE A 316 -32.89 -2.75 6.93
CA ILE A 316 -31.46 -2.70 6.63
C ILE A 316 -30.78 -1.66 7.51
N VAL A 317 -31.39 -0.48 7.69
CA VAL A 317 -30.94 0.56 8.56
C VAL A 317 -32.15 1.02 9.39
N ASN A 318 -32.06 1.05 10.72
CA ASN A 318 -33.22 1.44 11.52
C ASN A 318 -33.55 2.92 11.32
N ASN A 319 -34.79 3.31 11.68
CA ASN A 319 -35.25 4.67 11.33
C ASN A 319 -34.74 5.68 12.34
N GLN A 320 -33.86 5.29 13.27
CA GLN A 320 -33.16 6.29 14.09
C GLN A 320 -31.79 6.66 13.46
N ASN A 321 -31.49 6.12 12.28
CA ASN A 321 -30.19 6.31 11.64
C ASN A 321 -30.36 6.84 10.23
N TRP A 322 -29.35 7.62 9.79
CA TRP A 322 -29.34 8.21 8.51
C TRP A 322 -28.99 7.19 7.43
N SER A 323 -29.70 7.31 6.30
CA SER A 323 -29.40 6.59 5.11
C SER A 323 -28.95 7.59 4.04
N GLY A 324 -29.42 7.42 2.80
CA GLY A 324 -28.92 8.19 1.69
C GLY A 324 -29.27 7.51 0.38
N TYR A 325 -28.40 7.64 -0.62
CA TYR A 325 -28.62 7.03 -1.90
C TYR A 325 -28.55 5.51 -1.70
N SER A 326 -29.19 4.78 -2.62
CA SER A 326 -29.11 3.34 -2.66
C SER A 326 -29.14 2.92 -4.13
N GLY A 327 -28.48 1.81 -4.43
CA GLY A 327 -28.39 1.33 -5.80
C GLY A 327 -28.11 -0.16 -5.92
N ALA A 328 -28.29 -0.66 -7.15
CA ALA A 328 -28.18 -2.03 -7.54
C ALA A 328 -26.78 -2.32 -8.04
N PHE A 329 -26.34 -3.55 -7.82
CA PHE A 329 -25.22 -4.16 -8.55
C PHE A 329 -25.36 -5.68 -8.44
N ILE A 330 -24.69 -6.37 -9.35
CA ILE A 330 -24.64 -7.83 -9.29
C ILE A 330 -23.23 -8.29 -9.59
N ASP A 331 -22.79 -9.32 -8.88
CA ASP A 331 -21.61 -10.06 -9.31
C ASP A 331 -22.00 -11.04 -10.43
N TYR A 332 -21.95 -10.51 -11.66
CA TYR A 332 -22.29 -11.26 -12.87
C TYR A 332 -21.33 -12.40 -13.15
N TRP A 333 -20.21 -12.47 -12.42
CA TRP A 333 -19.17 -13.47 -12.65
C TRP A 333 -19.18 -14.53 -11.55
N ALA A 334 -20.20 -14.52 -10.64
CA ALA A 334 -20.32 -15.58 -9.63
C ALA A 334 -20.47 -16.95 -10.31
N ASN A 335 -20.08 -18.00 -9.58
CA ASN A 335 -20.26 -19.36 -10.01
C ASN A 335 -21.67 -19.86 -9.60
N LYS A 336 -22.66 -19.43 -10.35
CA LYS A 336 -24.06 -19.74 -10.14
C LYS A 336 -24.75 -19.74 -11.49
N GLU A 337 -25.91 -20.39 -11.55
CA GLU A 337 -26.68 -20.48 -12.78
C GLU A 337 -27.64 -19.30 -12.89
N CYS A 338 -27.65 -18.44 -11.87
N CYS A 338 -27.69 -18.47 -11.85
CA CYS A 338 -28.52 -17.28 -11.80
CA CYS A 338 -28.49 -17.26 -11.85
C CYS A 338 -27.74 -16.08 -11.25
C CYS A 338 -27.63 -16.07 -11.44
N PHE A 339 -28.19 -14.88 -11.63
CA PHE A 339 -27.60 -13.63 -11.18
C PHE A 339 -28.24 -13.25 -9.84
N ASN A 340 -27.41 -13.08 -8.80
CA ASN A 340 -27.95 -12.81 -7.47
C ASN A 340 -28.00 -11.32 -7.23
N PRO A 341 -29.19 -10.71 -7.02
CA PRO A 341 -29.28 -9.29 -6.70
C PRO A 341 -28.40 -8.87 -5.51
N CYS A 342 -27.72 -7.74 -5.67
CA CYS A 342 -27.06 -7.08 -4.53
C CYS A 342 -27.47 -5.60 -4.55
N PHE A 343 -27.28 -4.93 -3.43
CA PHE A 343 -27.52 -3.53 -3.36
C PHE A 343 -26.62 -2.90 -2.27
N TYR A 344 -26.49 -1.58 -2.35
CA TYR A 344 -25.81 -0.83 -1.30
C TYR A 344 -26.70 0.29 -0.80
N VAL A 345 -26.45 0.72 0.44
CA VAL A 345 -27.01 1.91 0.98
C VAL A 345 -25.87 2.86 1.41
N GLU A 346 -25.94 4.09 0.91
CA GLU A 346 -25.07 5.19 1.34
C GLU A 346 -25.56 5.69 2.70
N LEU A 347 -24.66 5.75 3.68
CA LEU A 347 -25.01 6.18 5.02
C LEU A 347 -24.41 7.56 5.25
N ILE A 348 -25.21 8.61 5.00
CA ILE A 348 -24.72 9.94 5.02
C ILE A 348 -24.63 10.46 6.44
N ARG A 349 -23.50 11.07 6.74
CA ARG A 349 -23.26 11.73 8.00
C ARG A 349 -22.90 13.19 7.74
N GLY A 350 -23.21 14.07 8.74
CA GLY A 350 -22.90 15.45 8.65
C GLY A 350 -24.03 16.25 8.05
N ARG A 351 -23.67 17.26 7.27
CA ARG A 351 -24.67 18.25 6.82
C ARG A 351 -25.54 17.66 5.71
N PRO A 352 -26.81 18.11 5.55
CA PRO A 352 -27.45 19.08 6.44
C PRO A 352 -28.11 18.57 7.72
N LYS A 353 -28.31 17.26 7.85
CA LYS A 353 -29.09 16.73 8.94
C LYS A 353 -28.34 16.81 10.27
N GLU A 354 -26.99 16.81 10.23
CA GLU A 354 -26.16 16.90 11.43
C GLU A 354 -25.26 18.13 11.29
N SER A 355 -25.80 19.28 11.76
N SER A 355 -25.77 19.30 11.69
CA SER A 355 -25.26 20.60 11.48
CA SER A 355 -25.07 20.54 11.36
C SER A 355 -24.13 20.96 12.46
C SER A 355 -24.18 21.00 12.51
N SER A 356 -23.87 20.10 13.45
CA SER A 356 -22.86 20.37 14.45
C SER A 356 -21.43 20.16 13.89
N VAL A 357 -21.33 19.64 12.65
CA VAL A 357 -20.05 19.55 11.92
C VAL A 357 -20.17 20.34 10.62
N LEU A 358 -19.00 20.59 9.99
CA LEU A 358 -18.90 21.46 8.87
C LEU A 358 -18.92 20.68 7.55
N TRP A 359 -18.90 19.35 7.67
CA TRP A 359 -18.71 18.49 6.50
C TRP A 359 -19.95 17.64 6.19
N THR A 360 -19.92 16.99 5.03
CA THR A 360 -20.85 15.96 4.62
C THR A 360 -20.01 14.81 4.04
N SER A 361 -20.25 13.61 4.55
CA SER A 361 -19.60 12.43 3.98
C SER A 361 -20.52 11.22 4.14
N ASN A 362 -20.00 10.01 3.93
CA ASN A 362 -20.82 8.81 4.04
C ASN A 362 -19.93 7.61 4.39
N SER A 363 -20.58 6.54 4.81
CA SER A 363 -20.02 5.19 4.73
C SER A 363 -20.95 4.33 3.88
N ILE A 364 -20.59 3.05 3.72
CA ILE A 364 -21.27 2.13 2.79
C ILE A 364 -21.65 0.85 3.55
N VAL A 365 -22.85 0.31 3.28
CA VAL A 365 -23.16 -1.03 3.56
C VAL A 365 -23.69 -1.67 2.26
N ALA A 366 -23.40 -2.95 2.06
CA ALA A 366 -23.88 -3.67 0.87
C ALA A 366 -24.33 -5.07 1.30
N LEU A 367 -25.43 -5.51 0.68
CA LEU A 367 -26.07 -6.82 0.96
C LEU A 367 -26.43 -7.50 -0.37
N CYS A 368 -26.55 -8.83 -0.34
CA CYS A 368 -26.96 -9.63 -1.49
C CYS A 368 -28.05 -10.61 -1.09
N GLY A 369 -28.77 -11.10 -2.09
CA GLY A 369 -29.89 -11.99 -1.84
C GLY A 369 -29.46 -13.32 -1.22
N SER A 370 -30.38 -13.88 -0.45
CA SER A 370 -30.35 -15.25 -0.02
C SER A 370 -31.72 -15.88 -0.31
N LYS A 371 -31.69 -17.16 -0.70
CA LYS A 371 -32.89 -17.99 -0.75
C LYS A 371 -33.34 -18.44 0.65
N LYS A 372 -32.44 -18.39 1.63
CA LYS A 372 -32.80 -18.71 2.98
C LYS A 372 -33.54 -17.56 3.66
N ARG A 373 -34.07 -17.89 4.83
N ARG A 373 -34.03 -17.83 4.87
CA ARG A 373 -34.72 -16.98 5.74
CA ARG A 373 -34.80 -16.87 5.67
C ARG A 373 -33.70 -16.56 6.80
C ARG A 373 -33.94 -16.35 6.83
N LEU A 374 -32.97 -15.48 6.50
CA LEU A 374 -31.96 -15.02 7.44
C LEU A 374 -32.50 -13.95 8.35
N GLY A 375 -32.07 -14.02 9.60
CA GLY A 375 -32.28 -12.94 10.55
C GLY A 375 -31.61 -11.67 10.10
N SER A 376 -32.01 -10.56 10.67
CA SER A 376 -31.46 -9.25 10.27
C SER A 376 -31.19 -8.36 11.47
N TRP A 377 -30.28 -7.41 11.30
CA TRP A 377 -30.21 -6.27 12.20
C TRP A 377 -29.82 -5.05 11.37
N SER A 378 -29.84 -3.90 12.06
CA SER A 378 -29.54 -2.63 11.47
C SER A 378 -28.02 -2.51 11.23
N TRP A 379 -27.68 -2.07 10.03
CA TRP A 379 -26.29 -1.82 9.62
C TRP A 379 -26.06 -0.31 9.43
N HIS A 380 -26.34 0.45 10.48
CA HIS A 380 -26.21 1.89 10.45
C HIS A 380 -24.70 2.23 10.47
N ASP A 381 -24.40 3.50 10.22
CA ASP A 381 -23.03 3.97 10.05
C ASP A 381 -22.16 3.64 11.28
N GLY A 382 -22.63 4.02 12.47
CA GLY A 382 -22.01 3.66 13.74
C GLY A 382 -21.06 4.70 14.32
N ALA A 383 -20.89 5.86 13.66
CA ALA A 383 -20.05 6.91 14.22
C ALA A 383 -20.87 7.75 15.19
N GLU A 384 -20.20 8.32 16.19
CA GLU A 384 -20.78 9.27 17.12
C GLU A 384 -20.40 10.67 16.68
N ILE A 385 -21.41 11.44 16.31
CA ILE A 385 -21.15 12.77 15.76
C ILE A 385 -20.47 13.63 16.84
N ILE A 386 -20.75 13.38 18.11
N ILE A 386 -20.76 13.35 18.12
CA ILE A 386 -20.14 14.29 19.10
CA ILE A 386 -20.19 14.15 19.22
C ILE A 386 -18.63 14.17 19.10
C ILE A 386 -18.66 14.10 19.21
N TYR A 387 -18.08 13.01 18.70
CA TYR A 387 -16.66 12.85 18.64
C TYR A 387 -16.02 13.78 17.62
N PHE A 388 -16.82 14.29 16.67
CA PHE A 388 -16.35 15.21 15.65
C PHE A 388 -16.59 16.69 16.00
N GLU A 389 -17.18 16.97 17.17
CA GLU A 389 -17.49 18.33 17.62
C GLU A 389 -16.30 18.88 18.43
N ARG B 1 -2.85 -24.86 -6.66
CA ARG B 1 -2.47 -25.83 -7.71
C ARG B 1 -3.15 -27.20 -7.45
N THR B 2 -3.37 -27.59 -6.19
N THR B 2 -3.14 -27.74 -6.23
CA THR B 2 -3.87 -28.92 -5.86
CA THR B 2 -3.96 -28.95 -5.90
C THR B 2 -4.52 -28.91 -4.46
C THR B 2 -4.65 -28.79 -4.54
N PHE B 3 -5.63 -29.65 -4.26
CA PHE B 3 -6.22 -29.73 -2.91
C PHE B 3 -5.17 -30.28 -1.96
N LEU B 4 -5.05 -29.64 -0.79
CA LEU B 4 -4.25 -30.17 0.33
C LEU B 4 -4.76 -31.53 0.80
N ASN B 5 -3.83 -32.47 0.97
CA ASN B 5 -4.10 -33.74 1.62
C ASN B 5 -3.29 -33.79 2.90
N LEU B 6 -3.92 -34.27 3.97
CA LEU B 6 -3.31 -34.27 5.33
C LEU B 6 -2.52 -35.56 5.57
N THR B 7 -1.65 -35.86 4.60
N THR B 7 -1.71 -35.98 4.61
CA THR B 7 -0.95 -37.14 4.48
CA THR B 7 -1.10 -37.30 4.75
C THR B 7 0.08 -37.26 5.62
C THR B 7 0.35 -37.20 5.21
N LYS B 8 0.71 -36.13 5.92
CA LYS B 8 1.97 -36.10 6.66
C LYS B 8 1.71 -36.27 8.14
N PRO B 9 2.69 -36.81 8.88
CA PRO B 9 2.60 -36.87 10.34
C PRO B 9 2.99 -35.51 10.92
N LEU B 10 2.67 -35.31 12.19
CA LEU B 10 3.19 -34.15 12.91
C LEU B 10 4.70 -34.29 13.14
N CYS B 11 5.41 -33.17 13.06
CA CYS B 11 6.84 -33.11 13.35
C CYS B 11 7.02 -33.30 14.86
N GLU B 12 8.16 -33.92 15.23
CA GLU B 12 8.63 -33.94 16.60
C GLU B 12 8.88 -32.50 17.10
N VAL B 13 8.40 -32.21 18.32
CA VAL B 13 8.54 -30.89 18.95
C VAL B 13 9.15 -31.02 20.35
N ASN B 14 10.28 -30.33 20.56
CA ASN B 14 10.99 -30.31 21.82
C ASN B 14 11.05 -28.93 22.44
N SER B 15 10.85 -27.86 21.63
CA SER B 15 10.75 -26.48 22.13
C SER B 15 10.07 -25.66 21.04
N TRP B 16 9.88 -24.37 21.28
CA TRP B 16 9.10 -23.51 20.38
C TRP B 16 9.93 -22.31 19.99
N HIS B 17 10.00 -22.05 18.68
CA HIS B 17 10.77 -20.94 18.12
C HIS B 17 9.80 -19.80 17.75
N ILE B 18 10.30 -18.58 17.80
CA ILE B 18 9.48 -17.41 17.43
C ILE B 18 9.24 -17.41 15.90
N LEU B 19 7.98 -17.18 15.53
CA LEU B 19 7.56 -17.11 14.13
C LEU B 19 7.23 -15.66 13.78
N SER B 20 6.34 -15.03 14.56
CA SER B 20 5.93 -13.69 14.29
C SER B 20 5.44 -12.98 15.54
N LYS B 21 5.46 -11.67 15.47
CA LYS B 21 4.93 -10.81 16.50
C LYS B 21 4.60 -9.50 15.85
N ASP B 22 3.41 -8.97 16.08
CA ASP B 22 3.07 -7.72 15.38
C ASP B 22 3.22 -6.43 16.21
N ASN B 23 3.34 -6.47 17.55
CA ASN B 23 3.58 -5.28 18.33
C ASN B 23 2.50 -4.23 18.05
N ALA B 24 1.26 -4.69 17.80
CA ALA B 24 0.22 -3.79 17.30
C ALA B 24 -0.11 -2.66 18.28
N ILE B 25 -0.15 -2.91 19.58
CA ILE B 25 -0.56 -1.89 20.51
C ILE B 25 0.56 -0.84 20.67
N ARG B 26 1.82 -1.30 20.78
CA ARG B 26 2.98 -0.35 20.75
C ARG B 26 2.89 0.56 19.50
N ILE B 27 2.73 -0.05 18.33
CA ILE B 27 2.75 0.71 17.08
C ILE B 27 1.50 1.63 17.04
N GLY B 28 0.37 1.08 17.48
CA GLY B 28 -0.93 1.77 17.40
C GLY B 28 -1.13 2.89 18.38
N GLU B 29 -0.18 3.07 19.29
CA GLU B 29 -0.18 4.23 20.14
C GLU B 29 -0.06 5.51 19.32
N ASP B 30 0.53 5.44 18.12
CA ASP B 30 0.76 6.61 17.29
C ASP B 30 0.28 6.36 15.84
N ALA B 31 0.37 5.16 15.32
CA ALA B 31 0.05 4.93 13.93
C ALA B 31 -1.42 4.51 13.88
N HIS B 32 -1.95 4.38 12.68
CA HIS B 32 -3.38 4.13 12.56
C HIS B 32 -3.61 2.61 12.53
N ILE B 33 -3.81 2.03 13.70
CA ILE B 33 -3.93 0.62 13.86
C ILE B 33 -5.36 0.33 14.30
N LEU B 34 -5.98 -0.64 13.65
CA LEU B 34 -7.35 -1.03 13.98
C LEU B 34 -7.37 -1.71 15.35
N VAL B 35 -8.45 -1.44 16.08
CA VAL B 35 -8.83 -2.23 17.25
C VAL B 35 -9.32 -3.62 16.81
N THR B 36 -8.83 -4.69 17.46
CA THR B 36 -9.15 -6.02 17.13
C THR B 36 -9.40 -6.79 18.42
N ARG B 37 -9.84 -8.04 18.27
CA ARG B 37 -9.70 -9.18 19.25
C ARG B 37 -9.93 -10.45 18.47
N GLU B 38 -9.81 -11.62 19.13
CA GLU B 38 -10.02 -12.93 18.52
C GLU B 38 -9.16 -13.10 17.28
N PRO B 39 -7.83 -12.90 17.40
CA PRO B 39 -6.91 -13.08 16.26
C PRO B 39 -6.57 -14.55 16.03
N TYR B 40 -5.97 -14.86 14.87
CA TYR B 40 -5.41 -16.15 14.57
C TYR B 40 -4.47 -16.02 13.37
N LEU B 41 -3.85 -17.12 12.97
CA LEU B 41 -3.08 -17.16 11.72
C LEU B 41 -3.57 -18.35 10.89
N SER B 42 -3.38 -18.21 9.58
CA SER B 42 -3.78 -19.22 8.62
C SER B 42 -2.84 -19.08 7.42
N CYS B 43 -2.38 -20.22 6.92
CA CYS B 43 -1.43 -20.24 5.81
C CYS B 43 -2.09 -20.70 4.52
N ASP B 44 -1.33 -20.54 3.45
CA ASP B 44 -1.75 -20.98 2.10
C ASP B 44 -0.49 -21.33 1.33
N PRO B 45 -0.57 -21.76 0.06
CA PRO B 45 0.65 -22.18 -0.62
C PRO B 45 1.73 -21.10 -0.70
N GLN B 46 1.36 -19.82 -0.63
CA GLN B 46 2.29 -18.69 -0.87
C GLN B 46 2.90 -18.20 0.46
N GLY B 47 2.14 -18.29 1.54
CA GLY B 47 2.59 -17.68 2.79
C GLY B 47 1.59 -17.81 3.93
N CYS B 48 1.91 -17.14 5.03
CA CYS B 48 1.00 -17.13 6.19
CA CYS B 48 1.09 -17.09 6.22
C CYS B 48 0.50 -15.69 6.41
N ARG B 49 -0.74 -15.59 6.92
CA ARG B 49 -1.37 -14.35 7.19
C ARG B 49 -1.97 -14.35 8.60
N MET B 50 -2.05 -13.15 9.13
CA MET B 50 -2.71 -12.85 10.40
C MET B 50 -4.14 -12.47 10.08
N PHE B 51 -5.03 -12.90 10.96
CA PHE B 51 -6.46 -12.67 10.89
C PHE B 51 -6.94 -12.12 12.24
N ALA B 52 -8.00 -11.31 12.25
CA ALA B 52 -8.65 -10.99 13.51
C ALA B 52 -10.01 -10.36 13.26
N LEU B 53 -10.81 -10.20 14.31
CA LEU B 53 -12.06 -9.44 14.20
C LEU B 53 -11.78 -7.98 14.52
N SER B 54 -11.81 -7.14 13.49
CA SER B 54 -11.77 -5.71 13.68
C SER B 54 -12.99 -5.23 14.48
N GLN B 55 -12.83 -4.11 15.16
CA GLN B 55 -13.94 -3.35 15.80
C GLN B 55 -14.36 -2.13 14.99
N GLY B 56 -13.79 -1.95 13.81
CA GLY B 56 -14.19 -0.80 12.93
C GLY B 56 -13.87 0.54 13.51
N THR B 57 -12.68 0.69 14.08
CA THR B 57 -12.16 1.91 14.65
C THR B 57 -10.66 1.71 14.82
N THR B 58 -9.91 2.82 14.82
CA THR B 58 -8.52 2.75 15.22
C THR B 58 -8.43 2.78 16.75
N LEU B 59 -7.26 2.33 17.23
CA LEU B 59 -6.94 2.24 18.67
C LEU B 59 -6.92 3.63 19.34
N ARG B 60 -6.34 4.65 18.68
CA ARG B 60 -6.30 5.99 19.24
C ARG B 60 -7.58 6.77 18.90
N GLY B 61 -8.45 6.21 18.06
CA GLY B 61 -9.68 6.88 17.70
C GLY B 61 -10.60 6.99 18.90
N ARG B 62 -11.50 7.96 18.86
CA ARG B 62 -12.49 8.10 19.90
C ARG B 62 -13.49 6.93 19.88
N HIS B 63 -13.66 6.24 18.73
CA HIS B 63 -14.58 5.11 18.71
C HIS B 63 -13.98 3.85 19.34
N ALA B 64 -12.74 3.92 19.82
CA ALA B 64 -12.17 2.76 20.55
C ALA B 64 -12.90 2.65 21.90
N ASN B 65 -13.55 3.74 22.36
CA ASN B 65 -14.31 3.71 23.57
C ASN B 65 -15.47 2.73 23.42
N GLY B 66 -15.52 1.69 24.28
CA GLY B 66 -16.62 0.73 24.25
C GLY B 66 -16.29 -0.59 23.58
N THR B 67 -15.04 -0.76 23.15
CA THR B 67 -14.66 -1.95 22.40
C THR B 67 -14.47 -3.18 23.27
N ILE B 68 -14.76 -3.13 24.57
CA ILE B 68 -14.90 -4.36 25.31
C ILE B 68 -16.07 -5.20 24.78
N HIS B 69 -17.06 -4.55 24.16
N HIS B 69 -17.09 -4.54 24.20
CA HIS B 69 -18.26 -5.25 23.69
CA HIS B 69 -18.27 -5.21 23.64
C HIS B 69 -17.93 -6.17 22.51
C HIS B 69 -17.84 -6.22 22.56
N ASP B 70 -18.45 -7.40 22.59
CA ASP B 70 -18.07 -8.47 21.68
C ASP B 70 -18.75 -8.35 20.30
N ARG B 71 -19.99 -7.89 20.24
CA ARG B 71 -20.73 -8.05 19.00
C ARG B 71 -21.33 -6.70 18.62
N SER B 72 -21.06 -6.26 17.39
CA SER B 72 -21.66 -5.03 16.84
C SER B 72 -21.76 -5.17 15.35
N PRO B 73 -22.49 -4.28 14.67
CA PRO B 73 -22.46 -4.25 13.20
C PRO B 73 -21.21 -3.66 12.55
N PHE B 74 -20.21 -3.32 13.37
CA PHE B 74 -19.01 -2.59 12.90
C PHE B 74 -17.78 -3.52 12.93
N ARG B 75 -17.99 -4.79 13.31
CA ARG B 75 -16.92 -5.79 13.26
C ARG B 75 -16.83 -6.49 11.91
N ALA B 76 -15.63 -6.97 11.55
CA ALA B 76 -15.39 -7.71 10.36
C ALA B 76 -14.14 -8.58 10.56
N LEU B 77 -14.09 -9.70 9.87
CA LEU B 77 -12.87 -10.47 9.81
C LEU B 77 -11.95 -9.81 8.81
N ILE B 78 -10.75 -9.47 9.30
CA ILE B 78 -9.70 -8.89 8.44
C ILE B 78 -8.50 -9.83 8.46
N SER B 79 -7.73 -9.78 7.37
CA SER B 79 -6.47 -10.48 7.25
C SER B 79 -5.41 -9.49 6.76
N TRP B 80 -4.15 -9.87 7.02
CA TRP B 80 -3.04 -9.04 6.61
C TRP B 80 -1.75 -9.88 6.61
N GLU B 81 -0.72 -9.37 5.92
N GLU B 81 -0.73 -9.34 5.95
CA GLU B 81 0.57 -10.05 5.82
CA GLU B 81 0.55 -10.06 5.85
C GLU B 81 1.11 -10.30 7.22
C GLU B 81 1.14 -10.31 7.23
N MET B 82 1.55 -11.55 7.47
CA MET B 82 2.01 -11.96 8.81
C MET B 82 3.16 -11.04 9.25
N GLY B 83 3.03 -10.50 10.46
CA GLY B 83 4.08 -9.74 11.10
C GLY B 83 3.80 -8.24 11.12
N GLN B 84 3.12 -7.73 10.08
N GLN B 84 3.11 -7.74 10.08
CA GLN B 84 2.63 -6.34 10.09
CA GLN B 84 2.62 -6.35 10.09
C GLN B 84 1.57 -6.20 11.19
C GLN B 84 1.57 -6.20 11.19
N ALA B 85 1.34 -4.96 11.63
CA ALA B 85 0.16 -4.62 12.46
C ALA B 85 -1.02 -4.29 11.57
N PRO B 86 -2.26 -4.56 12.05
CA PRO B 86 -3.46 -4.34 11.22
C PRO B 86 -3.84 -2.84 11.19
N SER B 87 -3.70 -2.22 10.02
CA SER B 87 -4.13 -0.83 9.80
C SER B 87 -5.27 -0.85 8.78
N PRO B 88 -5.95 0.31 8.64
CA PRO B 88 -6.94 0.45 7.58
C PRO B 88 -6.33 0.38 6.19
N TYR B 89 -5.00 0.37 6.07
CA TYR B 89 -4.36 0.51 4.76
C TYR B 89 -3.76 -0.82 4.24
N ASN B 90 -3.58 -1.82 5.13
CA ASN B 90 -2.87 -3.04 4.78
C ASN B 90 -3.76 -4.27 5.03
N THR B 91 -5.06 -4.07 5.29
CA THR B 91 -5.92 -5.17 5.70
C THR B 91 -6.95 -5.54 4.60
N ARG B 92 -7.23 -6.83 4.47
CA ARG B 92 -8.29 -7.29 3.56
C ARG B 92 -9.50 -7.67 4.43
N VAL B 93 -10.70 -7.24 4.01
CA VAL B 93 -11.90 -7.65 4.69
C VAL B 93 -12.36 -8.98 4.09
N GLU B 94 -12.30 -10.01 4.91
CA GLU B 94 -12.64 -11.39 4.55
C GLU B 94 -14.17 -11.60 4.55
N CYS B 95 -14.88 -11.00 5.51
CA CYS B 95 -16.33 -11.14 5.67
C CYS B 95 -16.72 -10.25 6.84
N ILE B 96 -18.02 -10.00 6.98
CA ILE B 96 -18.52 -9.08 7.97
C ILE B 96 -19.16 -9.86 9.12
N GLY B 97 -18.78 -9.49 10.36
CA GLY B 97 -19.34 -10.20 11.47
C GLY B 97 -18.44 -10.24 12.68
N TRP B 98 -18.87 -11.04 13.65
CA TRP B 98 -18.29 -10.97 15.00
C TRP B 98 -17.90 -12.35 15.56
N SER B 99 -17.89 -13.38 14.72
CA SER B 99 -17.31 -14.70 14.99
C SER B 99 -16.82 -15.26 13.66
N SER B 100 -15.68 -15.97 13.60
CA SER B 100 -15.13 -16.32 12.30
C SER B 100 -14.31 -17.58 12.34
N THR B 101 -14.09 -18.14 11.14
CA THR B 101 -13.03 -19.10 10.89
C THR B 101 -12.58 -18.87 9.46
N SER B 102 -11.42 -19.44 9.11
CA SER B 102 -10.90 -19.36 7.77
C SER B 102 -9.90 -20.48 7.56
N CYS B 103 -9.83 -21.00 6.34
CA CYS B 103 -8.81 -21.97 5.96
C CYS B 103 -8.67 -21.99 4.43
N HIS B 104 -7.48 -22.41 4.02
CA HIS B 104 -7.17 -22.62 2.61
C HIS B 104 -7.16 -24.11 2.30
N ASP B 105 -7.82 -24.52 1.19
CA ASP B 105 -7.92 -25.96 0.84
C ASP B 105 -6.84 -26.39 -0.15
N GLY B 106 -5.89 -25.50 -0.43
CA GLY B 106 -4.80 -25.70 -1.40
C GLY B 106 -5.08 -24.99 -2.73
N MET B 107 -6.35 -24.80 -3.05
CA MET B 107 -6.78 -24.06 -4.23
C MET B 107 -7.20 -22.62 -3.89
N SER B 108 -8.13 -22.46 -2.94
CA SER B 108 -8.64 -21.14 -2.52
CA SER B 108 -8.62 -21.13 -2.53
C SER B 108 -8.93 -21.11 -1.01
N ARG B 109 -9.19 -19.89 -0.50
CA ARG B 109 -9.47 -19.65 0.90
C ARG B 109 -10.97 -19.57 1.17
N MET B 110 -11.43 -20.34 2.17
CA MET B 110 -12.75 -20.29 2.68
C MET B 110 -12.72 -19.42 3.94
N SER B 111 -13.64 -18.46 4.01
CA SER B 111 -13.76 -17.60 5.20
C SER B 111 -15.24 -17.56 5.63
N ILE B 112 -15.48 -17.68 6.92
CA ILE B 112 -16.86 -17.67 7.43
C ILE B 112 -16.96 -16.66 8.55
N CYS B 113 -18.03 -15.83 8.53
CA CYS B 113 -18.34 -14.85 9.56
CA CYS B 113 -18.34 -14.89 9.60
C CYS B 113 -19.82 -14.96 9.94
N MET B 114 -20.10 -14.97 11.25
CA MET B 114 -21.45 -14.83 11.75
C MET B 114 -21.71 -13.36 12.11
N SER B 115 -22.94 -12.91 11.82
N SER B 115 -22.93 -12.91 11.81
CA SER B 115 -23.34 -11.57 12.14
CA SER B 115 -23.35 -11.58 12.18
C SER B 115 -24.82 -11.59 12.53
C SER B 115 -24.85 -11.58 12.46
N GLY B 116 -25.33 -10.44 12.98
CA GLY B 116 -26.75 -10.28 13.32
C GLY B 116 -26.98 -10.18 14.84
N PRO B 117 -28.28 -10.13 15.21
CA PRO B 117 -28.64 -10.03 16.61
C PRO B 117 -28.44 -11.42 17.26
N ASN B 118 -28.39 -11.41 18.60
CA ASN B 118 -28.21 -12.64 19.35
C ASN B 118 -29.25 -13.70 18.98
N ASN B 119 -30.52 -13.30 18.80
CA ASN B 119 -31.59 -14.27 18.62
C ASN B 119 -31.76 -14.69 17.16
N ASN B 120 -30.94 -14.17 16.23
CA ASN B 120 -31.24 -14.35 14.81
C ASN B 120 -29.97 -14.10 13.98
N ALA B 121 -28.85 -14.69 14.40
CA ALA B 121 -27.58 -14.51 13.67
C ALA B 121 -27.57 -15.43 12.44
N SER B 122 -26.65 -15.19 11.50
N SER B 122 -26.58 -15.22 11.57
CA SER B 122 -26.44 -16.00 10.35
CA SER B 122 -26.43 -15.86 10.29
C SER B 122 -24.96 -16.00 9.98
C SER B 122 -24.93 -15.99 10.00
N ALA B 123 -24.52 -17.12 9.41
CA ALA B 123 -23.20 -17.25 8.85
C ALA B 123 -23.26 -16.98 7.34
N VAL B 124 -22.23 -16.28 6.83
CA VAL B 124 -22.00 -16.26 5.40
C VAL B 124 -20.65 -16.91 5.17
N VAL B 125 -20.63 -17.83 4.22
CA VAL B 125 -19.50 -18.69 3.87
C VAL B 125 -18.95 -18.23 2.52
N TRP B 126 -17.74 -17.71 2.54
CA TRP B 126 -17.04 -17.18 1.37
C TRP B 126 -15.98 -18.18 0.90
N TYR B 127 -15.75 -18.22 -0.42
CA TYR B 127 -14.73 -19.07 -1.01
C TYR B 127 -14.09 -18.30 -2.16
N GLY B 128 -12.77 -18.16 -2.12
CA GLY B 128 -12.03 -17.46 -3.19
C GLY B 128 -12.47 -16.02 -3.30
N GLY B 129 -12.92 -15.43 -2.19
CA GLY B 129 -13.32 -14.03 -2.09
C GLY B 129 -14.76 -13.71 -2.53
N ARG B 130 -15.56 -14.76 -2.78
CA ARG B 130 -16.96 -14.57 -3.14
C ARG B 130 -17.87 -15.27 -2.13
N PRO B 131 -19.07 -14.73 -1.85
CA PRO B 131 -20.02 -15.36 -0.92
C PRO B 131 -20.69 -16.58 -1.60
N ILE B 132 -20.67 -17.73 -0.91
CA ILE B 132 -21.20 -18.98 -1.51
C ILE B 132 -22.50 -19.45 -0.84
N THR B 133 -22.54 -19.41 0.49
CA THR B 133 -23.59 -20.11 1.27
C THR B 133 -23.94 -19.19 2.43
N GLU B 134 -25.19 -19.24 2.88
CA GLU B 134 -25.65 -18.61 4.07
C GLU B 134 -26.29 -19.66 4.99
N ILE B 135 -26.07 -19.52 6.30
CA ILE B 135 -26.58 -20.48 7.29
C ILE B 135 -27.29 -19.71 8.40
N PRO B 136 -28.61 -19.82 8.52
CA PRO B 136 -29.33 -19.21 9.63
C PRO B 136 -29.09 -19.96 10.95
N SER B 137 -29.15 -19.20 12.03
CA SER B 137 -29.15 -19.69 13.43
C SER B 137 -30.18 -20.83 13.54
N TRP B 138 -29.78 -21.93 14.18
CA TRP B 138 -30.68 -23.07 14.40
C TRP B 138 -31.22 -23.09 15.82
N ALA B 139 -30.62 -22.33 16.76
CA ALA B 139 -31.09 -22.36 18.13
C ALA B 139 -31.36 -20.96 18.69
N GLY B 140 -31.23 -19.89 17.89
CA GLY B 140 -31.65 -18.58 18.30
C GLY B 140 -30.80 -17.98 19.40
N ASN B 141 -29.51 -18.35 19.51
CA ASN B 141 -28.70 -17.84 20.63
C ASN B 141 -27.20 -17.80 20.26
N ILE B 142 -26.85 -16.74 19.54
CA ILE B 142 -25.46 -16.41 19.16
C ILE B 142 -24.83 -17.62 18.42
N LEU B 143 -25.32 -17.88 17.18
CA LEU B 143 -24.59 -18.75 16.26
C LEU B 143 -23.14 -18.25 16.13
N ARG B 144 -22.17 -19.16 16.27
CA ARG B 144 -20.77 -18.77 16.47
C ARG B 144 -19.84 -19.93 16.11
N THR B 145 -18.54 -19.64 15.93
CA THR B 145 -17.60 -20.65 15.50
C THR B 145 -16.21 -20.44 16.13
N GLN B 146 -15.17 -20.91 15.42
CA GLN B 146 -13.91 -21.34 16.00
C GLN B 146 -13.11 -20.17 16.56
N GLU B 147 -13.00 -19.08 15.80
CA GLU B 147 -12.10 -17.95 16.06
C GLU B 147 -10.62 -18.36 15.87
N SER B 148 -10.40 -19.46 15.16
CA SER B 148 -9.06 -19.80 14.59
C SER B 148 -9.30 -20.64 13.34
N GLU B 149 -8.21 -21.09 12.70
CA GLU B 149 -8.34 -21.65 11.36
C GLU B 149 -9.02 -23.01 11.38
N CYS B 150 -9.73 -23.28 10.27
CA CYS B 150 -10.24 -24.60 9.99
C CYS B 150 -9.14 -25.40 9.23
N VAL B 151 -9.42 -26.64 8.82
CA VAL B 151 -8.44 -27.52 8.18
C VAL B 151 -9.16 -28.28 7.06
N CYS B 152 -8.47 -28.50 5.94
CA CYS B 152 -9.03 -29.06 4.74
C CYS B 152 -8.24 -30.32 4.36
N HIS B 153 -8.95 -31.30 3.76
CA HIS B 153 -8.38 -32.56 3.27
C HIS B 153 -9.13 -32.96 2.00
N LYS B 154 -8.41 -33.02 0.86
CA LYS B 154 -9.05 -33.37 -0.43
C LYS B 154 -10.26 -32.47 -0.70
N GLY B 155 -10.14 -31.19 -0.30
CA GLY B 155 -11.14 -30.18 -0.59
C GLY B 155 -12.27 -30.08 0.43
N VAL B 156 -12.32 -30.97 1.41
CA VAL B 156 -13.37 -30.96 2.43
C VAL B 156 -12.79 -30.27 3.69
N CYS B 157 -13.46 -29.19 4.11
CA CYS B 157 -13.02 -28.40 5.25
C CYS B 157 -14.12 -28.48 6.30
N PRO B 158 -13.95 -29.30 7.37
CA PRO B 158 -14.92 -29.30 8.46
C PRO B 158 -14.79 -28.06 9.33
N VAL B 159 -15.94 -27.61 9.85
CA VAL B 159 -16.00 -26.43 10.68
C VAL B 159 -16.93 -26.75 11.84
N VAL B 160 -16.49 -26.47 13.06
CA VAL B 160 -17.33 -26.68 14.23
C VAL B 160 -18.01 -25.33 14.55
N MET B 161 -19.33 -25.37 14.76
CA MET B 161 -20.15 -24.24 15.12
C MET B 161 -21.05 -24.59 16.31
N THR B 162 -21.38 -23.56 17.09
CA THR B 162 -22.27 -23.72 18.23
C THR B 162 -23.37 -22.65 18.17
N ASP B 163 -24.57 -23.02 18.62
CA ASP B 163 -25.67 -22.14 18.75
C ASP B 163 -26.41 -22.57 20.02
N GLY B 164 -26.70 -21.62 20.91
CA GLY B 164 -27.25 -22.01 22.21
C GLY B 164 -26.52 -21.32 23.35
N PRO B 165 -26.96 -21.60 24.59
CA PRO B 165 -26.39 -20.98 25.77
C PRO B 165 -24.87 -21.19 25.87
N ALA B 166 -24.20 -20.24 26.50
CA ALA B 166 -22.83 -20.31 26.85
C ALA B 166 -22.65 -20.99 28.22
N ASN B 167 -23.75 -21.20 28.95
CA ASN B 167 -23.70 -21.63 30.33
C ASN B 167 -24.65 -22.79 30.59
N ASN B 168 -24.98 -23.54 29.53
CA ASN B 168 -25.86 -24.67 29.60
C ASN B 168 -25.67 -25.45 28.30
N ARG B 169 -26.31 -26.61 28.18
CA ARG B 169 -26.26 -27.40 27.01
C ARG B 169 -26.59 -26.50 25.80
N ALA B 170 -25.84 -26.71 24.72
CA ALA B 170 -26.05 -25.96 23.49
C ALA B 170 -26.11 -26.94 22.33
N ALA B 171 -26.31 -26.41 21.11
CA ALA B 171 -26.46 -27.21 19.91
C ALA B 171 -25.26 -26.97 18.99
N THR B 172 -24.32 -27.90 19.05
CA THR B 172 -23.11 -27.83 18.25
C THR B 172 -23.28 -28.73 17.01
N LYS B 173 -22.72 -28.28 15.88
CA LYS B 173 -22.76 -29.01 14.64
CA LYS B 173 -22.76 -29.02 14.65
C LYS B 173 -21.39 -28.95 13.98
N ILE B 174 -21.06 -30.00 13.22
N ILE B 174 -21.06 -30.02 13.26
CA ILE B 174 -19.87 -30.01 12.39
CA ILE B 174 -19.93 -30.06 12.37
C ILE B 174 -20.33 -30.03 10.93
C ILE B 174 -20.49 -29.93 10.96
N ILE B 175 -20.00 -28.94 10.23
CA ILE B 175 -20.43 -28.71 8.86
C ILE B 175 -19.22 -28.88 7.96
N TYR B 176 -19.38 -29.77 6.95
CA TYR B 176 -18.33 -30.17 6.09
C TYR B 176 -18.54 -29.40 4.79
N PHE B 177 -17.59 -28.53 4.45
CA PHE B 177 -17.66 -27.69 3.26
C PHE B 177 -16.71 -28.19 2.17
N LYS B 178 -17.12 -27.96 0.90
CA LYS B 178 -16.20 -28.07 -0.24
C LYS B 178 -16.51 -26.93 -1.21
N GLU B 179 -15.50 -26.11 -1.49
CA GLU B 179 -15.65 -24.90 -2.27
C GLU B 179 -16.78 -24.02 -1.73
N GLY B 180 -16.92 -23.99 -0.37
CA GLY B 180 -17.89 -23.09 0.24
C GLY B 180 -19.30 -23.67 0.29
N LYS B 181 -19.49 -24.89 -0.23
CA LYS B 181 -20.81 -25.55 -0.28
C LYS B 181 -20.89 -26.64 0.79
N ILE B 182 -22.08 -26.81 1.35
CA ILE B 182 -22.30 -27.80 2.41
C ILE B 182 -22.38 -29.19 1.77
N GLN B 183 -21.52 -30.07 2.25
CA GLN B 183 -21.51 -31.43 1.83
C GLN B 183 -22.28 -32.30 2.82
N LYS B 184 -22.24 -31.92 4.11
CA LYS B 184 -22.84 -32.71 5.16
C LYS B 184 -22.91 -31.87 6.43
N ILE B 185 -23.92 -32.13 7.23
CA ILE B 185 -24.04 -31.50 8.55
C ILE B 185 -24.22 -32.62 9.57
N GLU B 186 -23.41 -32.60 10.64
CA GLU B 186 -23.59 -33.57 11.75
C GLU B 186 -23.87 -32.82 13.04
N GLU B 187 -24.77 -33.36 13.85
CA GLU B 187 -24.92 -32.91 15.23
C GLU B 187 -23.75 -33.49 16.02
N LEU B 188 -23.24 -32.70 16.97
CA LEU B 188 -22.19 -33.18 17.84
C LEU B 188 -22.68 -34.47 18.51
N ALA B 189 -21.79 -35.46 18.52
CA ALA B 189 -21.97 -36.74 19.25
C ALA B 189 -20.78 -36.94 20.18
N GLY B 190 -20.93 -37.94 21.05
CA GLY B 190 -19.89 -38.31 21.94
C GLY B 190 -20.03 -37.71 23.31
N ASN B 191 -18.90 -37.61 23.99
CA ASN B 191 -18.89 -37.32 25.47
C ASN B 191 -18.58 -35.85 25.82
N ALA B 192 -18.19 -35.03 24.86
CA ALA B 192 -18.03 -33.61 25.17
C ALA B 192 -19.39 -33.00 25.49
N GLN B 193 -19.49 -32.22 26.59
CA GLN B 193 -20.79 -31.74 27.08
C GLN B 193 -21.10 -30.36 26.57
N HIS B 194 -20.07 -29.63 26.13
CA HIS B 194 -20.26 -28.30 25.63
C HIS B 194 -19.04 -27.95 24.77
N ILE B 195 -19.27 -27.20 23.69
CA ILE B 195 -18.21 -26.94 22.72
C ILE B 195 -18.24 -25.46 22.32
N GLU B 196 -17.08 -24.82 22.46
CA GLU B 196 -16.87 -23.46 22.02
C GLU B 196 -15.47 -23.37 21.38
N GLU B 197 -15.36 -22.54 20.33
CA GLU B 197 -14.04 -21.94 19.96
C GLU B 197 -12.97 -23.00 19.69
N CYS B 198 -13.30 -23.96 18.85
N CYS B 198 -13.26 -23.92 18.78
CA CYS B 198 -12.37 -25.11 18.56
CA CYS B 198 -12.39 -25.06 18.51
C CYS B 198 -11.09 -24.64 17.85
C CYS B 198 -11.08 -24.62 17.83
N SER B 199 -9.96 -25.18 18.31
CA SER B 199 -8.62 -25.00 17.67
C SER B 199 -8.23 -26.32 17.04
N CYS B 200 -8.11 -26.31 15.72
CA CYS B 200 -8.06 -27.54 14.98
C CYS B 200 -6.77 -27.62 14.17
N TYR B 201 -6.28 -28.85 13.97
CA TYR B 201 -5.11 -29.12 13.08
C TYR B 201 -5.27 -30.53 12.51
N GLY B 202 -4.58 -30.79 11.39
CA GLY B 202 -4.60 -32.07 10.74
C GLY B 202 -3.23 -32.74 10.67
N ALA B 203 -3.27 -34.09 10.70
CA ALA B 203 -2.08 -34.91 10.55
C ALA B 203 -2.53 -36.35 10.29
N GLY B 204 -1.86 -37.04 9.35
CA GLY B 204 -2.15 -38.48 9.12
C GLY B 204 -3.61 -38.73 8.79
N GLY B 205 -4.22 -37.81 8.07
CA GLY B 205 -5.62 -37.94 7.59
C GLY B 205 -6.68 -37.70 8.67
N VAL B 206 -6.27 -37.21 9.85
CA VAL B 206 -7.16 -37.02 10.99
C VAL B 206 -7.12 -35.53 11.39
N ILE B 207 -8.29 -34.94 11.63
CA ILE B 207 -8.35 -33.60 12.17
C ILE B 207 -8.73 -33.67 13.63
N LYS B 208 -7.94 -33.05 14.48
CA LYS B 208 -8.30 -32.92 15.89
C LYS B 208 -8.57 -31.47 16.26
N CYS B 209 -9.68 -31.29 16.95
CA CYS B 209 -10.19 -29.99 17.40
C CYS B 209 -10.19 -29.98 18.93
N ILE B 210 -9.41 -29.08 19.52
CA ILE B 210 -9.29 -28.95 20.97
C ILE B 210 -10.07 -27.70 21.37
N CYS B 211 -11.09 -27.82 22.21
CA CYS B 211 -12.09 -26.76 22.31
C CYS B 211 -12.19 -26.23 23.75
N ARG B 212 -13.24 -25.44 24.00
CA ARG B 212 -13.53 -24.84 25.27
C ARG B 212 -14.92 -25.34 25.71
N ASP B 213 -15.00 -26.00 26.86
CA ASP B 213 -16.27 -26.32 27.48
C ASP B 213 -16.56 -25.17 28.41
N ASN B 214 -17.55 -24.34 28.03
CA ASN B 214 -17.84 -23.14 28.81
C ASN B 214 -18.87 -23.44 29.92
N TRP B 215 -19.45 -24.64 29.92
CA TRP B 215 -20.52 -25.00 30.83
C TRP B 215 -19.94 -25.63 32.11
N LYS B 216 -19.02 -26.59 31.96
CA LYS B 216 -18.58 -27.41 33.11
C LYS B 216 -17.05 -27.52 33.20
N GLY B 217 -16.45 -28.09 32.17
CA GLY B 217 -15.07 -28.62 32.27
C GLY B 217 -13.99 -27.55 32.18
N ALA B 218 -13.01 -27.70 33.07
CA ALA B 218 -11.71 -27.03 32.99
C ALA B 218 -10.70 -27.88 32.22
N ASN B 219 -11.04 -29.14 31.96
CA ASN B 219 -10.40 -29.96 30.94
C ASN B 219 -11.04 -29.58 29.58
N ARG B 220 -10.24 -29.66 28.52
CA ARG B 220 -10.70 -29.26 27.19
C ARG B 220 -11.30 -30.45 26.45
N PRO B 221 -12.49 -30.25 25.83
CA PRO B 221 -13.07 -31.21 24.90
C PRO B 221 -12.17 -31.40 23.68
N VAL B 222 -12.14 -32.64 23.13
CA VAL B 222 -11.40 -32.97 21.96
C VAL B 222 -12.38 -33.62 20.97
N ILE B 223 -12.52 -33.00 19.81
CA ILE B 223 -13.31 -33.59 18.70
C ILE B 223 -12.34 -34.15 17.68
N THR B 224 -12.52 -35.43 17.32
CA THR B 224 -11.67 -36.10 16.33
C THR B 224 -12.50 -36.33 15.05
N ILE B 225 -12.05 -35.74 13.96
CA ILE B 225 -12.81 -35.71 12.74
C ILE B 225 -12.07 -36.48 11.64
N ASP B 226 -12.85 -37.31 10.93
CA ASP B 226 -12.40 -38.00 9.72
C ASP B 226 -12.97 -37.22 8.55
N PRO B 227 -12.15 -36.44 7.81
CA PRO B 227 -12.68 -35.56 6.79
C PRO B 227 -13.00 -36.31 5.50
N GLU B 228 -12.58 -37.57 5.37
CA GLU B 228 -13.00 -38.38 4.17
C GLU B 228 -14.37 -39.00 4.40
N MET B 229 -14.55 -39.69 5.52
N MET B 229 -14.54 -39.70 5.51
CA MET B 229 -15.84 -40.30 5.86
CA MET B 229 -15.83 -40.32 5.89
C MET B 229 -16.84 -39.23 6.31
C MET B 229 -16.83 -39.23 6.31
N MET B 230 -16.31 -38.06 6.72
CA MET B 230 -17.09 -36.94 7.29
C MET B 230 -17.87 -37.44 8.51
N THR B 231 -17.13 -38.03 9.46
CA THR B 231 -17.67 -38.46 10.72
C THR B 231 -16.77 -37.96 11.84
N HIS B 232 -17.24 -38.09 13.08
CA HIS B 232 -16.44 -37.59 14.22
C HIS B 232 -16.80 -38.35 15.49
N THR B 233 -15.94 -38.15 16.49
CA THR B 233 -16.18 -38.59 17.86
C THR B 233 -15.76 -37.41 18.76
N SER B 234 -16.22 -37.41 20.00
CA SER B 234 -15.80 -36.37 20.96
C SER B 234 -15.61 -36.99 22.33
N LYS B 235 -14.72 -36.35 23.08
CA LYS B 235 -14.50 -36.70 24.52
C LYS B 235 -13.73 -35.53 25.09
N TYR B 236 -13.05 -35.74 26.22
CA TYR B 236 -12.21 -34.72 26.86
C TYR B 236 -10.75 -35.16 26.77
N LEU B 237 -9.85 -34.17 26.85
N LEU B 237 -9.84 -34.19 26.85
CA LEU B 237 -8.45 -34.49 27.10
CA LEU B 237 -8.43 -34.45 27.03
C LEU B 237 -8.41 -35.36 28.35
C LEU B 237 -8.25 -35.23 28.36
N CYS B 238 -7.56 -36.37 28.33
CA CYS B 238 -7.44 -37.31 29.50
C CYS B 238 -6.64 -36.69 30.64
N SER B 239 -5.62 -35.90 30.31
CA SER B 239 -4.61 -35.49 31.26
C SER B 239 -5.21 -34.75 32.46
N LYS B 240 -4.62 -34.99 33.65
CA LYS B 240 -4.88 -34.22 34.85
C LYS B 240 -4.43 -32.76 34.74
N VAL B 241 -3.59 -32.44 33.75
CA VAL B 241 -3.14 -31.06 33.54
C VAL B 241 -4.28 -30.29 32.87
N LEU B 242 -5.01 -29.48 33.67
CA LEU B 242 -6.17 -28.79 33.20
C LEU B 242 -5.73 -27.51 32.47
N THR B 243 -6.38 -27.23 31.34
CA THR B 243 -5.81 -26.21 30.44
C THR B 243 -6.82 -25.09 30.10
N ASP B 244 -8.05 -25.15 30.60
CA ASP B 244 -8.95 -24.00 30.48
C ASP B 244 -8.63 -22.96 31.58
N THR B 245 -9.29 -21.78 31.50
CA THR B 245 -9.19 -20.71 32.47
C THR B 245 -10.59 -20.14 32.61
N SER B 246 -11.17 -20.05 33.82
CA SER B 246 -10.55 -20.37 35.09
C SER B 246 -10.63 -21.88 35.31
N ARG B 247 -9.68 -22.38 36.11
CA ARG B 247 -9.60 -23.79 36.45
C ARG B 247 -9.23 -23.97 37.92
N PRO B 248 -9.57 -25.13 38.50
CA PRO B 248 -9.09 -25.48 39.82
C PRO B 248 -7.65 -25.97 39.66
N ASN B 249 -7.03 -26.32 40.80
CA ASN B 249 -5.77 -27.04 40.79
C ASN B 249 -5.93 -28.36 40.05
N ASP B 250 -4.85 -28.78 39.37
CA ASP B 250 -4.79 -30.04 38.70
C ASP B 250 -5.09 -31.12 39.72
N PRO B 251 -6.02 -32.04 39.43
CA PRO B 251 -6.30 -33.17 40.29
C PRO B 251 -5.29 -34.31 40.12
N THR B 252 -5.43 -35.35 40.95
CA THR B 252 -4.61 -36.53 40.85
C THR B 252 -4.76 -37.18 39.48
N ASN B 253 -6.00 -37.27 39.01
CA ASN B 253 -6.33 -37.90 37.75
C ASN B 253 -7.24 -36.97 36.94
N GLY B 254 -7.00 -36.93 35.62
CA GLY B 254 -7.99 -36.33 34.77
C GLY B 254 -9.12 -37.32 34.45
N ASN B 255 -9.91 -36.98 33.44
CA ASN B 255 -11.06 -37.78 33.04
C ASN B 255 -11.26 -37.58 31.55
N CYS B 256 -11.13 -38.69 30.82
N CYS B 256 -11.16 -38.64 30.74
CA CYS B 256 -11.25 -38.76 29.37
CA CYS B 256 -11.28 -38.36 29.32
C CYS B 256 -12.69 -38.46 28.90
C CYS B 256 -12.73 -38.44 28.85
N ASP B 257 -13.67 -38.78 29.74
CA ASP B 257 -15.06 -38.93 29.26
C ASP B 257 -16.06 -38.01 29.96
N ALA B 258 -15.58 -37.14 30.83
CA ALA B 258 -16.46 -36.24 31.56
C ALA B 258 -15.67 -35.01 31.96
N PRO B 259 -16.36 -33.86 32.15
CA PRO B 259 -15.67 -32.65 32.58
C PRO B 259 -15.14 -32.76 34.01
N ILE B 260 -13.97 -32.17 34.20
CA ILE B 260 -13.40 -31.85 35.52
C ILE B 260 -13.80 -30.42 35.80
N THR B 261 -14.69 -30.24 36.80
CA THR B 261 -15.27 -28.93 37.06
C THR B 261 -14.52 -28.16 38.13
N GLY B 262 -14.89 -26.89 38.28
CA GLY B 262 -14.35 -25.98 39.29
C GLY B 262 -13.64 -24.79 38.67
N GLY B 263 -13.01 -23.99 39.52
CA GLY B 263 -12.32 -22.79 39.10
C GLY B 263 -13.19 -21.56 39.30
N SER B 264 -12.55 -20.39 39.37
CA SER B 264 -13.18 -19.10 39.60
C SER B 264 -12.29 -17.99 39.06
N PRO B 265 -12.85 -16.90 38.52
CA PRO B 265 -14.28 -16.61 38.41
C PRO B 265 -14.91 -16.85 37.02
N ASP B 266 -14.09 -17.28 36.05
CA ASP B 266 -14.54 -17.30 34.62
C ASP B 266 -14.70 -18.72 34.10
N PRO B 267 -15.69 -18.95 33.23
CA PRO B 267 -15.99 -20.29 32.74
C PRO B 267 -15.11 -20.86 31.61
N GLY B 268 -14.29 -20.01 30.97
CA GLY B 268 -13.43 -20.55 29.95
C GLY B 268 -12.71 -19.50 29.12
N VAL B 269 -11.81 -20.03 28.28
CA VAL B 269 -11.02 -19.25 27.33
C VAL B 269 -10.71 -20.16 26.15
N LYS B 270 -10.66 -19.61 24.93
CA LYS B 270 -10.21 -20.40 23.82
C LYS B 270 -8.75 -20.82 24.03
N GLY B 271 -8.47 -22.09 23.73
CA GLY B 271 -7.10 -22.64 23.75
C GLY B 271 -6.94 -23.78 22.80
N PHE B 272 -5.84 -24.52 22.93
CA PHE B 272 -5.42 -25.51 21.95
C PHE B 272 -4.48 -26.54 22.59
N ALA B 273 -4.27 -27.63 21.86
CA ALA B 273 -3.21 -28.60 22.16
C ALA B 273 -2.85 -29.32 20.87
N PHE B 274 -1.64 -29.90 20.84
CA PHE B 274 -1.25 -30.87 19.82
C PHE B 274 -1.08 -32.23 20.50
N LEU B 275 -1.76 -33.24 19.95
CA LEU B 275 -1.88 -34.55 20.58
C LEU B 275 -1.33 -35.61 19.62
N ASP B 276 -0.21 -36.20 20.01
CA ASP B 276 0.50 -37.12 19.15
C ASP B 276 1.32 -38.04 20.04
N GLY B 277 0.62 -38.75 20.93
CA GLY B 277 1.28 -39.72 21.79
C GLY B 277 2.30 -39.01 22.67
N GLU B 278 3.55 -39.47 22.65
CA GLU B 278 4.60 -38.88 23.48
C GLU B 278 4.86 -37.44 23.05
N ASN B 279 4.57 -37.14 21.78
CA ASN B 279 4.85 -35.85 21.16
C ASN B 279 3.64 -34.94 21.35
N SER B 280 3.21 -34.73 22.59
CA SER B 280 1.98 -33.95 22.85
C SER B 280 2.33 -32.74 23.69
N TRP B 281 1.74 -31.59 23.32
CA TRP B 281 1.93 -30.32 23.96
C TRP B 281 0.60 -29.65 24.24
N LEU B 282 0.45 -29.18 25.48
CA LEU B 282 -0.71 -28.44 25.93
C LEU B 282 -0.30 -27.00 26.23
N GLY B 283 -1.05 -26.06 25.67
CA GLY B 283 -0.93 -24.70 26.08
C GLY B 283 -1.93 -24.35 27.18
N ARG B 284 -1.57 -23.40 28.05
CA ARG B 284 -2.53 -22.79 28.95
C ARG B 284 -1.99 -21.46 29.51
N THR B 285 -2.91 -20.65 30.04
CA THR B 285 -2.54 -19.48 30.83
C THR B 285 -1.79 -19.93 32.08
N ILE B 286 -0.86 -19.10 32.54
CA ILE B 286 -0.10 -19.49 33.74
C ILE B 286 -1.01 -19.35 34.97
N SER B 287 -1.73 -18.24 35.06
CA SER B 287 -2.72 -18.10 36.15
C SER B 287 -3.82 -19.15 35.94
N LYS B 288 -4.27 -19.70 37.03
N LYS B 288 -4.31 -19.69 37.03
N LYS B 288 -4.32 -19.71 37.05
CA LYS B 288 -5.41 -20.58 37.07
CA LYS B 288 -5.45 -20.64 36.91
CA LYS B 288 -5.46 -20.66 37.00
C LYS B 288 -6.72 -19.79 36.93
C LYS B 288 -6.75 -19.84 37.02
C LYS B 288 -6.76 -19.88 37.05
N ASP B 289 -6.67 -18.58 37.35
CA ASP B 289 -7.87 -17.73 37.49
C ASP B 289 -8.04 -16.80 36.28
N SER B 290 -7.00 -16.10 35.87
N SER B 290 -7.01 -16.12 35.84
CA SER B 290 -7.04 -14.97 34.95
CA SER B 290 -7.12 -15.02 34.91
C SER B 290 -6.31 -15.30 33.65
C SER B 290 -6.31 -15.29 33.64
N ARG B 291 -6.61 -14.52 32.60
CA ARG B 291 -5.94 -14.62 31.32
C ARG B 291 -4.60 -13.87 31.39
N SER B 292 -3.70 -14.46 32.17
N SER B 292 -3.73 -14.33 32.29
CA SER B 292 -2.42 -13.94 32.52
CA SER B 292 -2.37 -13.80 32.44
C SER B 292 -1.36 -15.00 32.24
C SER B 292 -1.37 -14.95 32.25
N GLY B 293 -0.26 -14.62 31.58
CA GLY B 293 0.80 -15.54 31.27
C GLY B 293 0.39 -16.55 30.23
N TYR B 294 1.39 -17.32 29.76
CA TYR B 294 1.10 -18.37 28.87
C TYR B 294 2.28 -19.34 28.92
N GLU B 295 1.99 -20.64 28.98
CA GLU B 295 3.00 -21.65 29.04
C GLU B 295 2.64 -22.83 28.13
N MET B 296 3.68 -23.46 27.58
CA MET B 296 3.56 -24.67 26.80
C MET B 296 4.12 -25.81 27.66
N LEU B 297 3.37 -26.91 27.76
CA LEU B 297 3.69 -28.06 28.62
C LEU B 297 3.72 -29.31 27.75
N LYS B 298 4.85 -30.00 27.76
CA LYS B 298 4.93 -31.24 27.05
C LYS B 298 4.41 -32.35 27.98
N VAL B 299 3.32 -32.98 27.58
CA VAL B 299 2.56 -33.89 28.41
C VAL B 299 2.37 -35.16 27.61
N PRO B 300 3.34 -36.09 27.66
CA PRO B 300 3.21 -37.32 26.90
C PRO B 300 1.86 -38.01 27.16
N ASN B 301 1.21 -38.43 26.09
CA ASN B 301 0.00 -39.22 26.18
C ASN B 301 -1.14 -38.46 26.83
N ALA B 302 -1.15 -37.11 26.72
CA ALA B 302 -2.22 -36.29 27.30
C ALA B 302 -3.60 -36.75 26.79
N GLU B 303 -3.65 -37.25 25.55
CA GLU B 303 -4.92 -37.61 24.93
C GLU B 303 -5.49 -38.91 25.54
N THR B 304 -4.66 -39.76 26.15
CA THR B 304 -5.09 -41.13 26.48
C THR B 304 -4.83 -41.50 27.94
N ASP B 305 -4.02 -40.73 28.67
CA ASP B 305 -3.55 -41.12 30.00
C ASP B 305 -4.01 -40.10 31.05
N ILE B 306 -4.95 -40.48 31.90
CA ILE B 306 -5.47 -39.60 32.95
C ILE B 306 -4.39 -39.21 33.97
N GLN B 307 -3.25 -39.91 34.04
CA GLN B 307 -2.22 -39.54 35.02
C GLN B 307 -1.07 -38.74 34.39
N SER B 308 -1.18 -38.46 33.09
CA SER B 308 -0.13 -37.78 32.36
C SER B 308 0.11 -36.36 32.92
N GLY B 309 1.39 -36.06 33.19
CA GLY B 309 1.84 -34.75 33.60
C GLY B 309 2.98 -34.23 32.72
N PRO B 310 3.42 -32.99 33.00
CA PRO B 310 4.42 -32.31 32.17
C PRO B 310 5.83 -32.87 32.39
N ILE B 311 6.58 -33.00 31.30
CA ILE B 311 7.99 -33.33 31.39
C ILE B 311 8.89 -32.17 30.95
N SER B 312 8.33 -31.13 30.35
N SER B 312 8.30 -31.09 30.46
N SER B 312 8.28 -31.13 30.37
CA SER B 312 9.07 -29.92 30.02
CA SER B 312 9.06 -29.93 30.07
CA SER B 312 8.91 -29.95 29.81
C SER B 312 8.05 -28.78 29.89
C SER B 312 8.06 -28.79 29.82
C SER B 312 7.98 -28.75 30.01
N ASN B 313 8.54 -27.56 30.01
CA ASN B 313 7.72 -26.38 29.94
C ASN B 313 8.51 -25.29 29.23
N GLN B 314 7.76 -24.44 28.54
CA GLN B 314 8.32 -23.21 27.99
C GLN B 314 7.35 -22.08 28.30
N VAL B 315 7.85 -21.07 29.01
CA VAL B 315 7.10 -19.86 29.24
C VAL B 315 7.11 -19.02 27.95
N ILE B 316 5.91 -18.71 27.46
CA ILE B 316 5.70 -17.93 26.22
C ILE B 316 5.46 -16.46 26.57
N VAL B 317 4.63 -16.24 27.58
CA VAL B 317 4.31 -14.93 28.13
C VAL B 317 4.43 -15.04 29.65
N ASN B 318 5.22 -14.16 30.24
CA ASN B 318 5.35 -14.28 31.72
C ASN B 318 4.04 -13.90 32.43
N ASN B 319 3.95 -14.38 33.67
CA ASN B 319 2.71 -14.24 34.38
C ASN B 319 2.51 -12.80 34.90
N GLN B 320 3.41 -11.84 34.61
CA GLN B 320 3.17 -10.45 34.93
C GLN B 320 2.54 -9.74 33.72
N ASN B 321 2.18 -10.50 32.67
CA ASN B 321 1.66 -9.90 31.45
C ASN B 321 0.36 -10.60 31.06
N TRP B 322 -0.48 -9.86 30.34
CA TRP B 322 -1.78 -10.36 29.94
C TRP B 322 -1.64 -11.23 28.68
N SER B 323 -2.42 -12.31 28.64
CA SER B 323 -2.54 -13.20 27.47
C SER B 323 -3.99 -13.08 26.99
N GLY B 324 -4.65 -14.19 26.69
CA GLY B 324 -5.92 -14.15 25.99
C GLY B 324 -6.15 -15.47 25.31
N TYR B 325 -6.91 -15.41 24.21
CA TYR B 325 -7.16 -16.59 23.39
C TYR B 325 -5.86 -17.16 22.84
N SER B 326 -5.84 -18.46 22.60
CA SER B 326 -4.73 -19.10 21.89
C SER B 326 -5.30 -20.17 20.95
N GLY B 327 -4.56 -20.47 19.87
CA GLY B 327 -5.08 -21.36 18.82
C GLY B 327 -3.98 -21.98 17.99
N ALA B 328 -4.32 -23.06 17.29
CA ALA B 328 -3.43 -23.89 16.48
C ALA B 328 -3.52 -23.41 15.04
N PHE B 329 -2.38 -23.50 14.33
CA PHE B 329 -2.35 -23.47 12.86
C PHE B 329 -1.08 -24.20 12.43
N ILE B 330 -1.05 -24.59 11.15
CA ILE B 330 0.12 -25.28 10.56
C ILE B 330 0.32 -24.72 9.16
N ASP B 331 1.58 -24.44 8.80
CA ASP B 331 1.90 -24.23 7.42
C ASP B 331 1.91 -25.59 6.73
N TYR B 332 0.74 -26.00 6.22
CA TYR B 332 0.61 -27.30 5.56
C TYR B 332 1.38 -27.35 4.22
N TRP B 333 1.89 -26.22 3.75
CA TRP B 333 2.57 -26.16 2.45
C TRP B 333 4.07 -25.99 2.60
N ALA B 334 4.59 -26.18 3.83
CA ALA B 334 6.04 -26.08 4.04
C ALA B 334 6.75 -27.18 3.25
N ASN B 335 8.04 -26.98 2.95
CA ASN B 335 8.85 -27.97 2.23
C ASN B 335 9.51 -28.88 3.27
N LYS B 336 8.70 -29.72 3.90
N LYS B 336 8.71 -29.68 3.96
CA LYS B 336 9.06 -30.54 5.04
CA LYS B 336 9.17 -30.61 4.97
C LYS B 336 8.32 -31.86 4.87
C LYS B 336 8.31 -31.86 4.90
N GLU B 337 8.84 -32.97 5.41
CA GLU B 337 8.18 -34.25 5.34
C GLU B 337 7.13 -34.45 6.44
N CYS B 338 7.08 -33.54 7.41
CA CYS B 338 6.12 -33.58 8.48
C CYS B 338 5.44 -32.20 8.56
N PHE B 339 4.25 -32.17 9.16
CA PHE B 339 3.55 -30.92 9.46
C PHE B 339 3.97 -30.40 10.84
N ASN B 340 4.49 -29.19 10.86
CA ASN B 340 5.10 -28.63 12.11
C ASN B 340 4.04 -27.82 12.86
N PRO B 341 3.69 -28.23 14.09
CA PRO B 341 2.77 -27.43 14.89
C PRO B 341 3.21 -25.98 15.04
N CYS B 342 2.24 -25.08 15.01
CA CYS B 342 2.37 -23.65 15.31
C CYS B 342 1.17 -23.24 16.15
N PHE B 343 1.34 -22.15 16.89
CA PHE B 343 0.26 -21.59 17.66
C PHE B 343 0.48 -20.11 17.84
N TYR B 344 -0.60 -19.43 18.20
CA TYR B 344 -0.54 -18.01 18.55
C TYR B 344 -1.15 -17.80 19.93
N VAL B 345 -0.74 -16.68 20.55
CA VAL B 345 -1.35 -16.16 21.75
C VAL B 345 -1.79 -14.73 21.46
N GLU B 346 -3.06 -14.47 21.74
CA GLU B 346 -3.64 -13.14 21.75
C GLU B 346 -3.21 -12.43 23.02
N LEU B 347 -2.63 -11.24 22.88
CA LEU B 347 -2.16 -10.49 24.03
C LEU B 347 -3.11 -9.33 24.26
N ILE B 348 -4.10 -9.55 25.14
CA ILE B 348 -5.20 -8.58 25.30
C ILE B 348 -4.71 -7.42 26.18
N ARG B 349 -4.92 -6.17 25.72
CA ARG B 349 -4.65 -4.98 26.45
C ARG B 349 -5.96 -4.18 26.63
N GLY B 350 -6.00 -3.41 27.71
CA GLY B 350 -7.17 -2.59 28.01
C GLY B 350 -8.20 -3.36 28.83
N ARG B 351 -9.47 -3.04 28.63
CA ARG B 351 -10.52 -3.56 29.53
C ARG B 351 -10.77 -5.06 29.36
N PRO B 352 -11.23 -5.76 30.42
CA PRO B 352 -11.48 -5.14 31.74
C PRO B 352 -10.31 -5.10 32.70
N LYS B 353 -9.22 -5.81 32.38
CA LYS B 353 -8.13 -5.91 33.35
C LYS B 353 -7.39 -4.59 33.51
N GLU B 354 -7.35 -3.75 32.47
CA GLU B 354 -6.68 -2.44 32.53
C GLU B 354 -7.72 -1.35 32.29
N SER B 355 -8.35 -0.87 33.36
CA SER B 355 -9.54 -0.05 33.20
C SER B 355 -9.20 1.44 33.16
N SER B 356 -7.91 1.80 33.08
CA SER B 356 -7.47 3.16 32.93
C SER B 356 -7.65 3.67 31.48
N VAL B 357 -7.96 2.76 30.54
CA VAL B 357 -8.34 3.16 29.18
C VAL B 357 -9.77 2.69 28.92
N LEU B 358 -10.35 3.21 27.82
CA LEU B 358 -11.76 2.99 27.51
C LEU B 358 -11.96 1.85 26.51
N TRP B 359 -10.85 1.27 26.04
CA TRP B 359 -10.85 0.33 24.93
C TRP B 359 -10.35 -1.04 25.38
N THR B 360 -10.62 -2.04 24.53
CA THR B 360 -10.04 -3.37 24.60
C THR B 360 -9.47 -3.68 23.23
N SER B 361 -8.21 -4.15 23.13
CA SER B 361 -7.66 -4.62 21.87
C SER B 361 -6.63 -5.68 22.18
N ASN B 362 -5.81 -6.02 21.20
CA ASN B 362 -4.81 -7.06 21.41
C ASN B 362 -3.65 -6.87 20.44
N SER B 363 -2.55 -7.58 20.74
CA SER B 363 -1.55 -7.85 19.74
C SER B 363 -1.38 -9.35 19.63
N ILE B 364 -0.47 -9.78 18.74
CA ILE B 364 -0.30 -11.21 18.45
C ILE B 364 1.16 -11.60 18.62
N VAL B 365 1.39 -12.79 19.18
CA VAL B 365 2.67 -13.50 19.02
C VAL B 365 2.36 -14.92 18.51
N ALA B 366 3.24 -15.46 17.66
CA ALA B 366 3.09 -16.77 17.11
C ALA B 366 4.44 -17.49 17.14
N LEU B 367 4.37 -18.77 17.44
CA LEU B 367 5.57 -19.66 17.54
C LEU B 367 5.29 -20.98 16.83
N CYS B 368 6.36 -21.68 16.44
N CYS B 368 6.37 -21.65 16.39
CA CYS B 368 6.21 -23.00 15.88
CA CYS B 368 6.26 -22.96 15.77
C CYS B 368 7.22 -23.94 16.51
C CYS B 368 7.22 -23.92 16.49
N GLY B 369 7.01 -25.22 16.29
CA GLY B 369 7.84 -26.26 16.93
C GLY B 369 9.26 -26.24 16.39
N SER B 370 10.19 -26.64 17.27
CA SER B 370 11.55 -26.98 16.92
C SER B 370 11.83 -28.36 17.48
N LYS B 371 12.68 -29.10 16.79
CA LYS B 371 13.23 -30.36 17.32
C LYS B 371 14.40 -30.08 18.26
N LYS B 372 15.01 -28.90 18.17
CA LYS B 372 16.09 -28.48 19.06
C LYS B 372 15.54 -28.10 20.43
N ARG B 373 16.46 -27.81 21.36
CA ARG B 373 16.13 -27.31 22.66
C ARG B 373 16.58 -25.84 22.67
N LEU B 374 15.64 -24.97 22.34
CA LEU B 374 15.93 -23.59 22.20
C LEU B 374 15.69 -22.90 23.53
N GLY B 375 16.47 -21.85 23.77
CA GLY B 375 16.20 -20.93 24.84
C GLY B 375 14.92 -20.14 24.62
N SER B 376 14.38 -19.55 25.68
CA SER B 376 13.13 -18.80 25.53
C SER B 376 13.13 -17.50 26.35
N TRP B 377 12.31 -16.53 25.93
CA TRP B 377 11.95 -15.41 26.79
C TRP B 377 10.48 -15.09 26.53
N SER B 378 9.99 -14.17 27.33
CA SER B 378 8.60 -13.72 27.31
C SER B 378 8.34 -12.77 26.14
N TRP B 379 7.32 -13.12 25.33
CA TRP B 379 6.88 -12.37 24.17
C TRP B 379 5.58 -11.60 24.49
N HIS B 380 5.60 -10.84 25.57
CA HIS B 380 4.46 -10.04 26.02
C HIS B 380 4.22 -8.90 25.03
N ASP B 381 3.10 -8.23 25.23
CA ASP B 381 2.64 -7.26 24.24
C ASP B 381 3.66 -6.12 24.10
N GLY B 382 4.09 -5.53 25.23
CA GLY B 382 5.17 -4.56 25.26
C GLY B 382 4.74 -3.08 25.27
N ALA B 383 3.45 -2.79 25.25
CA ALA B 383 2.99 -1.42 25.33
C ALA B 383 2.91 -0.98 26.80
N GLU B 384 3.15 0.33 27.01
N GLU B 384 3.26 0.29 27.04
N GLU B 384 3.05 0.34 26.99
CA GLU B 384 3.01 0.98 28.29
CA GLU B 384 3.01 0.99 28.31
CA GLU B 384 3.00 0.99 28.27
C GLU B 384 1.61 1.60 28.34
C GLU B 384 1.59 1.55 28.28
C GLU B 384 1.62 1.64 28.38
N ILE B 385 0.74 1.07 29.21
CA ILE B 385 -0.62 1.57 29.30
C ILE B 385 -0.63 3.04 29.71
N ILE B 386 0.38 3.49 30.47
N ILE B 386 0.37 3.51 30.48
CA ILE B 386 0.43 4.86 30.92
CA ILE B 386 0.35 4.91 30.92
C ILE B 386 0.43 5.85 29.75
C ILE B 386 0.37 5.86 29.71
N TYR B 387 1.03 5.46 28.62
CA TYR B 387 1.10 6.32 27.44
C TYR B 387 -0.29 6.56 26.82
N PHE B 388 -1.26 5.69 27.13
CA PHE B 388 -2.61 5.75 26.61
C PHE B 388 -3.52 6.51 27.58
N GLU B 389 -3.01 6.92 28.73
CA GLU B 389 -3.80 7.63 29.74
C GLU B 389 -3.79 9.14 29.48
N ARG C 1 5.57 -7.31 -26.06
CA ARG C 1 6.48 -6.21 -25.50
C ARG C 1 7.59 -5.90 -26.50
N THR C 2 7.68 -4.64 -26.89
CA THR C 2 8.50 -4.24 -28.00
C THR C 2 8.90 -2.77 -27.84
N PHE C 3 9.98 -2.33 -28.48
CA PHE C 3 10.32 -0.94 -28.45
C PHE C 3 9.24 -0.08 -29.12
N LEU C 4 8.94 1.07 -28.51
CA LEU C 4 8.05 2.02 -29.10
C LEU C 4 8.73 2.63 -30.33
N ASN C 5 7.96 2.72 -31.40
CA ASN C 5 8.36 3.46 -32.60
C ASN C 5 7.36 4.59 -32.79
N LEU C 6 7.90 5.76 -33.12
CA LEU C 6 7.12 6.99 -33.27
C LEU C 6 6.46 7.05 -34.67
N THR C 7 5.59 6.10 -34.90
CA THR C 7 5.08 5.80 -36.28
C THR C 7 3.77 6.55 -36.59
N LYS C 8 3.21 7.26 -35.62
CA LYS C 8 1.88 7.88 -35.75
C LYS C 8 2.01 9.39 -35.77
N PRO C 9 1.07 10.07 -36.43
CA PRO C 9 1.01 11.53 -36.38
C PRO C 9 0.29 11.95 -35.09
N LEU C 10 0.32 13.25 -34.79
CA LEU C 10 -0.46 13.81 -33.69
C LEU C 10 -1.93 13.80 -34.07
N CYS C 11 -2.75 13.54 -33.07
CA CYS C 11 -4.18 13.64 -33.22
C CYS C 11 -4.57 15.11 -33.39
N GLU C 12 -5.61 15.34 -34.17
CA GLU C 12 -6.27 16.66 -34.20
C GLU C 12 -6.80 17.03 -32.82
N VAL C 13 -6.53 18.26 -32.40
CA VAL C 13 -6.96 18.77 -31.13
C VAL C 13 -7.72 20.08 -31.34
N ASN C 14 -8.97 20.09 -30.85
CA ASN C 14 -9.81 21.27 -30.89
C ASN C 14 -10.12 21.81 -29.49
N SER C 15 -9.94 21.02 -28.43
CA SER C 15 -10.13 21.42 -27.06
C SER C 15 -9.38 20.39 -26.19
N TRP C 16 -9.44 20.57 -24.87
CA TRP C 16 -8.67 19.76 -23.92
C TRP C 16 -9.64 19.21 -22.88
N HIS C 17 -9.54 17.89 -22.62
CA HIS C 17 -10.37 17.26 -21.59
C HIS C 17 -9.50 16.97 -20.37
N ILE C 18 -10.17 16.90 -19.21
CA ILE C 18 -9.49 16.57 -17.94
C ILE C 18 -9.02 15.09 -17.94
N LEU C 19 -7.73 14.89 -17.63
CA LEU C 19 -7.13 13.55 -17.52
C LEU C 19 -6.97 13.17 -16.05
N SER C 20 -6.32 14.03 -15.26
CA SER C 20 -6.05 13.73 -13.88
C SER C 20 -5.84 15.01 -13.10
N LYS C 21 -6.05 14.90 -11.80
CA LYS C 21 -5.78 15.94 -10.86
C LYS C 21 -5.53 15.25 -9.54
N ASP C 22 -4.49 15.67 -8.79
CA ASP C 22 -4.22 14.96 -7.52
C ASP C 22 -4.61 15.69 -6.25
N ASN C 23 -4.95 16.98 -6.30
CA ASN C 23 -5.43 17.66 -5.17
C ASN C 23 -4.48 17.49 -3.96
N ALA C 24 -3.17 17.55 -4.20
CA ALA C 24 -2.22 17.10 -3.22
C ALA C 24 -2.17 18.05 -2.02
N ILE C 25 -2.28 19.36 -2.26
CA ILE C 25 -2.16 20.31 -1.16
C ILE C 25 -3.41 20.26 -0.28
N ARG C 26 -4.60 20.19 -0.91
CA ARG C 26 -5.83 19.97 -0.12
C ARG C 26 -5.72 18.73 0.78
N ILE C 27 -5.31 17.60 0.20
CA ILE C 27 -5.24 16.35 0.93
C ILE C 27 -4.13 16.43 1.97
N GLY C 28 -2.98 16.95 1.55
CA GLY C 28 -1.76 17.12 2.40
C GLY C 28 -1.90 18.06 3.58
N GLU C 29 -3.00 18.83 3.63
CA GLU C 29 -3.27 19.61 4.82
C GLU C 29 -3.44 18.71 6.04
N ASP C 30 -3.85 17.45 5.86
CA ASP C 30 -4.11 16.59 7.00
C ASP C 30 -3.46 15.20 6.81
N ALA C 31 -3.20 14.78 5.59
CA ALA C 31 -2.70 13.40 5.35
C ALA C 31 -1.21 13.53 5.13
N HIS C 32 -0.50 12.41 5.07
CA HIS C 32 0.97 12.48 5.02
C HIS C 32 1.36 12.58 3.54
N ILE C 33 1.47 13.79 3.04
CA ILE C 33 1.73 14.03 1.63
C ILE C 33 3.10 14.67 1.55
N LEU C 34 3.96 14.14 0.67
CA LEU C 34 5.29 14.69 0.47
C LEU C 34 5.22 16.09 -0.15
N VAL C 35 6.16 16.93 0.30
CA VAL C 35 6.45 18.16 -0.41
C VAL C 35 7.15 17.82 -1.73
N THR C 36 6.71 18.48 -2.80
CA THR C 36 7.27 18.27 -4.13
C THR C 36 7.47 19.62 -4.83
N ARG C 37 8.06 19.52 -6.01
CA ARG C 37 7.95 20.52 -7.10
C ARG C 37 8.49 19.83 -8.35
N GLU C 38 8.46 20.53 -9.48
CA GLU C 38 8.88 20.04 -10.78
C GLU C 38 8.24 18.69 -11.11
N PRO C 39 6.89 18.63 -11.12
CA PRO C 39 6.18 17.41 -11.44
C PRO C 39 6.12 17.19 -12.95
N TYR C 40 5.66 16.01 -13.31
CA TYR C 40 5.34 15.68 -14.71
C TYR C 40 4.57 14.38 -14.72
N LEU C 41 4.18 13.91 -15.92
CA LEU C 41 3.60 12.60 -16.08
C LEU C 41 4.34 11.88 -17.20
N SER C 42 4.36 10.56 -17.13
CA SER C 42 4.93 9.74 -18.14
C SER C 42 4.22 8.39 -18.17
N CYS C 43 4.02 7.86 -19.38
CA CYS C 43 3.21 6.68 -19.58
C CYS C 43 4.11 5.49 -19.95
N ASP C 44 3.50 4.30 -19.96
CA ASP C 44 4.14 3.06 -20.34
C ASP C 44 3.05 2.15 -20.90
N PRO C 45 3.39 0.95 -21.38
CA PRO C 45 2.35 0.08 -21.93
C PRO C 45 1.15 -0.17 -21.01
N GLN C 46 1.34 -0.08 -19.67
CA GLN C 46 0.29 -0.46 -18.73
C GLN C 46 -0.53 0.77 -18.29
N GLY C 47 0.00 1.97 -18.44
CA GLY C 47 -0.76 3.11 -17.95
C GLY C 47 0.14 4.32 -17.77
N CYS C 48 -0.36 5.34 -17.07
N CYS C 48 -0.33 5.24 -16.93
CA CYS C 48 0.42 6.55 -16.88
CA CYS C 48 0.28 6.51 -16.77
C CYS C 48 0.65 6.78 -15.38
C CYS C 48 0.65 6.75 -15.31
N ARG C 49 1.77 7.42 -15.07
CA ARG C 49 2.19 7.72 -13.72
C ARG C 49 2.55 9.21 -13.58
N MET C 50 2.38 9.68 -12.36
CA MET C 50 2.81 11.02 -11.98
C MET C 50 4.24 10.89 -11.41
N PHE C 51 5.02 11.94 -11.65
CA PHE C 51 6.42 12.05 -11.25
C PHE C 51 6.64 13.43 -10.64
N ALA C 52 7.60 13.55 -9.72
CA ALA C 52 8.00 14.88 -9.22
C ALA C 52 9.27 14.71 -8.38
N LEU C 53 9.88 15.85 -8.07
CA LEU C 53 11.02 15.88 -7.15
C LEU C 53 10.53 16.11 -5.74
N SER C 54 10.59 15.04 -4.95
CA SER C 54 10.32 15.18 -3.51
C SER C 54 11.34 16.11 -2.86
N GLN C 55 10.94 16.69 -1.74
CA GLN C 55 11.83 17.41 -0.86
C GLN C 55 12.16 16.59 0.39
N GLY C 56 11.74 15.34 0.45
CA GLY C 56 12.17 14.48 1.59
C GLY C 56 11.56 14.92 2.93
N THR C 57 10.30 15.35 2.88
CA THR C 57 9.53 15.82 4.02
C THR C 57 8.06 15.83 3.63
N THR C 58 7.18 15.64 4.62
CA THR C 58 5.76 15.85 4.37
C THR C 58 5.45 17.35 4.45
N LEU C 59 4.28 17.67 3.91
CA LEU C 59 3.81 19.06 3.79
C LEU C 59 3.52 19.69 5.16
N ARG C 60 2.92 18.95 6.10
CA ARG C 60 2.63 19.44 7.43
C ARG C 60 3.83 19.22 8.35
N GLY C 61 4.86 18.50 7.88
CA GLY C 61 6.02 18.29 8.68
C GLY C 61 6.80 19.57 8.94
N ARG C 62 7.52 19.63 10.07
CA ARG C 62 8.36 20.81 10.38
CA ARG C 62 8.32 20.84 10.37
C ARG C 62 9.44 21.01 9.33
N HIS C 63 9.85 19.91 8.66
CA HIS C 63 10.92 20.01 7.65
C HIS C 63 10.43 20.60 6.32
N ALA C 64 9.14 20.88 6.20
CA ALA C 64 8.64 21.64 5.05
C ALA C 64 9.21 23.08 5.07
N ASN C 65 9.58 23.56 6.26
CA ASN C 65 10.17 24.89 6.40
C ASN C 65 11.47 24.95 5.58
N GLY C 66 11.53 25.87 4.61
CA GLY C 66 12.75 26.03 3.80
C GLY C 66 12.69 25.36 2.43
N THR C 67 11.53 24.75 2.10
CA THR C 67 11.41 24.01 0.83
C THR C 67 11.27 24.90 -0.43
N ILE C 68 11.35 26.24 -0.29
CA ILE C 68 11.60 27.10 -1.48
C ILE C 68 12.91 26.70 -2.20
N HIS C 69 13.89 26.19 -1.44
N HIS C 69 13.91 26.24 -1.43
CA HIS C 69 15.22 25.94 -1.98
CA HIS C 69 15.27 25.89 -1.93
C HIS C 69 15.18 24.75 -2.96
C HIS C 69 15.15 24.77 -2.97
N ASP C 70 15.84 24.93 -4.11
CA ASP C 70 15.72 24.00 -5.20
C ASP C 70 16.56 22.73 -4.99
N ARG C 71 17.74 22.84 -4.35
CA ARG C 71 18.71 21.74 -4.42
C ARG C 71 19.14 21.38 -3.02
N SER C 72 18.98 20.10 -2.69
CA SER C 72 19.42 19.61 -1.39
C SER C 72 19.74 18.14 -1.56
N PRO C 73 20.46 17.54 -0.60
CA PRO C 73 20.66 16.09 -0.62
C PRO C 73 19.44 15.25 -0.24
N PHE C 74 18.30 15.90 0.02
CA PHE C 74 17.10 15.24 0.52
C PHE C 74 16.05 15.07 -0.56
N ARG C 75 16.37 15.53 -1.77
CA ARG C 75 15.47 15.44 -2.94
C ARG C 75 15.68 14.15 -3.71
N ALA C 76 14.61 13.67 -4.34
CA ALA C 76 14.59 12.46 -5.11
C ALA C 76 13.44 12.53 -6.11
N LEU C 77 13.67 11.90 -7.26
CA LEU C 77 12.56 11.68 -8.23
C LEU C 77 11.72 10.53 -7.69
N ILE C 78 10.43 10.80 -7.54
CA ILE C 78 9.43 9.84 -7.11
C ILE C 78 8.33 9.73 -8.16
N SER C 79 7.77 8.52 -8.26
CA SER C 79 6.67 8.27 -9.20
C SER C 79 5.55 7.57 -8.42
N TRP C 80 4.32 7.75 -8.90
CA TRP C 80 3.17 7.15 -8.25
C TRP C 80 2.01 7.03 -9.24
N GLU C 81 1.03 6.22 -8.84
CA GLU C 81 -0.09 5.97 -9.72
C GLU C 81 -0.84 7.30 -9.98
N MET C 82 -1.11 7.54 -11.26
CA MET C 82 -1.71 8.81 -11.69
C MET C 82 -3.02 9.06 -10.97
N GLY C 83 -3.13 10.24 -10.38
CA GLY C 83 -4.33 10.70 -9.74
C GLY C 83 -4.23 10.67 -8.22
N GLN C 84 -3.49 9.70 -7.66
CA GLN C 84 -3.24 9.72 -6.21
C GLN C 84 -2.36 10.94 -5.92
N ALA C 85 -2.33 11.34 -4.66
CA ALA C 85 -1.38 12.33 -4.17
C ALA C 85 -0.14 11.60 -3.67
N PRO C 86 1.04 12.24 -3.73
CA PRO C 86 2.27 11.56 -3.35
C PRO C 86 2.46 11.51 -1.84
N SER C 87 2.44 10.29 -1.28
CA SER C 87 2.67 10.05 0.14
C SER C 87 3.94 9.24 0.28
N PRO C 88 4.49 9.12 1.50
CA PRO C 88 5.60 8.21 1.71
C PRO C 88 5.20 6.75 1.54
N TYR C 89 3.91 6.46 1.40
CA TYR C 89 3.40 5.12 1.35
C TYR C 89 3.10 4.60 -0.06
N ASN C 90 2.91 5.47 -1.06
CA ASN C 90 2.50 5.01 -2.41
C ASN C 90 3.46 5.45 -3.51
N THR C 91 4.67 5.88 -3.13
CA THR C 91 5.61 6.46 -4.06
C THR C 91 6.82 5.53 -4.25
N ARG C 92 7.30 5.46 -5.48
CA ARG C 92 8.52 4.73 -5.85
C ARG C 92 9.64 5.76 -6.03
N VAL C 93 10.78 5.53 -5.40
CA VAL C 93 11.94 6.36 -5.67
C VAL C 93 12.62 5.88 -6.95
N GLU C 94 12.67 6.75 -7.97
CA GLU C 94 13.20 6.47 -9.28
C GLU C 94 14.73 6.69 -9.29
N CYS C 95 15.19 7.73 -8.62
CA CYS C 95 16.62 8.09 -8.52
C CYS C 95 16.74 9.24 -7.54
N ILE C 96 17.97 9.56 -7.13
CA ILE C 96 18.18 10.55 -6.08
C ILE C 96 18.74 11.83 -6.73
N GLY C 97 18.15 12.97 -6.40
CA GLY C 97 18.67 14.25 -6.85
C GLY C 97 17.61 15.31 -7.05
N TRP C 98 17.99 16.36 -7.80
CA TRP C 98 17.28 17.65 -7.79
C TRP C 98 16.98 18.17 -9.21
N SER C 99 17.17 17.32 -10.20
CA SER C 99 16.78 17.59 -11.62
C SER C 99 16.59 16.24 -12.27
N SER C 100 15.55 16.06 -13.07
CA SER C 100 15.28 14.73 -13.58
C SER C 100 14.62 14.73 -14.95
N THR C 101 14.63 13.55 -15.54
CA THR C 101 13.73 13.15 -16.61
C THR C 101 13.49 11.66 -16.52
N SER C 102 12.48 11.18 -17.26
CA SER C 102 12.11 9.78 -17.27
C SER C 102 11.33 9.51 -18.56
N CYS C 103 11.44 8.29 -19.07
CA CYS C 103 10.65 7.84 -20.21
C CYS C 103 10.74 6.33 -20.35
N HIS C 104 9.69 5.75 -20.93
CA HIS C 104 9.59 4.33 -21.16
C HIS C 104 9.80 4.06 -22.64
N ASP C 105 10.72 3.15 -22.94
CA ASP C 105 11.06 2.88 -24.35
C ASP C 105 10.15 1.80 -24.98
N GLY C 106 9.15 1.32 -24.24
CA GLY C 106 8.29 0.18 -24.65
C GLY C 106 8.67 -1.13 -23.93
N MET C 107 9.93 -1.26 -23.54
CA MET C 107 10.44 -2.40 -22.80
CA MET C 107 10.41 -2.38 -22.80
C MET C 107 10.59 -2.05 -21.31
N SER C 108 11.37 -1.01 -20.99
CA SER C 108 11.60 -0.60 -19.59
C SER C 108 11.68 0.93 -19.48
N ARG C 109 11.66 1.42 -18.23
CA ARG C 109 11.71 2.83 -17.98
C ARG C 109 13.14 3.29 -17.66
N MET C 110 13.58 4.32 -18.39
CA MET C 110 14.82 5.03 -18.07
C MET C 110 14.46 6.24 -17.22
N SER C 111 15.20 6.46 -16.12
CA SER C 111 15.05 7.61 -15.27
C SER C 111 16.43 8.19 -15.02
N ILE C 112 16.55 9.50 -15.05
CA ILE C 112 17.82 10.21 -14.85
C ILE C 112 17.62 11.27 -13.78
N CYS C 113 18.58 11.35 -12.84
CA CYS C 113 18.59 12.38 -11.85
CA CYS C 113 18.60 12.35 -11.80
C CYS C 113 20.00 12.92 -11.71
N MET C 114 20.07 14.24 -11.57
CA MET C 114 21.31 14.93 -11.22
C MET C 114 21.30 15.21 -9.71
N SER C 115 22.49 15.10 -9.12
CA SER C 115 22.66 15.49 -7.74
C SER C 115 24.07 16.05 -7.56
N GLY C 116 24.34 16.57 -6.37
CA GLY C 116 25.66 17.05 -6.05
C GLY C 116 25.66 18.54 -5.84
N PRO C 117 26.84 19.10 -5.54
CA PRO C 117 26.97 20.55 -5.31
C PRO C 117 26.96 21.25 -6.68
N ASN C 118 26.75 22.56 -6.68
CA ASN C 118 26.61 23.30 -7.95
C ASN C 118 27.82 23.10 -8.87
N ASN C 119 29.02 23.04 -8.30
CA ASN C 119 30.24 23.07 -9.10
C ASN C 119 30.70 21.65 -9.42
N ASN C 120 29.92 20.63 -9.08
CA ASN C 120 30.43 19.27 -9.20
C ASN C 120 29.29 18.25 -9.19
N ALA C 121 28.23 18.57 -9.91
CA ALA C 121 27.05 17.68 -10.00
C ALA C 121 27.33 16.50 -10.94
N SER C 122 26.48 15.48 -10.84
CA SER C 122 26.56 14.35 -11.69
C SER C 122 25.16 13.78 -11.93
N ALA C 123 24.96 13.19 -13.12
CA ALA C 123 23.74 12.44 -13.43
C ALA C 123 23.99 10.95 -13.22
N VAL C 124 22.99 10.24 -12.71
CA VAL C 124 22.94 8.82 -12.73
C VAL C 124 21.74 8.43 -13.60
N VAL C 125 22.00 7.52 -14.56
CA VAL C 125 21.04 7.03 -15.55
C VAL C 125 20.62 5.63 -15.14
N TRP C 126 19.32 5.48 -14.87
CA TRP C 126 18.71 4.21 -14.45
C TRP C 126 17.91 3.64 -15.61
N TYR C 127 17.87 2.30 -15.71
CA TYR C 127 17.06 1.62 -16.68
C TYR C 127 16.48 0.37 -16.02
N GLY C 128 15.17 0.25 -16.03
CA GLY C 128 14.53 -0.92 -15.47
C GLY C 128 14.80 -1.07 -13.99
N GLY C 129 14.96 0.07 -13.31
CA GLY C 129 15.13 0.16 -11.87
C GLY C 129 16.53 -0.09 -11.40
N ARG C 130 17.50 -0.16 -12.34
CA ARG C 130 18.89 -0.35 -11.98
C ARG C 130 19.78 0.75 -12.54
N PRO C 131 20.83 1.19 -11.82
CA PRO C 131 21.74 2.21 -12.31
C PRO C 131 22.66 1.71 -13.43
N ILE C 132 22.74 2.42 -14.56
CA ILE C 132 23.49 1.95 -15.74
C ILE C 132 24.73 2.79 -15.99
N THR C 133 24.59 4.11 -16.02
CA THR C 133 25.59 5.05 -16.54
C THR C 133 25.66 6.22 -15.55
N GLU C 134 26.84 6.84 -15.40
CA GLU C 134 26.98 8.05 -14.64
C GLU C 134 27.65 9.10 -15.51
N ILE C 135 27.21 10.37 -15.40
CA ILE C 135 27.74 11.43 -16.25
C ILE C 135 28.20 12.59 -15.39
N PRO C 136 29.50 12.91 -15.32
CA PRO C 136 29.96 14.08 -14.58
C PRO C 136 29.63 15.42 -15.26
N SER C 137 29.43 16.45 -14.45
CA SER C 137 29.30 17.84 -14.90
C SER C 137 30.44 18.12 -15.89
N TRP C 138 30.12 18.74 -17.03
CA TRP C 138 31.14 19.13 -18.00
C TRP C 138 31.47 20.62 -17.90
N ALA C 139 30.65 21.45 -17.24
CA ALA C 139 30.91 22.88 -17.20
C ALA C 139 31.01 23.37 -15.77
N GLY C 140 30.81 22.49 -14.79
CA GLY C 140 30.93 22.87 -13.40
C GLY C 140 29.89 23.86 -12.93
N ASN C 141 28.65 23.80 -13.44
CA ASN C 141 27.66 24.78 -12.98
C ASN C 141 26.22 24.24 -13.17
N ILE C 142 25.84 23.39 -12.23
CA ILE C 142 24.47 22.84 -12.07
C ILE C 142 24.07 22.05 -13.33
N LEU C 143 24.77 20.95 -13.59
CA LEU C 143 24.34 20.01 -14.62
C LEU C 143 22.86 19.66 -14.36
N ARG C 144 22.01 19.70 -15.39
CA ARG C 144 20.55 19.69 -15.16
C ARG C 144 19.84 19.28 -16.44
N THR C 145 18.56 18.91 -16.28
CA THR C 145 17.81 18.34 -17.43
C THR C 145 16.34 18.82 -17.42
N GLN C 146 15.48 18.02 -18.06
CA GLN C 146 14.27 18.51 -18.65
C GLN C 146 13.19 18.85 -17.64
N GLU C 147 13.05 18.06 -16.57
CA GLU C 147 11.96 18.12 -15.65
C GLU C 147 10.61 17.76 -16.26
N SER C 148 10.63 17.02 -17.38
CA SER C 148 9.46 16.33 -17.86
C SER C 148 9.97 15.14 -18.66
N GLU C 149 9.07 14.37 -19.28
CA GLU C 149 9.50 13.13 -19.87
C GLU C 149 10.35 13.35 -21.12
N CYS C 150 11.24 12.36 -21.32
CA CYS C 150 11.94 12.18 -22.54
C CYS C 150 11.04 11.35 -23.48
N VAL C 151 11.50 11.04 -24.69
CA VAL C 151 10.75 10.30 -25.71
C VAL C 151 11.72 9.32 -26.41
N CYS C 152 11.23 8.12 -26.72
CA CYS C 152 12.05 7.08 -27.24
C CYS C 152 11.51 6.63 -28.61
N HIS C 153 12.43 6.14 -29.47
CA HIS C 153 12.10 5.66 -30.79
C HIS C 153 13.07 4.52 -31.13
N LYS C 154 12.54 3.32 -31.36
CA LYS C 154 13.39 2.15 -31.72
C LYS C 154 14.46 1.94 -30.66
N GLY C 155 14.11 2.21 -29.39
CA GLY C 155 15.02 2.02 -28.25
C GLY C 155 15.92 3.21 -27.94
N VAL C 156 15.91 4.24 -28.79
CA VAL C 156 16.79 5.38 -28.65
C VAL C 156 16.02 6.53 -28.01
N CYS C 157 16.52 7.00 -26.86
CA CYS C 157 15.82 8.00 -26.07
C CYS C 157 16.73 9.21 -25.92
N PRO C 158 16.56 10.27 -26.74
CA PRO C 158 17.33 11.49 -26.59
C PRO C 158 16.90 12.24 -25.32
N VAL C 159 17.90 12.84 -24.68
CA VAL C 159 17.69 13.67 -23.53
C VAL C 159 18.51 14.96 -23.68
N VAL C 160 17.89 16.10 -23.37
CA VAL C 160 18.54 17.39 -23.46
C VAL C 160 19.01 17.74 -22.05
N MET C 161 20.29 18.11 -21.95
CA MET C 161 20.88 18.54 -20.67
C MET C 161 21.68 19.82 -20.85
N THR C 162 21.78 20.60 -19.77
CA THR C 162 22.46 21.83 -19.79
C THR C 162 23.39 21.88 -18.57
N ASP C 163 24.56 22.50 -18.75
CA ASP C 163 25.48 22.74 -17.67
C ASP C 163 26.09 24.11 -17.95
N GLY C 164 26.11 25.00 -16.97
CA GLY C 164 26.62 26.33 -17.13
C GLY C 164 25.65 27.37 -16.62
N PRO C 165 25.93 28.65 -16.91
CA PRO C 165 25.15 29.74 -16.39
C PRO C 165 23.67 29.69 -16.77
N ALA C 166 22.83 30.17 -15.87
CA ALA C 166 21.41 30.37 -16.10
C ALA C 166 21.18 31.71 -16.81
N ASN C 167 22.22 32.55 -16.85
CA ASN C 167 22.05 33.95 -17.31
C ASN C 167 23.13 34.35 -18.32
N ASN C 168 23.63 33.37 -19.07
CA ASN C 168 24.67 33.57 -20.04
C ASN C 168 24.79 32.31 -20.85
N ARG C 169 25.67 32.34 -21.86
N ARG C 169 25.65 32.35 -21.87
CA ARG C 169 25.90 31.17 -22.70
CA ARG C 169 25.90 31.18 -22.67
C ARG C 169 26.27 29.99 -21.79
C ARG C 169 26.20 30.01 -21.73
N ALA C 170 25.61 28.86 -22.05
CA ALA C 170 25.83 27.61 -21.30
C ALA C 170 26.18 26.50 -22.30
N ALA C 171 26.48 25.30 -21.77
CA ALA C 171 26.88 24.16 -22.58
C ALA C 171 25.76 23.09 -22.54
N THR C 172 24.96 23.09 -23.58
CA THR C 172 23.85 22.17 -23.73
C THR C 172 24.26 21.01 -24.64
N LYS C 173 23.84 19.79 -24.26
CA LYS C 173 24.11 18.63 -25.03
CA LYS C 173 24.12 18.62 -25.02
C LYS C 173 22.85 17.78 -25.18
N ILE C 174 22.81 17.06 -26.29
CA ILE C 174 21.83 16.06 -26.59
CA ILE C 174 21.82 16.06 -26.50
C ILE C 174 22.53 14.71 -26.41
N ILE C 175 22.05 13.92 -25.47
CA ILE C 175 22.61 12.59 -25.23
C ILE C 175 21.56 11.57 -25.62
N TYR C 176 21.97 10.63 -26.47
CA TYR C 176 21.09 9.62 -27.00
C TYR C 176 21.35 8.31 -26.26
N PHE C 177 20.37 7.83 -25.48
CA PHE C 177 20.49 6.59 -24.73
C PHE C 177 19.77 5.42 -25.38
N LYS C 178 20.29 4.22 -25.12
CA LYS C 178 19.62 2.98 -25.41
C LYS C 178 19.91 2.02 -24.24
N GLU C 179 18.84 1.58 -23.56
CA GLU C 179 18.91 0.73 -22.39
C GLU C 179 19.80 1.38 -21.32
N GLY C 180 19.78 2.71 -21.27
CA GLY C 180 20.54 3.45 -20.29
C GLY C 180 21.97 3.73 -20.67
N LYS C 181 22.42 3.29 -21.85
CA LYS C 181 23.81 3.42 -22.26
C LYS C 181 23.89 4.50 -23.33
N ILE C 182 24.95 5.29 -23.26
CA ILE C 182 25.15 6.40 -24.19
C ILE C 182 25.50 5.85 -25.57
N GLN C 183 24.74 6.23 -26.59
CA GLN C 183 24.98 5.85 -27.96
C GLN C 183 25.75 6.97 -28.67
N LYS C 184 25.48 8.22 -28.31
CA LYS C 184 26.07 9.40 -28.95
C LYS C 184 25.81 10.62 -28.08
N ILE C 185 26.73 11.58 -28.14
CA ILE C 185 26.62 12.86 -27.48
CA ILE C 185 26.60 12.85 -27.49
C ILE C 185 26.82 13.94 -28.54
N GLU C 186 25.90 14.89 -28.62
CA GLU C 186 26.04 16.05 -29.50
C GLU C 186 26.02 17.33 -28.67
N GLU C 187 26.87 18.29 -29.03
N GLU C 187 26.88 18.29 -29.04
CA GLU C 187 26.73 19.64 -28.56
CA GLU C 187 26.76 19.67 -28.61
C GLU C 187 25.56 20.31 -29.28
C GLU C 187 25.52 20.28 -29.27
N LEU C 188 24.84 21.19 -28.56
CA LEU C 188 23.73 21.94 -29.13
C LEU C 188 24.25 22.68 -30.37
N ALA C 189 23.52 22.54 -31.47
CA ALA C 189 23.76 23.27 -32.73
C ALA C 189 22.56 24.20 -32.99
N GLY C 190 22.66 25.06 -34.00
CA GLY C 190 21.53 25.87 -34.40
C GLY C 190 21.49 27.21 -33.73
N ASN C 191 20.32 27.85 -33.85
CA ASN C 191 20.11 29.21 -33.51
C ASN C 191 19.49 29.44 -32.11
N ALA C 192 19.11 28.39 -31.36
CA ALA C 192 18.70 28.63 -29.98
C ALA C 192 19.93 29.05 -29.18
N GLN C 193 19.81 30.13 -28.42
CA GLN C 193 20.98 30.71 -27.76
C GLN C 193 21.15 30.20 -26.31
N HIS C 194 20.09 29.61 -25.72
CA HIS C 194 20.10 29.17 -24.32
C HIS C 194 18.97 28.16 -24.15
N ILE C 195 19.26 27.05 -23.46
CA ILE C 195 18.32 25.94 -23.37
C ILE C 195 18.19 25.52 -21.91
N GLU C 196 16.95 25.50 -21.43
CA GLU C 196 16.61 24.92 -20.13
C GLU C 196 15.32 24.09 -20.29
N GLU C 197 15.20 23.05 -19.45
CA GLU C 197 13.92 22.43 -19.09
C GLU C 197 13.07 22.08 -20.32
N CYS C 198 13.66 21.36 -21.26
CA CYS C 198 12.93 20.97 -22.49
C CYS C 198 11.71 20.08 -22.20
N SER C 199 10.61 20.41 -22.92
CA SER C 199 9.38 19.60 -22.92
CA SER C 199 9.39 19.62 -22.92
C SER C 199 9.27 18.96 -24.30
N CYS C 200 9.29 17.63 -24.35
CA CYS C 200 9.49 16.92 -25.60
C CYS C 200 8.33 15.97 -25.89
N TYR C 201 8.06 15.77 -27.17
CA TYR C 201 7.10 14.78 -27.60
C TYR C 201 7.53 14.28 -28.98
N GLY C 202 7.00 13.13 -29.35
CA GLY C 202 7.29 12.52 -30.64
C GLY C 202 6.06 12.28 -31.52
N ALA C 203 6.31 12.30 -32.81
CA ALA C 203 5.29 12.06 -33.83
C ALA C 203 5.99 11.91 -35.18
N GLY C 204 5.54 10.96 -35.99
CA GLY C 204 6.05 10.78 -37.33
C GLY C 204 7.57 10.68 -37.40
N GLY C 205 8.18 10.03 -36.40
CA GLY C 205 9.62 9.80 -36.38
C GLY C 205 10.46 11.03 -36.03
N VAL C 206 9.84 12.11 -35.55
CA VAL C 206 10.48 13.35 -35.16
C VAL C 206 10.19 13.61 -33.69
N ILE C 207 11.21 14.01 -32.92
CA ILE C 207 11.03 14.48 -31.57
C ILE C 207 11.23 15.99 -31.54
N LYS C 208 10.24 16.71 -31.00
CA LYS C 208 10.33 18.13 -30.87
C LYS C 208 10.35 18.44 -29.36
N CYS C 209 11.30 19.31 -28.99
CA CYS C 209 11.49 19.76 -27.63
C CYS C 209 11.33 21.27 -27.60
N ILE C 210 10.42 21.76 -26.75
CA ILE C 210 10.11 23.15 -26.63
C ILE C 210 10.63 23.55 -25.25
N CYS C 211 11.53 24.53 -25.21
CA CYS C 211 12.37 24.71 -24.05
C CYS C 211 12.19 26.10 -23.47
N ARG C 212 13.09 26.45 -22.55
CA ARG C 212 13.12 27.74 -21.87
C ARG C 212 14.49 28.40 -22.11
N ASP C 213 14.48 29.57 -22.75
CA ASP C 213 15.68 30.41 -22.87
C ASP C 213 15.68 31.32 -21.64
N ASN C 214 16.55 31.04 -20.65
CA ASN C 214 16.58 31.78 -19.42
C ASN C 214 17.46 33.02 -19.53
N TRP C 215 18.17 33.14 -20.64
CA TRP C 215 19.18 34.20 -20.84
C TRP C 215 18.54 35.45 -21.45
N LYS C 216 17.92 35.29 -22.62
CA LYS C 216 17.45 36.46 -23.40
C LYS C 216 15.95 36.39 -23.74
N GLY C 217 15.52 35.24 -24.25
CA GLY C 217 14.30 35.16 -25.00
C GLY C 217 13.06 34.93 -24.15
N ALA C 218 11.99 35.63 -24.55
CA ALA C 218 10.62 35.38 -24.08
C ALA C 218 9.87 34.50 -25.06
N ASN C 219 10.41 34.38 -26.27
CA ASN C 219 10.06 33.30 -27.22
C ASN C 219 10.80 32.03 -26.80
N ARG C 220 10.16 30.86 -27.01
CA ARG C 220 10.76 29.60 -26.54
C ARG C 220 11.61 28.97 -27.63
N PRO C 221 12.81 28.48 -27.29
CA PRO C 221 13.60 27.65 -28.21
C PRO C 221 12.88 26.35 -28.57
N VAL C 222 13.12 25.90 -29.80
CA VAL C 222 12.62 24.62 -30.25
C VAL C 222 13.78 23.80 -30.82
N ILE C 223 13.95 22.59 -30.28
CA ILE C 223 14.97 21.63 -30.75
C ILE C 223 14.23 20.50 -31.47
N THR C 224 14.64 20.22 -32.72
CA THR C 224 14.04 19.20 -33.52
C THR C 224 15.06 18.06 -33.67
N ILE C 225 14.69 16.88 -33.19
CA ILE C 225 15.61 15.74 -33.06
C ILE C 225 15.14 14.59 -33.95
N ASP C 226 16.10 14.06 -34.72
CA ASP C 226 15.99 12.81 -35.50
C ASP C 226 16.60 11.69 -34.67
N PRO C 227 15.79 10.84 -33.99
CA PRO C 227 16.32 9.81 -33.13
C PRO C 227 16.95 8.60 -33.86
N GLU C 228 16.77 8.56 -35.19
CA GLU C 228 17.39 7.48 -35.98
C GLU C 228 18.80 7.90 -36.39
N MET C 229 18.94 9.10 -36.98
CA MET C 229 20.23 9.64 -37.36
C MET C 229 20.99 10.16 -36.13
N MET C 230 20.23 10.43 -35.04
N MET C 230 20.25 10.43 -35.04
CA MET C 230 20.76 11.01 -33.81
CA MET C 230 20.80 10.98 -33.81
C MET C 230 21.46 12.33 -34.14
C MET C 230 21.45 12.33 -34.11
N THR C 231 20.67 13.19 -34.78
CA THR C 231 21.06 14.53 -35.12
C THR C 231 19.92 15.47 -34.77
N HIS C 232 20.20 16.77 -34.76
CA HIS C 232 19.19 17.78 -34.35
C HIS C 232 19.45 19.11 -35.03
N THR C 233 18.45 19.99 -34.90
CA THR C 233 18.55 21.41 -35.27
C THR C 233 17.87 22.19 -34.16
N SER C 234 18.11 23.50 -34.12
CA SER C 234 17.44 24.34 -33.12
C SER C 234 17.21 25.73 -33.70
N LYS C 235 16.19 26.39 -33.15
CA LYS C 235 15.79 27.73 -33.47
C LYS C 235 14.79 28.13 -32.40
N TYR C 236 14.01 29.19 -32.66
CA TYR C 236 12.95 29.63 -31.76
C TYR C 236 11.60 29.38 -32.40
N LEU C 237 10.57 29.29 -31.54
CA LEU C 237 9.16 29.37 -31.98
CA LEU C 237 9.21 29.29 -32.05
C LEU C 237 9.01 30.63 -32.80
N CYS C 238 8.43 30.56 -34.00
CA CYS C 238 8.27 31.74 -34.88
C CYS C 238 7.19 32.71 -34.40
N SER C 239 6.12 32.19 -33.81
CA SER C 239 4.94 32.99 -33.50
C SER C 239 5.27 34.23 -32.68
N LYS C 240 4.55 35.32 -32.97
CA LYS C 240 4.46 36.48 -32.16
C LYS C 240 3.82 36.24 -30.79
N VAL C 241 3.09 35.13 -30.62
CA VAL C 241 2.52 34.78 -29.32
C VAL C 241 3.64 34.22 -28.45
N LEU C 242 4.19 35.08 -27.58
CA LEU C 242 5.34 34.73 -26.76
C LEU C 242 4.85 33.87 -25.58
N THR C 243 5.63 32.84 -25.20
CA THR C 243 5.06 31.91 -24.26
C THR C 243 5.96 31.60 -23.06
N ASP C 244 7.10 32.28 -22.91
CA ASP C 244 7.81 32.23 -21.64
C ASP C 244 7.20 33.22 -20.66
N THR C 245 7.64 33.15 -19.40
CA THR C 245 7.27 34.07 -18.36
C THR C 245 8.54 34.39 -17.58
N SER C 246 8.92 35.66 -17.43
CA SER C 246 8.16 36.86 -17.80
C SER C 246 8.34 37.15 -19.28
N ARG C 247 7.41 37.92 -19.84
CA ARG C 247 7.51 38.30 -21.22
C ARG C 247 6.89 39.68 -21.41
N PRO C 248 7.25 40.39 -22.49
CA PRO C 248 6.55 41.62 -22.82
C PRO C 248 5.22 41.26 -23.50
N ASN C 249 4.44 42.29 -23.84
CA ASN C 249 3.29 42.11 -24.70
C ASN C 249 3.74 41.45 -25.99
N ASP C 250 2.84 40.69 -26.61
CA ASP C 250 3.12 40.07 -27.85
C ASP C 250 3.38 41.15 -28.91
N PRO C 251 4.48 41.04 -29.67
CA PRO C 251 4.80 42.02 -30.72
C PRO C 251 4.00 41.75 -31.99
N THR C 252 4.20 42.60 -33.01
CA THR C 252 3.44 42.39 -34.25
CA THR C 252 3.59 42.49 -34.31
C THR C 252 4.02 41.19 -34.99
N ASN C 253 5.31 40.90 -34.81
CA ASN C 253 5.94 39.75 -35.43
C ASN C 253 6.84 39.04 -34.42
N GLY C 254 6.81 37.71 -34.46
CA GLY C 254 7.79 36.87 -33.73
C GLY C 254 9.15 36.88 -34.44
N ASN C 255 10.03 35.96 -33.99
CA ASN C 255 11.36 35.84 -34.48
C ASN C 255 11.77 34.38 -34.33
N CYS C 256 11.89 33.68 -35.48
N CYS C 256 11.94 33.64 -35.43
CA CYS C 256 12.24 32.29 -35.65
CA CYS C 256 12.23 32.23 -35.29
C CYS C 256 13.69 31.99 -35.20
C CYS C 256 13.72 31.94 -35.35
N ASP C 257 14.58 32.97 -35.31
CA ASP C 257 16.03 32.71 -35.30
C ASP C 257 16.81 33.55 -34.31
N ALA C 258 16.11 34.25 -33.42
CA ALA C 258 16.74 35.04 -32.38
C ALA C 258 15.77 35.25 -31.22
N PRO C 259 16.30 35.41 -29.99
CA PRO C 259 15.50 35.68 -28.83
C PRO C 259 14.87 37.08 -28.90
N ILE C 260 13.61 37.19 -28.47
CA ILE C 260 12.93 38.45 -28.28
C ILE C 260 13.02 38.74 -26.78
N THR C 261 13.68 39.85 -26.44
N THR C 261 13.69 39.85 -26.42
CA THR C 261 13.94 40.25 -25.07
CA THR C 261 13.96 40.17 -25.02
C THR C 261 12.68 40.78 -24.36
C THR C 261 12.82 40.98 -24.39
N GLY C 262 12.83 41.03 -23.06
CA GLY C 262 11.90 41.83 -22.26
C GLY C 262 11.14 40.94 -21.32
N GLY C 263 10.22 41.54 -20.56
CA GLY C 263 9.54 40.87 -19.48
C GLY C 263 10.20 41.18 -18.16
N SER C 264 9.41 41.19 -17.08
N SER C 264 9.39 41.18 -17.09
CA SER C 264 9.89 41.40 -15.75
CA SER C 264 9.74 41.49 -15.75
C SER C 264 8.81 40.85 -14.78
C SER C 264 8.77 40.78 -14.81
N PRO C 265 9.19 40.29 -13.63
CA PRO C 265 10.59 40.18 -13.23
C PRO C 265 11.38 38.87 -13.34
N ASP C 266 10.82 37.85 -14.02
CA ASP C 266 11.28 36.43 -14.00
C ASP C 266 11.98 36.17 -15.33
N PRO C 267 13.17 35.53 -15.36
CA PRO C 267 13.83 35.16 -16.61
C PRO C 267 13.25 34.00 -17.44
N GLY C 268 12.38 33.17 -16.85
CA GLY C 268 11.78 32.08 -17.55
C GLY C 268 11.00 31.13 -16.65
N VAL C 269 10.28 30.24 -17.33
CA VAL C 269 9.57 29.17 -16.69
C VAL C 269 9.54 28.01 -17.70
N LYS C 270 9.55 26.80 -17.16
CA LYS C 270 9.39 25.65 -18.02
C LYS C 270 8.00 25.65 -18.67
N GLY C 271 7.95 25.39 -19.97
CA GLY C 271 6.70 25.31 -20.71
C GLY C 271 6.79 24.40 -21.90
N PHE C 272 5.79 24.49 -22.76
CA PHE C 272 5.68 23.47 -23.83
C PHE C 272 4.77 24.00 -24.95
N ALA C 273 4.83 23.29 -26.06
CA ALA C 273 3.88 23.45 -27.15
C ALA C 273 3.83 22.17 -27.97
N PHE C 274 2.70 21.99 -28.68
CA PHE C 274 2.58 20.99 -29.70
C PHE C 274 2.54 21.69 -31.07
N LEU C 275 3.46 21.31 -31.93
CA LEU C 275 3.70 22.01 -33.22
C LEU C 275 3.43 21.04 -34.38
N ASP C 276 2.37 21.35 -35.14
CA ASP C 276 1.88 20.46 -36.14
C ASP C 276 1.04 21.25 -37.13
N GLY C 277 1.71 22.18 -37.82
CA GLY C 277 1.06 23.02 -38.82
C GLY C 277 -0.17 23.71 -38.27
N GLU C 278 -1.34 23.55 -38.90
N GLU C 278 -1.31 23.47 -38.92
CA GLU C 278 -2.58 24.22 -38.41
CA GLU C 278 -2.56 24.05 -38.54
C GLU C 278 -3.05 23.57 -37.10
C GLU C 278 -2.89 23.62 -37.10
N ASN C 279 -2.53 22.38 -36.77
CA ASN C 279 -2.90 21.70 -35.51
C ASN C 279 -1.84 21.99 -34.42
N SER C 280 -1.59 23.26 -34.17
CA SER C 280 -0.55 23.71 -33.23
C SER C 280 -1.17 24.39 -32.03
N TRP C 281 -0.69 24.02 -30.84
CA TRP C 281 -1.16 24.56 -29.60
C TRP C 281 0.00 25.01 -28.71
N LEU C 282 -0.11 26.23 -28.21
N LEU C 282 -0.15 26.19 -28.15
CA LEU C 282 0.86 26.85 -27.31
CA LEU C 282 0.86 26.83 -27.34
C LEU C 282 0.21 26.95 -25.93
C LEU C 282 0.27 27.05 -25.94
N GLY C 283 0.94 26.51 -24.91
CA GLY C 283 0.60 26.82 -23.54
C GLY C 283 1.38 28.02 -23.06
N ARG C 284 0.76 28.81 -22.18
CA ARG C 284 1.48 29.84 -21.42
C ARG C 284 0.70 30.23 -20.19
N THR C 285 1.41 30.88 -19.24
CA THR C 285 0.75 31.52 -18.11
C THR C 285 -0.12 32.65 -18.66
N ILE C 286 -1.23 32.92 -18.01
CA ILE C 286 -2.06 34.09 -18.40
C ILE C 286 -1.32 35.39 -18.06
N SER C 287 -0.82 35.53 -16.84
CA SER C 287 0.05 36.64 -16.48
C SER C 287 1.29 36.66 -17.39
N LYS C 288 1.68 37.87 -17.85
N LYS C 288 1.69 37.86 -17.87
CA LYS C 288 2.93 38.08 -18.58
CA LYS C 288 2.93 37.99 -18.62
C LYS C 288 4.13 38.13 -17.64
C LYS C 288 4.12 38.19 -17.67
N ASP C 289 3.86 38.48 -16.39
CA ASP C 289 4.89 38.77 -15.39
C ASP C 289 5.16 37.55 -14.48
N SER C 290 4.12 36.86 -14.06
CA SER C 290 4.31 35.88 -13.02
CA SER C 290 4.21 35.92 -12.95
C SER C 290 3.61 34.56 -13.33
N ARG C 291 3.91 33.55 -12.52
CA ARG C 291 3.41 32.22 -12.73
C ARG C 291 1.98 32.10 -12.23
N SER C 292 1.08 32.79 -12.93
CA SER C 292 -0.28 32.93 -12.58
C SER C 292 -1.16 32.61 -13.77
N GLY C 293 -2.19 31.79 -13.53
CA GLY C 293 -3.06 31.32 -14.62
C GLY C 293 -2.35 30.43 -15.63
N TYR C 294 -3.16 29.81 -16.49
CA TYR C 294 -2.67 28.99 -17.55
C TYR C 294 -3.71 28.91 -18.64
N GLU C 295 -3.27 29.13 -19.85
CA GLU C 295 -4.12 29.07 -21.06
C GLU C 295 -3.46 28.27 -22.16
N MET C 296 -4.32 27.61 -22.93
CA MET C 296 -3.95 26.95 -24.15
C MET C 296 -4.46 27.78 -25.33
N LEU C 297 -3.56 28.03 -26.29
CA LEU C 297 -3.87 28.86 -27.47
C LEU C 297 -3.61 28.04 -28.73
N LYS C 298 -4.61 27.94 -29.60
CA LYS C 298 -4.42 27.28 -30.85
C LYS C 298 -3.89 28.33 -31.82
N VAL C 299 -2.67 28.09 -32.31
CA VAL C 299 -1.88 29.06 -33.10
C VAL C 299 -1.38 28.34 -34.35
N PRO C 300 -2.20 28.30 -35.40
CA PRO C 300 -1.82 27.57 -36.59
C PRO C 300 -0.49 28.09 -37.13
N ASN C 301 0.39 27.17 -37.50
CA ASN C 301 1.72 27.47 -38.07
C ASN C 301 2.59 28.31 -37.11
N ALA C 302 2.41 28.13 -35.80
CA ALA C 302 3.29 28.79 -34.81
C ALA C 302 4.77 28.50 -35.10
N GLU C 303 5.08 27.31 -35.61
CA GLU C 303 6.47 26.89 -35.79
C GLU C 303 7.15 27.61 -36.96
N THR C 304 6.37 28.16 -37.91
CA THR C 304 6.91 28.61 -39.21
C THR C 304 6.55 30.06 -39.53
N ASP C 305 5.54 30.64 -38.90
CA ASP C 305 4.99 31.92 -39.34
C ASP C 305 5.08 32.94 -38.21
N ILE C 306 5.89 33.98 -38.42
CA ILE C 306 6.09 34.99 -37.40
C ILE C 306 4.82 35.82 -37.14
N GLN C 307 3.87 35.80 -38.06
CA GLN C 307 2.61 36.56 -37.91
C GLN C 307 1.49 35.70 -37.28
N SER C 308 1.75 34.41 -37.04
CA SER C 308 0.74 33.51 -36.54
C SER C 308 0.21 33.98 -35.17
N GLY C 309 -1.12 34.02 -35.07
CA GLY C 309 -1.81 34.35 -33.83
C GLY C 309 -2.88 33.30 -33.48
N PRO C 310 -3.53 33.43 -32.30
CA PRO C 310 -4.50 32.41 -31.85
C PRO C 310 -5.81 32.45 -32.62
N ILE C 311 -6.37 31.27 -32.88
CA ILE C 311 -7.73 31.14 -33.43
C ILE C 311 -8.71 30.55 -32.41
N SER C 312 -8.21 30.00 -31.29
N SER C 312 -8.18 30.02 -31.29
CA SER C 312 -9.07 29.52 -30.25
CA SER C 312 -9.01 29.43 -30.26
C SER C 312 -8.25 29.47 -28.96
C SER C 312 -8.22 29.49 -28.94
N ASN C 313 -8.96 29.42 -27.82
CA ASN C 313 -8.33 29.49 -26.52
C ASN C 313 -9.09 28.59 -25.55
N GLN C 314 -8.36 28.08 -24.55
CA GLN C 314 -8.99 27.35 -23.43
C GLN C 314 -8.25 27.75 -22.15
N VAL C 315 -8.97 28.34 -21.19
CA VAL C 315 -8.40 28.63 -19.91
C VAL C 315 -8.33 27.33 -19.09
N ILE C 316 -7.13 27.04 -18.58
N ILE C 316 -7.13 26.99 -18.59
CA ILE C 316 -6.83 25.82 -17.81
CA ILE C 316 -6.96 25.81 -17.75
C ILE C 316 -6.82 26.13 -16.33
C ILE C 316 -6.94 26.19 -16.28
N VAL C 317 -6.23 27.28 -15.95
CA VAL C 317 -6.21 27.77 -14.61
C VAL C 317 -6.51 29.28 -14.69
N ASN C 318 -7.50 29.74 -13.93
CA ASN C 318 -7.79 31.18 -14.07
C ASN C 318 -6.62 32.01 -13.48
N ASN C 319 -6.59 33.31 -13.85
CA ASN C 319 -5.50 34.21 -13.47
C ASN C 319 -5.65 34.74 -12.04
N GLN C 320 -6.59 34.22 -11.24
CA GLN C 320 -6.62 34.46 -9.82
C GLN C 320 -5.96 33.30 -9.06
N ASN C 321 -5.36 32.35 -9.78
CA ASN C 321 -4.75 31.17 -9.14
C ASN C 321 -3.35 30.96 -9.70
N TRP C 322 -2.51 30.37 -8.85
CA TRP C 322 -1.11 30.16 -9.17
C TRP C 322 -0.95 28.92 -10.06
N SER C 323 -0.04 29.06 -11.03
CA SER C 323 0.35 27.96 -11.87
C SER C 323 1.81 27.61 -11.55
N GLY C 324 2.61 27.41 -12.58
CA GLY C 324 3.96 26.91 -12.40
C GLY C 324 4.48 26.33 -13.66
N TYR C 325 5.38 25.35 -13.52
CA TYR C 325 5.90 24.66 -14.71
C TYR C 325 4.79 23.92 -15.45
N SER C 326 4.99 23.74 -16.75
CA SER C 326 4.08 22.95 -17.57
C SER C 326 4.92 22.15 -18.57
N GLY C 327 4.40 21.00 -19.03
CA GLY C 327 5.16 20.13 -19.88
C GLY C 327 4.27 19.19 -20.65
N ALA C 328 4.88 18.56 -21.64
CA ALA C 328 4.23 17.66 -22.60
C ALA C 328 4.45 16.21 -22.17
N PHE C 329 3.42 15.41 -22.43
CA PHE C 329 3.57 13.95 -22.45
C PHE C 329 2.51 13.37 -23.39
N ILE C 330 2.73 12.11 -23.79
CA ILE C 330 1.74 11.42 -24.61
C ILE C 330 1.66 9.99 -24.13
N ASP C 331 0.44 9.43 -24.15
CA ASP C 331 0.30 8.01 -23.95
C ASP C 331 0.53 7.33 -25.31
N TYR C 332 1.81 7.04 -25.57
CA TYR C 332 2.22 6.46 -26.83
C TYR C 332 1.65 5.06 -27.02
N TRP C 333 1.05 4.47 -25.99
CA TRP C 333 0.57 3.10 -26.06
C TRP C 333 -0.97 3.03 -26.05
N ALA C 334 -1.62 4.14 -26.32
CA ALA C 334 -3.07 4.16 -26.45
C ALA C 334 -3.49 3.38 -27.70
N ASN C 335 -4.74 2.91 -27.68
CA ASN C 335 -5.33 2.15 -28.77
C ASN C 335 -5.99 3.14 -29.73
N LYS C 336 -5.17 3.91 -30.40
CA LYS C 336 -5.59 4.97 -31.33
C LYS C 336 -4.60 4.98 -32.49
N GLU C 337 -5.04 5.54 -33.63
CA GLU C 337 -4.25 5.60 -34.81
C GLU C 337 -3.34 6.82 -34.82
N CYS C 338 -3.52 7.71 -33.85
CA CYS C 338 -2.73 8.91 -33.74
C CYS C 338 -2.27 9.04 -32.28
N PHE C 339 -1.19 9.78 -32.08
CA PHE C 339 -0.65 10.11 -30.75
C PHE C 339 -1.38 11.36 -30.24
N ASN C 340 -2.06 11.26 -29.08
CA ASN C 340 -2.88 12.35 -28.63
C ASN C 340 -2.08 13.24 -27.67
N PRO C 341 -1.87 14.53 -28.00
CA PRO C 341 -1.18 15.42 -27.06
C PRO C 341 -1.80 15.44 -25.66
N CYS C 342 -0.93 15.41 -24.65
CA CYS C 342 -1.32 15.71 -23.28
C CYS C 342 -0.34 16.70 -22.68
N PHE C 343 -0.81 17.41 -21.64
CA PHE C 343 0.08 18.27 -20.83
C PHE C 343 -0.34 18.30 -19.36
N TYR C 344 0.58 18.78 -18.51
CA TYR C 344 0.30 19.03 -17.14
C TYR C 344 0.66 20.49 -16.85
N VAL C 345 0.03 21.00 -15.79
CA VAL C 345 0.39 22.25 -15.15
C VAL C 345 0.65 21.95 -13.68
N GLU C 346 1.84 22.34 -13.25
CA GLU C 346 2.23 22.41 -11.86
C GLU C 346 1.57 23.61 -11.16
N LEU C 347 0.85 23.34 -10.09
CA LEU C 347 0.09 24.38 -9.37
C LEU C 347 0.84 24.66 -8.07
N ILE C 348 1.75 25.61 -8.16
CA ILE C 348 2.65 25.94 -7.05
C ILE C 348 1.89 26.67 -5.94
N ARG C 349 2.04 26.19 -4.70
CA ARG C 349 1.50 26.83 -3.54
C ARG C 349 2.64 27.16 -2.58
N GLY C 350 2.40 28.19 -1.75
CA GLY C 350 3.37 28.65 -0.76
C GLY C 350 4.37 29.62 -1.36
N ARG C 351 5.61 29.58 -0.88
CA ARG C 351 6.59 30.61 -1.23
C ARG C 351 7.03 30.53 -2.68
N PRO C 352 7.44 31.66 -3.31
CA PRO C 352 7.44 32.98 -2.67
C PRO C 352 6.13 33.77 -2.78
N LYS C 353 5.18 33.30 -3.56
CA LYS C 353 3.97 34.10 -3.84
C LYS C 353 3.06 34.16 -2.62
N GLU C 354 3.09 33.12 -1.76
CA GLU C 354 2.25 32.99 -0.58
C GLU C 354 3.21 32.85 0.60
N SER C 355 3.58 34.00 1.20
CA SER C 355 4.63 34.15 2.23
CA SER C 355 4.66 33.98 2.21
C SER C 355 4.11 33.84 3.63
N SER C 356 2.82 33.53 3.78
CA SER C 356 2.26 33.29 5.08
C SER C 356 2.53 31.85 5.58
N VAL C 357 3.13 31.02 4.72
CA VAL C 357 3.63 29.71 5.11
C VAL C 357 5.14 29.68 4.88
N LEU C 358 5.80 28.66 5.44
CA LEU C 358 7.26 28.51 5.35
C LEU C 358 7.74 27.58 4.22
N TRP C 359 6.80 26.96 3.48
CA TRP C 359 7.06 25.91 2.55
C TRP C 359 6.69 26.35 1.13
N THR C 360 7.15 25.58 0.17
CA THR C 360 6.78 25.62 -1.23
C THR C 360 6.44 24.19 -1.63
N SER C 361 5.30 23.99 -2.29
CA SER C 361 4.99 22.68 -2.84
C SER C 361 4.08 22.91 -4.03
N ASN C 362 3.43 21.85 -4.49
CA ASN C 362 2.58 21.97 -5.63
C ASN C 362 1.54 20.85 -5.62
N SER C 363 0.52 21.05 -6.45
CA SER C 363 -0.28 19.91 -6.90
C SER C 363 -0.23 19.82 -8.44
N ILE C 364 -0.95 18.82 -9.01
CA ILE C 364 -0.87 18.57 -10.45
C ILE C 364 -2.25 18.54 -11.07
N VAL C 365 -2.38 19.12 -12.27
CA VAL C 365 -3.50 18.86 -13.13
C VAL C 365 -2.97 18.45 -14.51
N ALA C 366 -3.61 17.49 -15.19
CA ALA C 366 -3.20 17.09 -16.50
C ALA C 366 -4.43 16.99 -17.38
N LEU C 367 -4.24 17.34 -18.65
CA LEU C 367 -5.29 17.31 -19.69
C LEU C 367 -4.75 16.72 -20.97
N CYS C 368 -5.64 16.20 -21.83
CA CYS C 368 -5.28 15.69 -23.10
C CYS C 368 -6.25 16.24 -24.16
N GLY C 369 -5.84 16.09 -25.41
CA GLY C 369 -6.62 16.67 -26.49
C GLY C 369 -7.93 15.91 -26.71
N SER C 370 -8.91 16.68 -27.19
CA SER C 370 -10.15 16.17 -27.78
C SER C 370 -10.32 16.78 -29.17
N LYS C 371 -10.95 16.02 -30.07
CA LYS C 371 -11.43 16.57 -31.35
C LYS C 371 -12.75 17.32 -31.17
N LYS C 372 -13.44 17.09 -30.04
CA LYS C 372 -14.71 17.69 -29.78
C LYS C 372 -14.47 19.11 -29.29
N ARG C 373 -15.57 19.86 -29.21
CA ARG C 373 -15.52 21.20 -28.67
C ARG C 373 -16.08 21.12 -27.25
N LEU C 374 -15.21 20.90 -26.26
CA LEU C 374 -15.62 20.72 -24.89
C LEU C 374 -15.63 22.04 -24.12
N GLY C 375 -16.57 22.13 -23.18
CA GLY C 375 -16.60 23.18 -22.19
C GLY C 375 -15.43 23.06 -21.24
N SER C 376 -15.13 24.13 -20.52
CA SER C 376 -13.99 24.12 -19.64
C SER C 376 -14.29 24.84 -18.34
N TRP C 377 -13.29 24.71 -17.48
N TRP C 377 -13.59 24.47 -17.27
CA TRP C 377 -13.30 24.93 -16.08
CA TRP C 377 -13.43 25.40 -16.15
C TRP C 377 -11.87 25.32 -15.66
C TRP C 377 -11.99 25.35 -15.66
N SER C 378 -11.73 26.21 -14.67
CA SER C 378 -10.44 26.37 -14.02
C SER C 378 -10.18 25.17 -13.11
N TRP C 379 -9.00 24.59 -13.31
CA TRP C 379 -8.53 23.48 -12.54
C TRP C 379 -7.43 23.92 -11.56
N HIS C 380 -7.73 24.92 -10.74
CA HIS C 380 -6.76 25.46 -9.81
C HIS C 380 -6.54 24.46 -8.65
N ASP C 381 -5.51 24.74 -7.85
CA ASP C 381 -5.08 23.78 -6.82
C ASP C 381 -6.22 23.50 -5.83
N GLY C 382 -6.86 24.56 -5.32
CA GLY C 382 -8.07 24.35 -4.48
C GLY C 382 -7.85 24.34 -2.98
N ALA C 383 -6.60 24.46 -2.52
CA ALA C 383 -6.35 24.55 -1.09
C ALA C 383 -6.55 26.00 -0.59
N GLU C 384 -6.93 26.13 0.68
N GLU C 384 -6.98 26.12 0.65
CA GLU C 384 -7.09 27.40 1.38
CA GLU C 384 -7.11 27.40 1.38
C GLU C 384 -5.86 27.66 2.23
C GLU C 384 -5.84 27.64 2.22
N ILE C 385 -5.03 28.62 1.80
CA ILE C 385 -3.77 28.88 2.47
C ILE C 385 -4.02 29.20 3.97
N ILE C 386 -5.19 29.79 4.29
N ILE C 386 -5.17 29.83 4.32
CA ILE C 386 -5.46 30.20 5.67
CA ILE C 386 -5.33 30.21 5.75
C ILE C 386 -5.48 28.99 6.62
C ILE C 386 -5.34 28.94 6.62
N TYR C 387 -5.81 27.80 6.10
CA TYR C 387 -5.83 26.56 6.90
C TYR C 387 -4.42 26.09 7.32
N PHE C 388 -3.40 26.58 6.60
CA PHE C 388 -2.01 26.23 6.88
C PHE C 388 -1.31 27.27 7.75
N GLU C 389 -2.02 28.35 8.10
CA GLU C 389 -1.49 29.44 8.91
C GLU C 389 -1.73 29.15 10.37
N ARG D 1 15.40 -18.05 -11.04
CA ARG D 1 15.52 -19.03 -12.13
C ARG D 1 16.84 -19.80 -12.01
N THR D 2 17.98 -19.26 -11.50
CA THR D 2 19.13 -20.16 -11.19
C THR D 2 19.92 -19.65 -9.99
N PHE D 3 20.73 -20.55 -9.43
CA PHE D 3 21.58 -20.12 -8.34
C PHE D 3 22.60 -19.12 -8.88
N LEU D 4 22.87 -18.07 -8.09
CA LEU D 4 23.94 -17.15 -8.35
C LEU D 4 25.28 -17.86 -8.16
N ASN D 5 26.17 -17.62 -9.12
CA ASN D 5 27.54 -18.07 -9.04
C ASN D 5 28.42 -16.84 -9.14
N LEU D 6 29.44 -16.77 -8.28
CA LEU D 6 30.20 -15.58 -8.14
C LEU D 6 31.32 -15.53 -9.18
N THR D 7 30.97 -15.58 -10.47
CA THR D 7 31.91 -15.80 -11.58
C THR D 7 32.64 -14.53 -11.98
N LYS D 8 32.05 -13.36 -11.71
CA LYS D 8 32.55 -12.12 -12.27
C LYS D 8 33.57 -11.47 -11.36
N PRO D 9 34.48 -10.63 -11.91
CA PRO D 9 35.40 -9.87 -11.11
C PRO D 9 34.69 -8.61 -10.60
N LEU D 10 35.30 -7.94 -9.62
N LEU D 10 35.34 -7.92 -9.67
CA LEU D 10 34.82 -6.65 -9.19
CA LEU D 10 34.87 -6.66 -9.17
C LEU D 10 35.00 -5.67 -10.34
C LEU D 10 35.09 -5.58 -10.21
N CYS D 11 34.10 -4.70 -10.42
CA CYS D 11 34.25 -3.55 -11.32
C CYS D 11 35.32 -2.60 -10.78
N GLU D 12 36.02 -1.96 -11.70
CA GLU D 12 36.87 -0.86 -11.38
C GLU D 12 36.06 0.30 -10.78
N VAL D 13 36.58 0.88 -9.70
CA VAL D 13 35.93 1.97 -8.99
C VAL D 13 36.90 3.12 -8.80
N ASN D 14 36.51 4.32 -9.30
CA ASN D 14 37.28 5.52 -9.18
C ASN D 14 36.57 6.59 -8.32
N SER D 15 35.24 6.45 -8.12
CA SER D 15 34.43 7.34 -7.29
C SER D 15 33.11 6.60 -7.01
N TRP D 16 32.22 7.23 -6.25
CA TRP D 16 31.00 6.60 -5.79
C TRP D 16 29.82 7.47 -6.20
N HIS D 17 28.79 6.84 -6.78
CA HIS D 17 27.57 7.56 -7.21
C HIS D 17 26.47 7.27 -6.18
N ILE D 18 25.56 8.22 -6.06
CA ILE D 18 24.40 8.00 -5.19
C ILE D 18 23.48 6.91 -5.77
N LEU D 19 23.07 5.96 -4.90
CA LEU D 19 22.11 4.90 -5.23
C LEU D 19 20.75 5.18 -4.58
N SER D 20 20.74 5.44 -3.28
CA SER D 20 19.45 5.63 -2.57
C SER D 20 19.68 6.42 -1.29
N LYS D 21 18.61 7.06 -0.84
CA LYS D 21 18.62 7.75 0.43
C LYS D 21 17.16 7.80 0.88
N ASP D 22 16.86 7.33 2.07
CA ASP D 22 15.46 7.26 2.44
C ASP D 22 14.97 8.47 3.24
N ASN D 23 15.84 9.32 3.81
CA ASN D 23 15.37 10.49 4.51
C ASN D 23 14.36 10.16 5.63
N ALA D 24 14.60 9.07 6.34
CA ALA D 24 13.59 8.49 7.21
C ALA D 24 13.28 9.42 8.40
N ILE D 25 14.29 10.08 8.94
CA ILE D 25 14.08 10.87 10.15
C ILE D 25 13.36 12.17 9.78
N ARG D 26 13.73 12.79 8.65
CA ARG D 26 13.02 13.93 8.18
C ARG D 26 11.54 13.61 7.98
N ILE D 27 11.26 12.50 7.29
CA ILE D 27 9.89 12.17 6.94
C ILE D 27 9.17 11.78 8.23
N GLY D 28 9.85 11.00 9.08
CA GLY D 28 9.23 10.46 10.29
C GLY D 28 8.95 11.47 11.39
N GLU D 29 9.41 12.70 11.21
CA GLU D 29 9.07 13.79 12.12
C GLU D 29 7.55 13.96 12.14
N ASP D 30 6.88 13.62 11.02
CA ASP D 30 5.42 13.83 10.90
C ASP D 30 4.71 12.54 10.43
N ALA D 31 5.30 11.70 9.61
CA ALA D 31 4.60 10.56 9.05
C ALA D 31 4.88 9.37 9.98
N HIS D 32 4.25 8.24 9.71
CA HIS D 32 4.34 7.12 10.64
C HIS D 32 5.51 6.24 10.21
N ILE D 33 6.69 6.54 10.71
CA ILE D 33 7.92 5.85 10.33
C ILE D 33 8.41 5.05 11.53
N LEU D 34 8.78 3.79 11.31
CA LEU D 34 9.26 2.92 12.39
C LEU D 34 10.63 3.36 12.86
N VAL D 35 10.85 3.28 14.18
CA VAL D 35 12.21 3.39 14.73
C VAL D 35 13.01 2.14 14.33
N THR D 36 14.24 2.36 13.87
CA THR D 36 15.12 1.29 13.38
C THR D 36 16.55 1.57 13.89
N ARG D 37 17.41 0.58 13.65
CA ARG D 37 18.84 0.73 13.66
C ARG D 37 19.37 -0.54 12.97
N GLU D 38 20.66 -0.58 12.73
CA GLU D 38 21.35 -1.66 12.06
C GLU D 38 20.75 -1.97 10.69
N PRO D 39 20.68 -0.96 9.81
CA PRO D 39 20.13 -1.13 8.48
C PRO D 39 21.16 -1.76 7.55
N TYR D 40 20.68 -2.19 6.39
CA TYR D 40 21.51 -2.62 5.31
C TYR D 40 20.67 -2.66 4.02
N LEU D 41 21.31 -3.02 2.90
CA LEU D 41 20.57 -3.35 1.68
C LEU D 41 20.97 -4.74 1.20
N SER D 42 20.11 -5.33 0.39
CA SER D 42 20.33 -6.64 -0.20
C SER D 42 19.49 -6.73 -1.45
N CYS D 43 20.07 -7.27 -2.50
CA CYS D 43 19.42 -7.31 -3.79
C CYS D 43 19.04 -8.75 -4.14
N ASP D 44 18.33 -8.86 -5.28
CA ASP D 44 17.83 -10.09 -5.81
C ASP D 44 17.62 -9.90 -7.30
N PRO D 45 17.19 -10.94 -8.05
CA PRO D 45 17.01 -10.78 -9.48
C PRO D 45 16.15 -9.58 -9.88
N GLN D 46 15.19 -9.22 -9.04
CA GLN D 46 14.23 -8.16 -9.43
C GLN D 46 14.75 -6.76 -9.07
N GLY D 47 15.63 -6.66 -8.08
CA GLY D 47 16.07 -5.32 -7.68
C GLY D 47 16.74 -5.38 -6.30
N CYS D 48 16.75 -4.24 -5.59
N CYS D 48 16.59 -4.28 -5.55
CA CYS D 48 17.34 -4.12 -4.25
CA CYS D 48 17.25 -4.13 -4.28
C CYS D 48 16.27 -3.61 -3.27
C CYS D 48 16.29 -3.55 -3.24
N ARG D 49 16.44 -4.01 -2.00
CA ARG D 49 15.60 -3.64 -0.91
C ARG D 49 16.47 -3.16 0.24
N MET D 50 15.86 -2.30 1.06
CA MET D 50 16.42 -1.89 2.29
C MET D 50 15.93 -2.84 3.39
N PHE D 51 16.75 -2.96 4.43
CA PHE D 51 16.56 -3.84 5.56
C PHE D 51 16.96 -3.09 6.83
N ALA D 52 16.34 -3.42 7.96
CA ALA D 52 16.82 -2.87 9.24
C ALA D 52 16.11 -3.63 10.37
N LEU D 53 16.57 -3.38 11.59
CA LEU D 53 15.92 -3.94 12.77
C LEU D 53 14.96 -2.89 13.33
N SER D 54 13.67 -3.12 13.17
CA SER D 54 12.65 -2.29 13.79
C SER D 54 12.78 -2.38 15.30
N GLN D 55 12.29 -1.34 16.01
CA GLN D 55 12.12 -1.34 17.46
C GLN D 55 10.63 -1.49 17.83
N GLY D 56 9.77 -1.76 16.86
CA GLY D 56 8.38 -2.06 17.17
C GLY D 56 7.65 -0.85 17.71
N THR D 57 7.92 0.32 17.12
CA THR D 57 7.33 1.59 17.48
C THR D 57 7.60 2.58 16.37
N THR D 58 6.74 3.59 16.24
CA THR D 58 7.08 4.70 15.36
C THR D 58 7.96 5.72 16.09
N LEU D 59 8.59 6.59 15.30
CA LEU D 59 9.58 7.54 15.77
C LEU D 59 8.91 8.63 16.63
N ARG D 60 7.73 9.10 16.24
CA ARG D 60 7.00 10.08 17.05
C ARG D 60 6.18 9.42 18.16
N GLY D 61 6.07 8.10 18.20
CA GLY D 61 5.30 7.43 19.21
C GLY D 61 5.96 7.55 20.56
N ARG D 62 5.15 7.41 21.62
CA ARG D 62 5.70 7.47 22.98
CA ARG D 62 5.69 7.46 23.00
C ARG D 62 6.63 6.28 23.25
N HIS D 63 6.42 5.16 22.53
CA HIS D 63 7.29 3.98 22.72
C HIS D 63 8.70 4.17 22.10
N ALA D 64 8.95 5.28 21.39
CA ALA D 64 10.28 5.55 20.91
C ALA D 64 11.17 5.87 22.11
N ASN D 65 10.57 6.21 23.25
CA ASN D 65 11.33 6.46 24.46
C ASN D 65 12.01 5.15 24.89
N GLY D 66 13.35 5.17 24.96
CA GLY D 66 14.07 3.99 25.43
C GLY D 66 14.74 3.20 24.30
N THR D 67 14.59 3.64 23.04
CA THR D 67 15.07 2.87 21.91
C THR D 67 16.61 2.88 21.71
N ILE D 68 17.37 3.50 22.61
N ILE D 68 17.36 3.51 22.62
CA ILE D 68 18.81 3.27 22.57
CA ILE D 68 18.82 3.35 22.74
C ILE D 68 19.08 1.79 22.84
C ILE D 68 19.15 1.86 22.97
N HIS D 69 18.20 1.12 23.62
N HIS D 69 18.20 1.17 23.63
CA HIS D 69 18.48 -0.25 24.02
CA HIS D 69 18.30 -0.28 24.02
C HIS D 69 18.42 -1.18 22.82
C HIS D 69 18.45 -1.14 22.76
N ASP D 70 19.39 -2.10 22.76
CA ASP D 70 19.67 -2.89 21.55
C ASP D 70 18.73 -4.10 21.40
N ARG D 71 18.31 -4.73 22.51
CA ARG D 71 17.65 -6.03 22.42
C ARG D 71 16.34 -6.01 23.21
N SER D 72 15.25 -6.40 22.56
CA SER D 72 13.96 -6.50 23.23
C SER D 72 13.12 -7.48 22.45
N PRO D 73 12.00 -7.95 23.01
CA PRO D 73 11.09 -8.80 22.27
C PRO D 73 10.27 -8.08 21.19
N PHE D 74 10.51 -6.77 20.99
CA PHE D 74 9.68 -5.94 20.09
C PHE D 74 10.41 -5.60 18.80
N ARG D 75 11.63 -6.15 18.63
CA ARG D 75 12.43 -5.92 17.45
C ARG D 75 12.17 -7.02 16.42
N ALA D 76 12.37 -6.66 15.14
CA ALA D 76 12.20 -7.58 14.04
C ALA D 76 13.02 -7.06 12.86
N LEU D 77 13.53 -7.99 12.03
CA LEU D 77 14.08 -7.61 10.74
C LEU D 77 12.93 -7.31 9.79
N ILE D 78 12.95 -6.09 9.25
CA ILE D 78 12.02 -5.65 8.25
C ILE D 78 12.79 -5.35 6.94
N SER D 79 12.07 -5.48 5.83
CA SER D 79 12.58 -5.08 4.51
C SER D 79 11.53 -4.21 3.82
N TRP D 80 11.98 -3.40 2.86
CA TRP D 80 11.08 -2.53 2.16
C TRP D 80 11.73 -2.05 0.87
N GLU D 81 10.88 -1.56 -0.04
CA GLU D 81 11.37 -1.11 -1.34
C GLU D 81 12.41 0.01 -1.18
N MET D 82 13.54 -0.18 -1.88
CA MET D 82 14.69 0.72 -1.74
C MET D 82 14.27 2.16 -1.96
N GLY D 83 14.62 3.03 -0.99
CA GLY D 83 14.40 4.43 -1.15
C GLY D 83 13.19 4.97 -0.41
N GLN D 84 12.18 4.13 -0.20
N GLN D 84 12.18 4.12 -0.19
CA GLN D 84 11.08 4.51 0.66
CA GLN D 84 11.09 4.51 0.67
C GLN D 84 11.62 4.54 2.10
C GLN D 84 11.64 4.56 2.09
N ALA D 85 10.93 5.26 2.98
CA ALA D 85 11.19 5.20 4.45
C ALA D 85 10.36 4.06 5.01
N PRO D 86 10.84 3.45 6.10
CA PRO D 86 10.17 2.30 6.66
C PRO D 86 8.96 2.68 7.53
N SER D 87 7.76 2.37 7.05
N SER D 87 7.77 2.32 7.07
CA SER D 87 6.52 2.62 7.79
CA SER D 87 6.53 2.60 7.78
C SER D 87 5.91 1.29 8.21
C SER D 87 5.86 1.29 8.17
N PRO D 88 4.89 1.29 9.11
CA PRO D 88 4.11 0.09 9.42
C PRO D 88 3.31 -0.38 8.20
N TYR D 89 3.25 0.43 7.14
CA TYR D 89 2.39 0.13 6.03
C TYR D 89 3.13 -0.48 4.83
N ASN D 90 4.44 -0.29 4.72
CA ASN D 90 5.16 -0.67 3.50
C ASN D 90 6.30 -1.67 3.80
N THR D 91 6.34 -2.25 5.01
CA THR D 91 7.49 -3.09 5.42
C THR D 91 7.09 -4.56 5.59
N ARG D 92 7.98 -5.46 5.15
CA ARG D 92 7.80 -6.89 5.28
C ARG D 92 8.59 -7.34 6.52
N VAL D 93 7.96 -8.10 7.38
CA VAL D 93 8.67 -8.67 8.52
C VAL D 93 9.37 -9.94 8.01
N GLU D 94 10.70 -9.92 8.00
CA GLU D 94 11.50 -11.05 7.52
C GLU D 94 11.64 -12.13 8.61
N CYS D 95 11.80 -11.70 9.86
N CYS D 95 11.84 -11.71 9.84
CA CYS D 95 12.07 -12.60 10.98
CA CYS D 95 12.01 -12.61 10.99
C CYS D 95 12.03 -11.75 12.25
C CYS D 95 11.99 -11.76 12.24
N ILE D 96 11.89 -12.39 13.41
CA ILE D 96 11.76 -11.67 14.69
C ILE D 96 13.09 -11.77 15.43
N GLY D 97 13.60 -10.64 15.89
CA GLY D 97 14.77 -10.62 16.73
C GLY D 97 15.56 -9.34 16.61
N TRP D 98 16.79 -9.39 17.14
CA TRP D 98 17.56 -8.19 17.42
C TRP D 98 18.99 -8.26 16.85
N SER D 99 19.25 -9.27 16.00
CA SER D 99 20.49 -9.40 15.18
C SER D 99 20.14 -10.17 13.92
N SER D 100 20.62 -9.75 12.74
CA SER D 100 20.16 -10.37 11.51
C SER D 100 21.22 -10.41 10.42
N THR D 101 20.92 -11.22 9.39
CA THR D 101 21.52 -11.15 8.08
C THR D 101 20.47 -11.62 7.08
N SER D 102 20.72 -11.30 5.82
CA SER D 102 19.84 -11.81 4.74
C SER D 102 20.59 -11.83 3.43
N CYS D 103 20.20 -12.73 2.54
CA CYS D 103 20.81 -12.75 1.21
C CYS D 103 19.96 -13.65 0.31
N HIS D 104 20.02 -13.37 -0.98
CA HIS D 104 19.30 -14.11 -2.00
C HIS D 104 20.30 -14.98 -2.76
N ASP D 105 19.92 -16.24 -2.96
CA ASP D 105 20.84 -17.19 -3.57
C ASP D 105 20.60 -17.30 -5.09
N GLY D 106 19.72 -16.48 -5.63
CA GLY D 106 19.33 -16.48 -7.05
C GLY D 106 17.96 -17.12 -7.24
N MET D 107 17.58 -17.96 -6.27
CA MET D 107 16.29 -18.68 -6.26
C MET D 107 15.33 -18.06 -5.23
N SER D 108 15.74 -17.94 -3.96
CA SER D 108 14.93 -17.39 -2.90
C SER D 108 15.86 -16.67 -1.91
N ARG D 109 15.24 -15.93 -0.98
CA ARG D 109 15.92 -15.20 0.04
C ARG D 109 15.96 -16.01 1.33
N MET D 110 17.16 -16.04 1.92
CA MET D 110 17.42 -16.55 3.25
C MET D 110 17.50 -15.32 4.17
N SER D 111 16.77 -15.36 5.29
CA SER D 111 16.86 -14.32 6.33
C SER D 111 17.06 -15.03 7.67
N ILE D 112 17.92 -14.47 8.49
CA ILE D 112 18.24 -15.07 9.81
C ILE D 112 18.11 -14.00 10.88
N CYS D 113 17.38 -14.29 11.91
N CYS D 113 17.45 -14.33 11.98
CA CYS D 113 17.23 -13.43 13.15
CA CYS D 113 17.32 -13.39 13.11
C CYS D 113 17.63 -14.21 14.41
C CYS D 113 17.52 -14.14 14.43
N MET D 114 18.33 -13.54 15.28
CA MET D 114 18.56 -14.05 16.64
C MET D 114 17.62 -13.31 17.59
N SER D 115 17.09 -14.05 18.54
CA SER D 115 16.22 -13.48 19.54
CA SER D 115 16.29 -13.43 19.55
C SER D 115 16.47 -14.20 20.85
N GLY D 116 15.89 -13.65 21.92
CA GLY D 116 15.93 -14.30 23.23
C GLY D 116 16.74 -13.52 24.23
N PRO D 117 16.88 -14.09 25.43
CA PRO D 117 17.65 -13.46 26.50
C PRO D 117 19.14 -13.63 26.19
N ASN D 118 19.97 -12.80 26.85
CA ASN D 118 21.41 -12.81 26.58
C ASN D 118 22.01 -14.20 26.78
N ASN D 119 21.52 -14.98 27.75
CA ASN D 119 22.15 -16.21 28.07
C ASN D 119 21.49 -17.40 27.36
N ASN D 120 20.58 -17.16 26.39
CA ASN D 120 19.77 -18.26 25.88
C ASN D 120 19.14 -17.85 24.56
N ALA D 121 19.91 -17.16 23.72
CA ALA D 121 19.41 -16.67 22.43
C ALA D 121 19.36 -17.82 21.44
N SER D 122 18.66 -17.61 20.33
CA SER D 122 18.60 -18.58 19.28
CA SER D 122 18.56 -18.60 19.29
C SER D 122 18.40 -17.88 17.95
N ALA D 123 18.94 -18.48 16.90
CA ALA D 123 18.73 -18.04 15.52
C ALA D 123 17.60 -18.87 14.90
N VAL D 124 16.78 -18.20 14.11
CA VAL D 124 15.83 -18.81 13.23
C VAL D 124 16.17 -18.42 11.81
N VAL D 125 16.33 -19.45 10.96
CA VAL D 125 16.80 -19.35 9.60
C VAL D 125 15.60 -19.59 8.70
N TRP D 126 15.28 -18.57 7.91
CA TRP D 126 14.15 -18.54 7.02
C TRP D 126 14.63 -18.66 5.59
N TYR D 127 13.83 -19.32 4.73
CA TYR D 127 14.17 -19.42 3.33
C TYR D 127 12.86 -19.34 2.55
N GLY D 128 12.81 -18.48 1.54
CA GLY D 128 11.54 -18.30 0.79
C GLY D 128 10.35 -17.91 1.65
N GLY D 129 10.60 -17.21 2.78
CA GLY D 129 9.55 -16.69 3.64
C GLY D 129 9.02 -17.68 4.66
N ARG D 130 9.71 -18.82 4.81
CA ARG D 130 9.32 -19.90 5.72
CA ARG D 130 9.31 -19.87 5.74
C ARG D 130 10.48 -20.25 6.64
N PRO D 131 10.24 -20.59 7.91
CA PRO D 131 11.32 -20.99 8.83
C PRO D 131 11.78 -22.41 8.50
N ILE D 132 13.10 -22.58 8.42
CA ILE D 132 13.71 -23.85 8.04
C ILE D 132 14.48 -24.49 9.19
N THR D 133 15.37 -23.73 9.82
CA THR D 133 16.35 -24.23 10.77
C THR D 133 16.35 -23.31 11.98
N GLU D 134 16.63 -23.87 13.16
CA GLU D 134 16.86 -23.09 14.36
C GLU D 134 18.21 -23.48 14.94
N ILE D 135 18.90 -22.50 15.53
CA ILE D 135 20.25 -22.69 16.11
C ILE D 135 20.31 -22.09 17.50
N PRO D 136 20.47 -22.92 18.54
CA PRO D 136 20.64 -22.39 19.88
C PRO D 136 22.04 -21.79 20.11
N SER D 137 22.12 -20.80 21.00
CA SER D 137 23.39 -20.25 21.51
C SER D 137 24.31 -21.42 21.91
N TRP D 138 25.56 -21.32 21.50
CA TRP D 138 26.61 -22.25 21.88
C TRP D 138 27.46 -21.70 23.03
N ALA D 139 27.41 -20.41 23.33
CA ALA D 139 28.26 -19.88 24.39
C ALA D 139 27.49 -19.08 25.46
N GLY D 140 26.16 -19.03 25.37
CA GLY D 140 25.36 -18.41 26.36
C GLY D 140 25.60 -16.93 26.52
N ASN D 141 25.99 -16.22 25.44
CA ASN D 141 26.26 -14.82 25.55
C ASN D 141 26.04 -14.08 24.22
N ILE D 142 24.75 -13.82 23.98
CA ILE D 142 24.27 -12.95 22.87
C ILE D 142 24.72 -13.49 21.51
N LEU D 143 24.23 -14.66 21.13
CA LEU D 143 24.42 -15.17 19.79
C LEU D 143 23.94 -14.10 18.80
N ARG D 144 24.78 -13.83 17.81
CA ARG D 144 24.58 -12.61 17.02
C ARG D 144 25.29 -12.78 15.67
N THR D 145 24.96 -11.89 14.72
CA THR D 145 25.48 -12.05 13.37
C THR D 145 25.74 -10.68 12.70
N GLN D 146 25.76 -10.69 11.38
CA GLN D 146 26.44 -9.72 10.60
C GLN D 146 25.85 -8.32 10.66
N GLU D 147 24.53 -8.18 10.69
CA GLU D 147 23.84 -6.87 10.47
C GLU D 147 24.11 -6.26 9.08
N SER D 148 24.48 -7.09 8.10
CA SER D 148 24.45 -6.71 6.69
C SER D 148 24.32 -8.00 5.90
N GLU D 149 24.28 -7.92 4.55
CA GLU D 149 23.90 -9.11 3.79
C GLU D 149 25.01 -10.17 3.80
N CYS D 150 24.53 -11.40 3.67
CA CYS D 150 25.35 -12.57 3.33
C CYS D 150 25.49 -12.66 1.81
N VAL D 151 26.25 -13.66 1.34
CA VAL D 151 26.57 -13.80 -0.06
C VAL D 151 26.47 -15.29 -0.36
N CYS D 152 25.97 -15.63 -1.56
CA CYS D 152 25.74 -17.03 -1.93
C CYS D 152 26.51 -17.38 -3.22
N HIS D 153 26.90 -18.65 -3.32
CA HIS D 153 27.57 -19.22 -4.49
C HIS D 153 27.13 -20.66 -4.73
N LYS D 154 26.53 -20.95 -5.89
CA LYS D 154 26.02 -22.27 -6.22
C LYS D 154 25.06 -22.75 -5.13
N GLY D 155 24.33 -21.80 -4.54
CA GLY D 155 23.33 -22.14 -3.53
C GLY D 155 23.85 -22.22 -2.11
N VAL D 156 25.16 -22.11 -1.93
CA VAL D 156 25.78 -22.12 -0.64
C VAL D 156 26.00 -20.69 -0.18
N CYS D 157 25.43 -20.36 1.00
CA CYS D 157 25.47 -19.04 1.58
C CYS D 157 26.14 -19.11 2.95
N PRO D 158 27.43 -18.75 3.06
CA PRO D 158 28.11 -18.68 4.35
C PRO D 158 27.60 -17.48 5.17
N VAL D 159 27.54 -17.66 6.48
CA VAL D 159 27.15 -16.63 7.44
C VAL D 159 28.10 -16.74 8.61
N VAL D 160 28.63 -15.59 9.00
CA VAL D 160 29.50 -15.48 10.16
C VAL D 160 28.66 -15.07 11.38
N MET D 161 28.83 -15.83 12.47
CA MET D 161 28.11 -15.65 13.71
C MET D 161 29.10 -15.68 14.88
N THR D 162 28.75 -14.94 15.92
CA THR D 162 29.56 -14.89 17.15
C THR D 162 28.67 -15.09 18.36
N ASP D 163 29.21 -15.82 19.33
CA ASP D 163 28.56 -15.97 20.61
C ASP D 163 29.67 -15.85 21.67
N GLY D 164 29.44 -15.05 22.68
CA GLY D 164 30.50 -14.82 23.69
C GLY D 164 30.73 -13.34 23.95
N PRO D 165 31.75 -13.02 24.78
CA PRO D 165 31.99 -11.64 25.16
C PRO D 165 32.24 -10.68 23.99
N ALA D 166 31.84 -9.44 24.19
CA ALA D 166 32.15 -8.33 23.30
C ALA D 166 33.51 -7.73 23.61
N ASN D 167 34.10 -8.10 24.75
CA ASN D 167 35.29 -7.41 25.24
C ASN D 167 36.36 -8.43 25.63
N ASN D 168 36.32 -9.60 25.00
CA ASN D 168 37.27 -10.69 25.22
C ASN D 168 37.08 -11.73 24.14
N ARG D 169 37.90 -12.76 24.14
CA ARG D 169 37.81 -13.80 23.15
CA ARG D 169 37.83 -13.84 23.18
C ARG D 169 36.40 -14.40 23.22
N ALA D 170 35.85 -14.65 22.04
CA ALA D 170 34.51 -15.17 21.85
C ALA D 170 34.57 -16.37 20.92
N ALA D 171 33.41 -16.98 20.71
CA ALA D 171 33.28 -18.19 19.87
C ALA D 171 32.57 -17.84 18.56
N THR D 172 33.35 -17.62 17.52
CA THR D 172 32.83 -17.33 16.18
C THR D 172 32.76 -18.62 15.37
N LYS D 173 31.72 -18.73 14.57
CA LYS D 173 31.54 -19.82 13.66
CA LYS D 173 31.54 -19.82 13.66
C LYS D 173 31.11 -19.30 12.30
N ILE D 174 31.49 -20.04 11.27
CA ILE D 174 30.99 -19.85 9.93
C ILE D 174 30.06 -21.02 9.64
N ILE D 175 28.79 -20.70 9.35
CA ILE D 175 27.81 -21.67 9.04
C ILE D 175 27.45 -21.51 7.58
N TYR D 176 27.50 -22.66 6.89
CA TYR D 176 27.27 -22.68 5.45
C TYR D 176 25.86 -23.23 5.20
N PHE D 177 24.97 -22.43 4.66
CA PHE D 177 23.60 -22.80 4.43
C PHE D 177 23.31 -23.11 2.97
N LYS D 178 22.36 -24.00 2.70
CA LYS D 178 21.80 -24.14 1.37
C LYS D 178 20.29 -24.37 1.54
N GLU D 179 19.50 -23.49 0.94
CA GLU D 179 18.03 -23.55 1.09
C GLU D 179 17.66 -23.54 2.57
N GLY D 180 18.42 -22.77 3.36
CA GLY D 180 18.17 -22.60 4.78
C GLY D 180 18.61 -23.76 5.66
N LYS D 181 19.22 -24.79 5.07
CA LYS D 181 19.66 -25.99 5.82
C LYS D 181 21.17 -25.92 6.02
N ILE D 182 21.63 -26.36 7.20
CA ILE D 182 23.04 -26.32 7.50
C ILE D 182 23.78 -27.40 6.72
N GLN D 183 24.78 -26.99 5.91
CA GLN D 183 25.64 -27.91 5.18
C GLN D 183 26.90 -28.21 5.97
N LYS D 184 27.38 -27.25 6.74
CA LYS D 184 28.65 -27.37 7.45
C LYS D 184 28.73 -26.23 8.44
N ILE D 185 29.36 -26.50 9.59
CA ILE D 185 29.71 -25.51 10.56
C ILE D 185 31.22 -25.54 10.80
N GLU D 186 31.88 -24.37 10.76
CA GLU D 186 33.33 -24.29 11.09
C GLU D 186 33.52 -23.34 12.26
N GLU D 187 34.43 -23.66 13.16
CA GLU D 187 34.95 -22.71 14.09
C GLU D 187 35.90 -21.75 13.36
N LEU D 188 35.87 -20.48 13.77
CA LEU D 188 36.83 -19.48 13.26
C LEU D 188 38.26 -20.01 13.46
N ALA D 189 39.02 -19.95 12.39
CA ALA D 189 40.49 -20.22 12.39
C ALA D 189 41.25 -18.97 11.89
N GLY D 190 42.58 -18.99 12.06
CA GLY D 190 43.47 -17.96 11.56
C GLY D 190 43.75 -16.90 12.60
N ASN D 191 44.18 -15.73 12.15
CA ASN D 191 44.84 -14.74 13.01
C ASN D 191 43.88 -13.64 13.52
N ALA D 192 42.63 -13.56 13.04
CA ALA D 192 41.71 -12.58 13.62
C ALA D 192 41.44 -12.99 15.05
N GLN D 193 41.55 -12.06 16.00
N GLN D 193 41.53 -12.05 15.99
CA GLN D 193 41.43 -12.36 17.44
CA GLN D 193 41.41 -12.29 17.43
C GLN D 193 39.99 -12.19 17.96
C GLN D 193 39.95 -12.32 17.88
N HIS D 194 39.12 -11.49 17.22
CA HIS D 194 37.73 -11.24 17.65
C HIS D 194 36.95 -10.80 16.42
N ILE D 195 35.73 -11.32 16.27
CA ILE D 195 34.94 -11.05 15.07
C ILE D 195 33.54 -10.62 15.47
N GLU D 196 33.14 -9.48 14.90
CA GLU D 196 31.79 -9.02 14.96
C GLU D 196 31.34 -8.48 13.60
N GLU D 197 30.04 -8.58 13.34
CA GLU D 197 29.36 -7.70 12.41
C GLU D 197 30.05 -7.66 11.04
N CYS D 198 30.29 -8.84 10.47
CA CYS D 198 30.99 -8.95 9.22
C CYS D 198 30.20 -8.33 8.06
N SER D 199 30.92 -7.59 7.21
CA SER D 199 30.41 -7.02 5.97
C SER D 199 31.04 -7.81 4.82
N CYS D 200 30.22 -8.51 4.01
CA CYS D 200 30.73 -9.54 3.10
C CYS D 200 30.31 -9.25 1.66
N TYR D 201 31.17 -9.62 0.71
CA TYR D 201 30.86 -9.55 -0.71
C TYR D 201 31.63 -10.64 -1.43
N GLY D 202 31.19 -10.94 -2.65
CA GLY D 202 31.76 -12.01 -3.45
C GLY D 202 32.25 -11.48 -4.78
N ALA D 203 33.37 -12.06 -5.27
CA ALA D 203 33.92 -11.76 -6.62
C ALA D 203 34.91 -12.88 -6.98
N GLY D 204 34.90 -13.29 -8.25
CA GLY D 204 35.89 -14.28 -8.72
C GLY D 204 35.91 -15.54 -7.85
N GLY D 205 34.74 -15.99 -7.39
CA GLY D 205 34.61 -17.25 -6.64
C GLY D 205 35.03 -17.19 -5.18
N VAL D 206 35.31 -16.00 -4.66
CA VAL D 206 35.83 -15.78 -3.31
C VAL D 206 34.89 -14.84 -2.56
N ILE D 207 34.56 -15.19 -1.33
CA ILE D 207 33.81 -14.30 -0.49
C ILE D 207 34.78 -13.69 0.52
N LYS D 208 34.74 -12.35 0.64
CA LYS D 208 35.54 -11.65 1.61
C LYS D 208 34.62 -10.97 2.61
N CYS D 209 34.92 -11.15 3.92
CA CYS D 209 34.17 -10.57 4.99
C CYS D 209 35.09 -9.65 5.79
N ILE D 210 34.75 -8.36 5.86
CA ILE D 210 35.53 -7.35 6.57
C ILE D 210 34.74 -7.01 7.83
N CYS D 211 35.36 -7.24 8.99
CA CYS D 211 34.61 -7.31 10.21
C CYS D 211 35.04 -6.24 11.22
N ARG D 212 34.59 -6.42 12.45
CA ARG D 212 34.88 -5.56 13.59
C ARG D 212 35.53 -6.41 14.68
N ASP D 213 36.75 -6.04 15.06
CA ASP D 213 37.39 -6.64 16.26
C ASP D 213 37.03 -5.72 17.41
N ASN D 214 36.15 -6.18 18.30
CA ASN D 214 35.68 -5.34 19.41
C ASN D 214 36.59 -5.42 20.65
N TRP D 215 37.53 -6.36 20.60
CA TRP D 215 38.38 -6.65 21.75
C TRP D 215 39.68 -5.82 21.73
N LYS D 216 40.36 -5.84 20.60
CA LYS D 216 41.71 -5.25 20.46
C LYS D 216 41.84 -4.29 19.26
N GLY D 217 41.64 -4.79 18.05
CA GLY D 217 42.15 -4.12 16.85
C GLY D 217 41.30 -2.93 16.43
N ALA D 218 41.99 -1.86 16.04
CA ALA D 218 41.41 -0.73 15.29
C ALA D 218 41.60 -0.94 13.80
N ASN D 219 42.47 -1.88 13.41
CA ASN D 219 42.49 -2.47 12.07
C ASN D 219 41.38 -3.53 12.03
N ARG D 220 40.78 -3.71 10.85
CA ARG D 220 39.63 -4.65 10.77
C ARG D 220 40.04 -6.05 10.37
N PRO D 221 39.48 -7.08 11.01
CA PRO D 221 39.70 -8.46 10.57
C PRO D 221 39.09 -8.70 9.18
N VAL D 222 39.72 -9.62 8.45
CA VAL D 222 39.26 -10.03 7.16
C VAL D 222 39.22 -11.56 7.19
N ILE D 223 38.05 -12.13 6.90
CA ILE D 223 37.85 -13.55 6.70
C ILE D 223 37.66 -13.80 5.21
N THR D 224 38.45 -14.73 4.65
CA THR D 224 38.34 -15.09 3.28
C THR D 224 37.74 -16.49 3.18
N ILE D 225 36.64 -16.62 2.45
CA ILE D 225 35.85 -17.84 2.45
C ILE D 225 35.82 -18.43 1.04
N ASP D 226 36.13 -19.73 0.96
CA ASP D 226 35.91 -20.56 -0.23
C ASP D 226 34.54 -21.21 -0.10
N PRO D 227 33.51 -20.75 -0.84
CA PRO D 227 32.17 -21.27 -0.68
C PRO D 227 31.95 -22.65 -1.32
N GLU D 228 32.93 -23.14 -2.11
CA GLU D 228 32.81 -24.48 -2.70
C GLU D 228 33.42 -25.54 -1.77
N MET D 229 34.64 -25.29 -1.26
CA MET D 229 35.29 -26.16 -0.29
C MET D 229 34.66 -25.96 1.10
N MET D 230 33.94 -24.82 1.31
CA MET D 230 33.38 -24.43 2.63
C MET D 230 34.51 -24.42 3.67
N THR D 231 35.57 -23.67 3.35
CA THR D 231 36.69 -23.40 4.26
C THR D 231 37.01 -21.91 4.23
N HIS D 232 37.84 -21.50 5.18
CA HIS D 232 38.17 -20.13 5.34
C HIS D 232 39.57 -19.94 5.92
N THR D 233 40.04 -18.71 5.81
CA THR D 233 41.20 -18.19 6.53
C THR D 233 40.84 -16.84 7.12
N SER D 234 41.62 -16.39 8.09
CA SER D 234 41.40 -15.04 8.63
C SER D 234 42.71 -14.36 9.01
N LYS D 235 42.68 -13.04 8.99
CA LYS D 235 43.80 -12.16 9.39
C LYS D 235 43.25 -10.75 9.53
N TYR D 236 44.11 -9.75 9.44
CA TYR D 236 43.72 -8.35 9.56
C TYR D 236 44.01 -7.67 8.23
N LEU D 237 43.27 -6.61 7.94
CA LEU D 237 43.63 -5.66 6.87
CA LEU D 237 43.63 -5.70 6.85
C LEU D 237 45.06 -5.20 7.11
N CYS D 238 45.90 -5.29 6.09
CA CYS D 238 47.37 -4.99 6.27
C CYS D 238 47.61 -3.49 6.41
N SER D 239 46.81 -2.67 5.75
CA SER D 239 47.08 -1.25 5.66
C SER D 239 47.24 -0.56 7.02
N LYS D 240 48.15 0.44 7.03
CA LYS D 240 48.31 1.40 8.09
C LYS D 240 47.08 2.33 8.22
N VAL D 241 46.20 2.35 7.22
CA VAL D 241 44.99 3.20 7.32
C VAL D 241 43.96 2.42 8.15
N LEU D 242 43.79 2.87 9.39
CA LEU D 242 42.95 2.12 10.35
C LEU D 242 41.51 2.56 10.11
N THR D 243 40.59 1.61 10.17
CA THR D 243 39.23 1.92 9.72
C THR D 243 38.15 1.52 10.72
N ASP D 244 38.49 1.06 11.91
CA ASP D 244 37.53 0.97 13.00
C ASP D 244 37.36 2.33 13.71
N THR D 245 36.37 2.38 14.61
CA THR D 245 36.11 3.53 15.47
C THR D 245 35.74 2.98 16.84
N SER D 246 36.41 3.43 17.93
CA SER D 246 37.47 4.42 17.99
C SER D 246 38.81 3.80 17.57
N ARG D 247 39.72 4.66 17.12
CA ARG D 247 41.04 4.24 16.62
C ARG D 247 42.07 5.29 16.98
N PRO D 248 43.35 4.87 17.07
CA PRO D 248 44.43 5.84 17.23
C PRO D 248 44.73 6.45 15.85
N ASN D 249 45.72 7.34 15.86
CA ASN D 249 46.31 7.79 14.65
C ASN D 249 46.85 6.62 13.85
N ASP D 250 46.82 6.76 12.51
CA ASP D 250 47.34 5.71 11.67
C ASP D 250 48.83 5.58 11.96
N PRO D 251 49.35 4.36 12.17
CA PRO D 251 50.78 4.18 12.38
C PRO D 251 51.57 4.23 11.07
N THR D 252 52.89 4.34 11.27
CA THR D 252 53.79 4.11 10.09
CA THR D 252 53.73 4.18 10.02
C THR D 252 53.53 2.84 9.16
N ASN D 253 53.35 1.71 9.83
CA ASN D 253 52.95 0.49 9.12
C ASN D 253 51.78 -0.15 9.83
N GLY D 254 50.96 -0.83 9.07
CA GLY D 254 49.90 -1.64 9.68
C GLY D 254 50.43 -3.02 10.04
N ASN D 255 49.52 -3.93 10.30
CA ASN D 255 49.91 -5.28 10.66
C ASN D 255 48.86 -6.24 10.09
N CYS D 256 49.27 -7.13 9.19
CA CYS D 256 48.43 -8.19 8.53
C CYS D 256 47.96 -9.26 9.52
N ASP D 257 48.72 -9.49 10.61
CA ASP D 257 48.53 -10.72 11.37
C ASP D 257 48.23 -10.53 12.85
N ALA D 258 48.02 -9.30 13.29
CA ALA D 258 47.74 -9.01 14.67
C ALA D 258 47.01 -7.68 14.74
N PRO D 259 46.24 -7.46 15.82
CA PRO D 259 45.57 -6.18 16.00
C PRO D 259 46.50 -4.99 16.29
N ILE D 260 46.14 -3.85 15.72
CA ILE D 260 46.75 -2.59 16.08
CA ILE D 260 46.73 -2.54 16.04
C ILE D 260 45.81 -1.92 17.08
N THR D 261 46.27 -1.79 18.32
CA THR D 261 45.42 -1.39 19.39
C THR D 261 45.46 0.11 19.61
N GLY D 262 44.53 0.54 20.45
CA GLY D 262 44.45 1.89 20.86
C GLY D 262 43.12 2.54 20.49
N GLY D 263 43.07 3.84 20.76
CA GLY D 263 41.87 4.65 20.48
C GLY D 263 40.97 4.78 21.68
N SER D 264 40.07 5.77 21.66
CA SER D 264 39.21 6.04 22.76
C SER D 264 37.99 6.82 22.26
N PRO D 265 36.78 6.60 22.80
CA PRO D 265 36.47 5.80 23.97
C PRO D 265 35.79 4.45 23.69
N ASP D 266 35.57 4.14 22.42
CA ASP D 266 34.72 3.03 22.04
C ASP D 266 35.49 1.94 21.32
N PRO D 267 35.13 0.67 21.58
CA PRO D 267 35.88 -0.45 21.01
C PRO D 267 35.66 -0.84 19.54
N GLY D 268 34.59 -0.34 18.90
CA GLY D 268 34.38 -0.67 17.53
C GLY D 268 33.06 -0.17 16.96
N VAL D 269 32.96 -0.29 15.63
CA VAL D 269 31.77 -0.04 14.86
C VAL D 269 31.80 -0.99 13.68
N LYS D 270 30.62 -1.41 13.21
CA LYS D 270 30.55 -2.18 12.00
C LYS D 270 31.04 -1.32 10.83
N GLY D 271 31.85 -1.94 9.97
CA GLY D 271 32.35 -1.29 8.75
C GLY D 271 32.60 -2.31 7.67
N PHE D 272 33.33 -1.88 6.63
CA PHE D 272 33.49 -2.66 5.43
C PHE D 272 34.69 -2.15 4.61
N ALA D 273 35.10 -2.97 3.64
CA ALA D 273 36.02 -2.57 2.64
C ALA D 273 35.82 -3.44 1.41
N PHE D 274 36.27 -2.93 0.26
CA PHE D 274 36.38 -3.75 -0.95
C PHE D 274 37.88 -3.94 -1.25
N LEU D 275 38.30 -5.19 -1.39
CA LEU D 275 39.76 -5.51 -1.47
C LEU D 275 40.02 -6.24 -2.78
N ASP D 276 40.74 -5.57 -3.69
CA ASP D 276 40.94 -6.06 -5.05
C ASP D 276 42.22 -5.45 -5.67
N GLY D 277 43.36 -5.69 -5.01
CA GLY D 277 44.62 -5.12 -5.43
C GLY D 277 44.58 -3.62 -5.49
N GLU D 278 44.93 -3.07 -6.65
N GLU D 278 44.91 -3.06 -6.64
CA GLU D 278 44.97 -1.62 -6.86
CA GLU D 278 44.98 -1.62 -6.82
C GLU D 278 43.57 -1.03 -6.60
C GLU D 278 43.57 -1.00 -6.67
N ASN D 279 42.55 -1.80 -7.00
CA ASN D 279 41.13 -1.40 -6.90
C ASN D 279 40.57 -1.69 -5.50
N SER D 280 41.15 -1.08 -4.46
CA SER D 280 40.76 -1.35 -3.09
C SER D 280 40.30 -0.05 -2.43
N TRP D 281 39.13 -0.14 -1.76
CA TRP D 281 38.52 0.98 -1.11
C TRP D 281 38.15 0.64 0.33
N LEU D 282 38.53 1.55 1.25
CA LEU D 282 38.28 1.42 2.68
C LEU D 282 37.32 2.54 3.08
N GLY D 283 36.22 2.17 3.74
CA GLY D 283 35.38 3.15 4.35
C GLY D 283 35.78 3.34 5.81
N ARG D 284 35.58 4.53 6.32
CA ARG D 284 35.65 4.78 7.78
C ARG D 284 34.96 6.07 8.18
N THR D 285 34.68 6.19 9.48
CA THR D 285 34.18 7.45 10.02
C THR D 285 35.30 8.48 9.87
N ILE D 286 34.95 9.75 9.72
CA ILE D 286 35.99 10.81 9.61
C ILE D 286 36.63 11.02 10.97
N SER D 287 35.83 11.04 12.02
CA SER D 287 36.36 11.13 13.37
C SER D 287 37.03 9.82 13.73
N LYS D 288 38.18 9.93 14.44
N LYS D 288 38.17 9.91 14.45
CA LYS D 288 38.87 8.77 14.99
CA LYS D 288 38.83 8.70 14.94
C LYS D 288 38.16 8.28 16.25
C LYS D 288 38.19 8.28 16.28
N ASP D 289 37.41 9.16 16.91
CA ASP D 289 36.84 8.88 18.20
C ASP D 289 35.37 8.48 18.12
N SER D 290 34.57 9.22 17.36
CA SER D 290 33.11 9.16 17.35
CA SER D 290 33.11 9.09 17.36
C SER D 290 32.60 8.69 15.98
N ARG D 291 31.34 8.21 16.00
CA ARG D 291 30.61 7.82 14.76
C ARG D 291 30.10 9.08 14.08
N SER D 292 31.05 9.86 13.55
CA SER D 292 30.72 11.07 12.86
CA SER D 292 30.84 11.13 12.92
C SER D 292 31.55 11.14 11.58
N GLY D 293 30.84 11.60 10.52
CA GLY D 293 31.35 11.68 9.19
C GLY D 293 31.56 10.30 8.61
N TYR D 294 31.84 10.26 7.32
CA TYR D 294 32.12 9.05 6.61
C TYR D 294 32.89 9.37 5.34
N GLU D 295 33.98 8.65 5.12
CA GLU D 295 34.87 8.89 3.98
C GLU D 295 35.23 7.55 3.37
N MET D 296 35.35 7.53 2.04
CA MET D 296 35.87 6.43 1.27
C MET D 296 37.29 6.83 0.85
N LEU D 297 38.22 5.90 1.05
CA LEU D 297 39.65 6.08 0.74
C LEU D 297 40.07 4.96 -0.20
N LYS D 298 40.65 5.34 -1.33
CA LYS D 298 41.18 4.36 -2.26
C LYS D 298 42.61 4.04 -1.80
N VAL D 299 42.80 2.82 -1.32
CA VAL D 299 44.08 2.40 -0.70
C VAL D 299 44.55 1.16 -1.44
N PRO D 300 45.32 1.35 -2.54
CA PRO D 300 45.80 0.23 -3.32
C PRO D 300 46.54 -0.76 -2.39
N ASN D 301 46.20 -2.02 -2.58
CA ASN D 301 46.85 -3.15 -1.92
C ASN D 301 46.66 -3.06 -0.42
N ALA D 302 45.55 -2.44 0.03
CA ALA D 302 45.27 -2.39 1.47
C ALA D 302 45.29 -3.77 2.14
N GLU D 303 44.88 -4.80 1.41
CA GLU D 303 44.76 -6.16 1.93
C GLU D 303 46.13 -6.79 2.23
N THR D 304 47.18 -6.34 1.53
CA THR D 304 48.48 -7.07 1.47
C THR D 304 49.65 -6.21 1.92
N ASP D 305 49.53 -4.89 1.85
CA ASP D 305 50.67 -3.94 2.01
C ASP D 305 50.50 -3.13 3.30
N ILE D 306 51.36 -3.40 4.30
CA ILE D 306 51.34 -2.67 5.55
C ILE D 306 51.68 -1.18 5.38
N GLN D 307 52.30 -0.79 4.24
CA GLN D 307 52.64 0.61 4.02
C GLN D 307 51.61 1.34 3.15
N SER D 308 50.56 0.64 2.72
CA SER D 308 49.56 1.21 1.83
C SER D 308 48.81 2.39 2.47
N GLY D 309 48.73 3.49 1.72
CA GLY D 309 48.03 4.67 2.11
C GLY D 309 47.08 5.11 1.00
N PRO D 310 46.26 6.13 1.27
CA PRO D 310 45.24 6.56 0.29
C PRO D 310 45.81 7.30 -0.93
N ILE D 311 45.23 7.07 -2.11
CA ILE D 311 45.58 7.83 -3.30
C ILE D 311 44.41 8.73 -3.71
N SER D 312 43.25 8.53 -3.10
CA SER D 312 42.12 9.39 -3.38
CA SER D 312 42.02 9.21 -3.49
C SER D 312 41.08 9.19 -2.28
N ASN D 313 40.18 10.17 -2.15
CA ASN D 313 39.21 10.13 -1.10
C ASN D 313 37.91 10.74 -1.59
N GLN D 314 36.80 10.27 -1.00
CA GLN D 314 35.49 10.89 -1.25
C GLN D 314 34.75 11.00 0.09
N VAL D 315 34.37 12.22 0.47
CA VAL D 315 33.60 12.42 1.66
C VAL D 315 32.16 12.03 1.33
N ILE D 316 31.61 11.11 2.11
CA ILE D 316 30.20 10.66 1.98
C ILE D 316 29.29 11.43 2.93
N VAL D 317 29.75 11.63 4.17
CA VAL D 317 29.02 12.36 5.20
C VAL D 317 30.04 13.28 5.85
N ASN D 318 29.78 14.60 5.86
CA ASN D 318 30.78 15.52 6.42
C ASN D 318 30.90 15.29 7.93
N ASN D 319 32.02 15.75 8.50
CA ASN D 319 32.30 15.41 9.87
C ASN D 319 31.52 16.32 10.84
N GLN D 320 30.58 17.14 10.37
CA GLN D 320 29.68 17.84 11.26
C GLN D 320 28.38 17.03 11.41
N ASN D 321 28.33 15.82 10.84
CA ASN D 321 27.11 15.03 10.86
C ASN D 321 27.39 13.64 11.38
N TRP D 322 26.37 13.05 12.00
CA TRP D 322 26.46 11.72 12.55
C TRP D 322 26.40 10.63 11.46
N SER D 323 27.26 9.60 11.58
CA SER D 323 27.19 8.41 10.75
C SER D 323 26.76 7.25 11.64
N GLY D 324 27.44 6.10 11.58
CA GLY D 324 26.98 4.89 12.21
C GLY D 324 27.57 3.67 11.55
N TYR D 325 26.85 2.56 11.58
CA TYR D 325 27.31 1.33 10.93
C TYR D 325 27.43 1.61 9.45
N SER D 326 28.24 0.79 8.77
CA SER D 326 28.37 0.80 7.34
C SER D 326 28.64 -0.61 6.86
N GLY D 327 28.20 -0.93 5.65
CA GLY D 327 28.33 -2.29 5.19
C GLY D 327 28.28 -2.39 3.67
N ALA D 328 28.66 -3.56 3.18
CA ALA D 328 28.81 -3.89 1.73
C ALA D 328 27.56 -4.60 1.24
N PHE D 329 27.20 -4.35 -0.02
CA PHE D 329 26.31 -5.20 -0.77
C PHE D 329 26.64 -5.03 -2.25
N ILE D 330 26.17 -5.97 -3.08
CA ILE D 330 26.34 -5.86 -4.52
C ILE D 330 25.05 -6.31 -5.17
N ASP D 331 24.64 -5.60 -6.22
CA ASP D 331 23.60 -6.13 -7.07
C ASP D 331 24.23 -7.17 -8.00
N TYR D 332 24.24 -8.43 -7.54
CA TYR D 332 24.89 -9.50 -8.26
C TYR D 332 24.13 -9.83 -9.56
N TRP D 333 22.95 -9.26 -9.75
CA TRP D 333 22.08 -9.62 -10.87
C TRP D 333 22.05 -8.48 -11.87
N ALA D 334 22.94 -7.50 -11.72
CA ALA D 334 23.01 -6.39 -12.69
C ALA D 334 23.41 -6.93 -14.07
N ASN D 335 23.06 -6.16 -15.11
CA ASN D 335 23.45 -6.52 -16.50
C ASN D 335 24.77 -5.84 -16.81
N LYS D 336 25.83 -6.34 -16.18
CA LYS D 336 27.20 -5.87 -16.30
C LYS D 336 28.12 -7.09 -16.31
N GLU D 337 29.33 -6.89 -16.85
N GLU D 337 29.34 -6.89 -16.76
CA GLU D 337 30.36 -7.91 -16.98
CA GLU D 337 30.29 -7.96 -16.94
C GLU D 337 31.07 -8.13 -15.63
C GLU D 337 31.14 -8.08 -15.66
N CYS D 338 30.92 -7.16 -14.73
CA CYS D 338 31.61 -7.18 -13.45
C CYS D 338 30.55 -6.98 -12.35
N PHE D 339 30.92 -7.34 -11.14
CA PHE D 339 30.17 -7.03 -9.93
C PHE D 339 30.59 -5.68 -9.38
N ASN D 340 29.63 -4.75 -9.32
CA ASN D 340 29.95 -3.38 -8.90
C ASN D 340 29.78 -3.20 -7.39
N PRO D 341 30.86 -2.85 -6.66
CA PRO D 341 30.73 -2.52 -5.24
C PRO D 341 29.65 -1.49 -4.89
N CYS D 342 28.86 -1.81 -3.87
CA CYS D 342 27.99 -0.81 -3.24
C CYS D 342 28.19 -0.83 -1.73
N PHE D 343 27.81 0.26 -1.09
CA PHE D 343 27.79 0.30 0.39
C PHE D 343 26.70 1.21 0.88
N TYR D 344 26.38 1.09 2.18
CA TYR D 344 25.48 1.96 2.86
C TYR D 344 26.18 2.53 4.09
N VAL D 345 25.68 3.69 4.53
CA VAL D 345 26.02 4.26 5.81
C VAL D 345 24.70 4.48 6.57
N GLU D 346 24.67 3.97 7.79
CA GLU D 346 23.61 4.23 8.72
C GLU D 346 23.84 5.62 9.33
N LEU D 347 22.82 6.47 9.34
CA LEU D 347 22.97 7.82 9.83
C LEU D 347 22.15 7.89 11.14
N ILE D 348 22.85 7.69 12.26
CA ILE D 348 22.20 7.55 13.52
C ILE D 348 21.82 8.93 14.01
N ARG D 349 20.56 9.04 14.46
CA ARG D 349 20.06 10.26 15.10
C ARG D 349 19.54 9.91 16.49
N GLY D 350 19.66 10.89 17.39
CA GLY D 350 19.16 10.71 18.74
C GLY D 350 20.26 10.19 19.66
N ARG D 351 19.88 9.35 20.64
CA ARG D 351 20.82 9.01 21.72
C ARG D 351 21.88 8.04 21.25
N PRO D 352 23.07 8.05 21.89
CA PRO D 352 23.43 8.96 22.97
C PRO D 352 23.99 10.33 22.59
N LYS D 353 24.30 10.55 21.32
CA LYS D 353 25.02 11.76 20.90
C LYS D 353 24.11 13.00 20.96
N GLU D 354 22.81 12.78 20.73
CA GLU D 354 21.79 13.81 20.76
C GLU D 354 20.79 13.47 21.87
N SER D 355 21.07 13.97 23.07
N SER D 355 21.06 13.87 23.10
CA SER D 355 20.38 13.56 24.32
CA SER D 355 20.21 13.41 24.22
C SER D 355 19.12 14.40 24.55
C SER D 355 19.19 14.48 24.61
N SER D 356 18.84 15.38 23.68
CA SER D 356 17.64 16.23 23.82
C SER D 356 16.32 15.52 23.43
N VAL D 357 16.45 14.32 22.83
CA VAL D 357 15.35 13.41 22.50
C VAL D 357 15.50 12.11 23.31
N LEU D 358 14.41 11.34 23.41
CA LEU D 358 14.40 10.14 24.24
C LEU D 358 14.68 8.87 23.44
N TRP D 359 14.82 9.01 22.11
CA TRP D 359 14.90 7.89 21.18
C TRP D 359 16.28 7.83 20.50
N THR D 360 16.49 6.69 19.83
CA THR D 360 17.59 6.44 18.92
C THR D 360 16.99 5.82 17.65
N SER D 361 17.35 6.40 16.49
CA SER D 361 16.93 5.80 15.25
C SER D 361 17.98 6.15 14.19
N ASN D 362 17.67 5.90 12.90
CA ASN D 362 18.63 6.18 11.86
C ASN D 362 17.89 6.44 10.57
N SER D 363 18.62 7.00 9.59
CA SER D 363 18.21 6.92 8.20
C SER D 363 19.32 6.21 7.42
N ILE D 364 19.17 6.11 6.10
CA ILE D 364 20.06 5.34 5.29
C ILE D 364 20.51 6.19 4.10
N VAL D 365 21.79 6.08 3.75
CA VAL D 365 22.24 6.41 2.37
C VAL D 365 23.03 5.25 1.79
N ALA D 366 22.95 5.06 0.47
CA ALA D 366 23.65 3.98 -0.20
C ALA D 366 24.26 4.51 -1.50
N LEU D 367 25.48 4.02 -1.83
CA LEU D 367 26.21 4.45 -3.02
C LEU D 367 26.82 3.22 -3.69
N CYS D 368 27.11 3.34 -4.99
CA CYS D 368 27.78 2.28 -5.70
C CYS D 368 28.95 2.86 -6.50
N GLY D 369 29.81 1.97 -6.95
CA GLY D 369 31.00 2.38 -7.70
C GLY D 369 30.69 2.97 -9.07
N SER D 370 31.54 3.94 -9.46
CA SER D 370 31.65 4.42 -10.81
C SER D 370 33.11 4.39 -11.26
N LYS D 371 33.29 4.03 -12.52
N LYS D 371 33.30 4.10 -12.54
CA LYS D 371 34.64 4.16 -13.17
CA LYS D 371 34.61 4.15 -13.16
C LYS D 371 34.96 5.63 -13.49
C LYS D 371 34.95 5.59 -13.56
N LYS D 372 33.94 6.47 -13.52
CA LYS D 372 34.13 7.89 -13.79
C LYS D 372 34.65 8.60 -12.54
N ARG D 373 35.05 9.86 -12.73
CA ARG D 373 35.48 10.75 -11.64
C ARG D 373 34.34 11.70 -11.34
N LEU D 374 33.43 11.27 -10.48
CA LEU D 374 32.26 12.05 -10.15
C LEU D 374 32.55 13.00 -8.99
N GLY D 375 31.87 14.15 -9.05
CA GLY D 375 31.87 15.04 -7.93
C GLY D 375 31.05 14.51 -6.80
N SER D 376 31.28 15.08 -5.63
CA SER D 376 30.63 14.51 -4.43
C SER D 376 30.02 15.61 -3.58
N TRP D 377 29.00 15.30 -2.79
N TRP D 377 29.23 15.11 -2.63
CA TRP D 377 28.69 16.12 -1.62
CA TRP D 377 28.32 15.81 -1.77
C TRP D 377 28.26 15.19 -0.48
C TRP D 377 28.25 15.08 -0.43
N SER D 378 28.02 15.81 0.67
CA SER D 378 27.66 15.15 1.92
C SER D 378 26.18 14.71 1.87
N TRP D 379 25.95 13.44 2.18
CA TRP D 379 24.59 12.85 2.23
C TRP D 379 24.17 12.56 3.66
N HIS D 380 24.28 13.58 4.51
CA HIS D 380 23.90 13.51 5.89
C HIS D 380 22.37 13.32 6.01
N ASP D 381 21.95 12.94 7.21
CA ASP D 381 20.59 12.59 7.49
C ASP D 381 19.60 13.73 7.15
N GLY D 382 19.89 14.93 7.62
CA GLY D 382 19.17 16.13 7.18
C GLY D 382 18.02 16.56 8.09
N ALA D 383 17.75 15.79 9.15
CA ALA D 383 16.69 16.16 10.10
C ALA D 383 17.25 17.19 11.11
N GLU D 384 16.36 18.09 11.56
CA GLU D 384 16.66 19.11 12.59
CA GLU D 384 16.68 19.09 12.58
C GLU D 384 16.20 18.59 13.94
N ILE D 385 17.14 18.27 14.83
CA ILE D 385 16.77 17.67 16.08
C ILE D 385 15.83 18.60 16.88
N ILE D 386 15.97 19.92 16.69
N ILE D 386 15.97 19.92 16.71
CA ILE D 386 15.17 20.92 17.46
CA ILE D 386 15.15 20.87 17.52
C ILE D 386 13.67 20.69 17.19
C ILE D 386 13.65 20.64 17.22
N TYR D 387 13.33 20.21 15.99
CA TYR D 387 11.94 19.92 15.66
C TYR D 387 11.34 18.81 16.53
N PHE D 388 12.19 17.95 17.11
CA PHE D 388 11.76 16.81 17.91
C PHE D 388 11.78 17.09 19.40
N GLU D 389 12.19 18.30 19.76
CA GLU D 389 12.22 18.73 21.15
C GLU D 389 10.88 19.42 21.48
C1 NAG E . -23.24 -16.17 -22.81
C2 NAG E . -23.15 -16.81 -24.21
C3 NAG E . -22.97 -18.31 -24.08
C4 NAG E . -21.80 -18.60 -23.10
C5 NAG E . -22.02 -17.85 -21.79
C6 NAG E . -20.92 -18.06 -20.76
C7 NAG E . -24.25 -15.56 -25.99
C8 NAG E . -25.46 -15.47 -26.86
N2 NAG E . -24.30 -16.55 -25.08
O3 NAG E . -22.73 -18.82 -25.41
O4 NAG E . -21.79 -19.96 -22.67
O5 NAG E . -22.07 -16.46 -22.06
O6 NAG E . -19.67 -17.75 -21.43
O7 NAG E . -23.28 -14.79 -26.08
C1 NAG E . -21.42 -20.96 -23.60
C2 NAG E . -20.88 -22.17 -22.83
C3 NAG E . -20.29 -23.14 -23.85
C4 NAG E . -21.42 -23.61 -24.76
C5 NAG E . -22.08 -22.37 -25.40
C6 NAG E . -23.26 -22.74 -26.28
C7 NAG E . -20.18 -21.81 -20.51
C8 NAG E . -19.02 -21.49 -19.62
N2 NAG E . -19.89 -21.83 -21.83
O3 NAG E . -19.65 -24.20 -23.14
O4 NAG E . -20.90 -24.54 -25.76
O5 NAG E . -22.53 -21.45 -24.38
O6 NAG E . -23.70 -21.54 -26.93
O7 NAG E . -21.30 -22.04 -20.08
C1 NAG F . -15.62 27.03 6.91
C2 NAG F . -14.80 27.96 7.77
C3 NAG F . -15.57 29.27 7.90
C4 NAG F . -15.90 29.86 6.55
C5 NAG F . -16.65 28.79 5.75
C6 NAG F . -17.05 29.23 4.33
C7 NAG F . -13.56 26.76 9.48
C8 NAG F . -13.55 26.35 10.90
N2 NAG F . -14.66 27.41 9.07
O3 NAG F . -14.72 30.07 8.70
O4 NAG F . -16.69 31.06 6.77
O5 NAG F . -15.81 27.63 5.68
O6 NAG F . -15.82 29.56 3.68
O7 NAG F . -12.63 26.54 8.67
C1 NAG F . -16.06 32.21 6.14
C2 NAG F . -17.13 33.28 5.96
C3 NAG F . -16.64 34.72 5.72
C4 NAG F . -15.24 35.03 6.20
C5 NAG F . -14.36 33.80 6.02
C6 NAG F . -12.89 34.04 6.37
C7 NAG F . -19.13 32.35 5.02
C8 NAG F . -19.82 31.89 3.78
N2 NAG F . -17.93 32.87 4.82
O3 NAG F . -17.54 35.57 6.44
O4 NAG F . -14.75 36.18 5.49
O5 NAG F . -14.94 32.75 6.83
O6 NAG F . -12.81 34.44 7.75
O7 NAG F . -19.59 32.25 6.15
C1 NAG G . -17.79 26.30 -23.18
C2 NAG G . -17.95 27.82 -23.41
C3 NAG G . -17.32 28.25 -24.72
C4 NAG G . -15.86 27.75 -24.81
C5 NAG G . -15.62 26.33 -24.24
C6 NAG G . -14.17 25.87 -23.94
C7 NAG G . -19.96 28.73 -22.36
C8 NAG G . -21.46 28.84 -22.55
N2 NAG G . -19.36 28.17 -23.40
O3 NAG G . -17.38 29.70 -24.76
O4 NAG G . -15.51 27.75 -26.23
O5 NAG G . -16.36 26.21 -23.02
O6 NAG G . -13.36 26.87 -23.28
O7 NAG G . -19.34 29.09 -21.34
C1 NAG G . -14.65 28.89 -26.42
C2 NAG G . -13.61 28.64 -27.48
C3 NAG G . -12.77 29.89 -27.67
C4 NAG G . -13.64 31.06 -28.09
C5 NAG G . -14.72 31.24 -27.03
C6 NAG G . -15.72 32.33 -27.43
C7 NAG G . -12.81 26.30 -27.48
C8 NAG G . -11.74 25.41 -26.91
N2 NAG G . -12.70 27.54 -27.10
O3 NAG G . -11.74 29.64 -28.68
O4 NAG G . -12.88 32.26 -27.99
O5 NAG G . -15.45 30.00 -26.86
O6 NAG G . -16.70 32.33 -26.39
O7 NAG G . -13.69 25.85 -28.22
C1 BMA G . -12.25 32.63 -29.22
C2 BMA G . -12.78 33.98 -29.63
C3 BMA G . -12.06 34.45 -30.88
C4 BMA G . -10.55 34.57 -30.61
C5 BMA G . -10.09 33.19 -30.07
C6 BMA G . -8.62 33.22 -29.71
O2 BMA G . -12.50 34.96 -28.62
O3 BMA G . -12.56 35.75 -31.27
O4 BMA G . -9.91 34.80 -31.88
O5 BMA G . -10.84 32.70 -28.96
O6 BMA G . -8.63 33.91 -28.50
C1 MAN G . -13.44 35.65 -32.40
C2 MAN G . -13.58 37.05 -33.00
C3 MAN G . -14.37 37.96 -32.06
C4 MAN G . -15.71 37.34 -31.69
C5 MAN G . -15.44 36.00 -31.07
C6 MAN G . -16.79 35.34 -30.78
O2 MAN G . -14.38 36.89 -34.20
O3 MAN G . -14.58 39.24 -32.67
O4 MAN G . -16.43 38.23 -30.83
O5 MAN G . -14.70 35.14 -31.95
O6 MAN G . -16.53 34.09 -30.11
C1 MAN G . -13.70 36.52 -35.38
C2 MAN G . -14.58 36.94 -36.55
C3 MAN G . -15.85 36.05 -36.44
C4 MAN G . -15.58 34.53 -36.38
C5 MAN G . -14.60 34.23 -35.26
C6 MAN G . -14.12 32.77 -35.26
O2 MAN G . -13.81 36.85 -37.76
O3 MAN G . -16.79 36.33 -37.47
O4 MAN G . -16.81 33.83 -36.12
O5 MAN G . -13.46 35.11 -35.42
O6 MAN G . -13.50 32.47 -34.00
C1 MAN G . -7.32 34.00 -27.91
C2 MAN G . -7.60 34.45 -26.49
C3 MAN G . -8.24 35.88 -26.50
C4 MAN G . -7.32 36.81 -27.26
C5 MAN G . -7.02 36.27 -28.68
C6 MAN G . -5.94 37.11 -29.37
O2 MAN G . -6.40 34.41 -25.74
O3 MAN G . -8.45 36.40 -25.18
O4 MAN G . -7.99 38.08 -27.34
O5 MAN G . -6.46 34.94 -28.57
O6 MAN G . -4.76 37.06 -28.53
C1 MAN G . -9.56 35.75 -24.49
C2 MAN G . -10.05 36.66 -23.41
C3 MAN G . -9.09 36.73 -22.24
C4 MAN G . -8.71 35.31 -21.76
C5 MAN G . -8.16 34.53 -22.91
C6 MAN G . -7.76 33.09 -22.62
O2 MAN G . -11.33 36.08 -23.10
O3 MAN G . -9.81 37.39 -21.19
O4 MAN G . -7.76 35.35 -20.65
O5 MAN G . -9.16 34.48 -23.93
O6 MAN G . -6.79 32.65 -23.58
C1 MAN G . -3.60 37.69 -29.11
C2 MAN G . -2.47 37.62 -28.08
C3 MAN G . -2.84 38.45 -26.86
C4 MAN G . -3.18 39.87 -27.29
C5 MAN G . -4.30 39.85 -28.32
C6 MAN G . -4.60 41.26 -28.79
O2 MAN G . -1.28 38.15 -28.65
O3 MAN G . -1.85 38.40 -25.79
O4 MAN G . -3.66 40.52 -26.11
O5 MAN G . -3.94 39.01 -29.47
O6 MAN G . -5.56 41.06 -29.85
C1 NAG H . -17.28 6.62 26.20
C2 NAG H . -17.47 8.12 26.39
C3 NAG H . -18.55 8.41 27.45
C4 NAG H . -19.82 7.67 27.15
C5 NAG H . -19.47 6.17 26.97
C6 NAG H . -20.65 5.25 26.67
C7 NAG H . -15.41 9.43 25.97
C8 NAG H . -14.16 10.04 26.57
N2 NAG H . -16.25 8.79 26.81
O3 NAG H . -18.73 9.82 27.52
O4 NAG H . -20.62 7.79 28.33
O5 NAG H . -18.51 6.04 25.89
O6 NAG H . -21.18 5.76 25.46
O7 NAG H . -15.65 9.50 24.73
C1 NAG H . -21.89 8.41 28.00
C2 NAG H . -22.91 8.12 29.11
C3 NAG H . -24.22 8.86 28.81
C4 NAG H . -23.89 10.34 28.70
C5 NAG H . -23.07 10.40 27.41
C6 NAG H . -22.97 11.78 26.76
C7 NAG H . -22.54 5.94 30.11
C8 NAG H . -22.82 4.48 30.09
N2 NAG H . -23.16 6.70 29.22
O3 NAG H . -25.24 8.59 29.77
O4 NAG H . -25.08 11.15 28.71
O5 NAG H . -21.79 9.81 27.71
O6 NAG H . -22.24 12.68 27.61
O7 NAG H . -21.75 6.43 30.88
C1 NAG I . -35.61 -13.65 12.43
C2 NAG I . -36.80 -12.81 12.92
C3 NAG I . -38.00 -12.92 11.99
C4 NAG I . -37.59 -12.62 10.56
C5 NAG I . -36.46 -13.55 10.17
C6 NAG I . -35.95 -13.21 8.80
C7 NAG I . -36.92 -12.64 15.36
C8 NAG I . -37.13 -13.39 16.64
N2 NAG I . -37.09 -13.35 14.24
O3 NAG I . -39.00 -11.98 12.42
O4 NAG I . -38.55 -12.88 9.58
O5 NAG I . -35.39 -13.26 11.09
O6 NAG I . -35.31 -11.91 8.80
O7 NAG I . -36.65 -11.44 15.33
C1 NAG I . -39.47 -11.80 9.33
C2 NAG I . -39.79 -11.70 7.82
C3 NAG I . -40.87 -10.61 7.68
C4 NAG I . -42.09 -10.96 8.54
C5 NAG I . -41.69 -11.22 10.00
C6 NAG I . -42.85 -11.83 10.83
C7 NAG I . -37.98 -12.02 6.22
C8 NAG I . -36.82 -11.30 5.50
N2 NAG I . -38.71 -11.21 6.97
O3 NAG I . -41.27 -10.55 6.31
O4 NAG I . -43.00 -9.87 8.57
O5 NAG I . -40.66 -12.19 10.01
O6 NAG I . -42.36 -11.62 12.18
O7 NAG I . -38.19 -13.27 6.18
C1 BMA I . -44.00 -9.90 7.58
C2 BMA I . -45.34 -9.93 8.31
C3 BMA I . -46.44 -9.81 7.27
C4 BMA I . -46.28 -8.54 6.48
C5 BMA I . -44.94 -8.59 5.78
C6 BMA I . -44.69 -7.29 5.04
O2 BMA I . -45.46 -8.93 9.34
O3 BMA I . -47.75 -9.79 7.89
O4 BMA I . -47.35 -8.50 5.51
O5 BMA I . -43.92 -8.72 6.76
O6 BMA I . -44.48 -6.29 6.00
C1 MAN I . -44.12 -5.02 5.42
C2 MAN I . -43.60 -4.15 6.56
C3 MAN I . -44.69 -3.71 7.55
C4 MAN I . -45.86 -3.09 6.77
C5 MAN I . -46.31 -4.02 5.65
C6 MAN I . -47.38 -3.34 4.80
O2 MAN I . -42.94 -2.98 6.07
O3 MAN I . -44.19 -2.75 8.53
O4 MAN I . -46.92 -2.87 7.72
O5 MAN I . -45.18 -4.39 4.79
O6 MAN I . -46.79 -2.15 4.28
C1 MAN I . -43.32 -3.33 9.47
C2 MAN I . -43.36 -2.64 10.82
C3 MAN I . -42.78 -1.24 10.69
C4 MAN I . -41.38 -1.31 10.03
C5 MAN I . -41.46 -1.98 8.68
C6 MAN I . -40.06 -2.18 8.00
O2 MAN I . -42.50 -3.42 11.66
O3 MAN I . -42.65 -0.64 12.00
O4 MAN I . -40.80 0.00 9.88
O5 MAN I . -41.98 -3.30 8.92
O6 MAN I . -40.23 -2.81 6.68
C1 MAN I . -47.68 -1.44 3.42
C2 MAN I . -46.97 -0.17 2.99
C3 MAN I . -46.77 0.65 4.27
C4 MAN I . -48.08 0.92 4.99
C5 MAN I . -48.88 -0.34 5.25
C6 MAN I . -50.36 0.04 5.58
O2 MAN I . -47.75 0.49 1.98
O3 MAN I . -46.24 1.91 3.95
O4 MAN I . -47.77 1.53 6.23
O5 MAN I . -48.91 -1.16 4.07
O6 MAN I . -51.10 -1.16 5.91
C1 MAN I . -48.67 -10.74 7.34
C2 MAN I . -50.02 -10.15 7.71
C3 MAN I . -50.31 -10.38 9.21
C4 MAN I . -49.72 -11.66 9.83
C5 MAN I . -48.31 -11.97 9.31
C6 MAN I . -47.66 -13.26 9.86
O2 MAN I . -51.10 -10.58 6.86
O3 MAN I . -51.72 -10.37 9.37
O4 MAN I . -49.69 -11.37 11.23
O5 MAN I . -48.45 -12.04 7.86
O6 MAN I . -46.46 -12.97 10.63
C1 NAG J . 9.94 -0.85 -33.93
C2 NAG J . 9.19 -2.18 -33.68
C3 NAG J . 10.17 -3.26 -33.22
C4 NAG J . 11.34 -3.37 -34.22
C5 NAG J . 12.00 -1.99 -34.47
C6 NAG J . 12.83 -1.89 -35.74
C7 NAG J . 6.79 -2.23 -33.15
C8 NAG J . 5.68 -1.96 -32.20
N2 NAG J . 8.06 -2.04 -32.76
O3 NAG J . 9.50 -4.54 -33.24
O4 NAG J . 12.22 -4.56 -33.98
O5 NAG J . 10.99 -1.04 -34.87
O6 NAG J . 11.86 -1.85 -36.82
O7 NAG J . 6.50 -2.57 -34.29
C1 NAG J . 11.95 -5.43 -35.13
C2 NAG J . 13.01 -5.74 -36.23
C3 NAG J . 12.18 -5.86 -37.51
C4 NAG J . 11.05 -6.90 -37.35
C5 NAG J . 10.50 -7.13 -35.91
C6 NAG J . 10.10 -8.59 -35.71
C7 NAG J . 15.18 -4.71 -35.81
C8 NAG J . 16.30 -3.90 -36.41
N2 NAG J . 14.12 -4.85 -36.58
O3 NAG J . 13.03 -6.16 -38.62
O4 NAG J . 9.98 -6.49 -38.19
O5 NAG J . 11.39 -6.74 -34.83
O6 NAG J . 9.54 -9.11 -36.93
O7 NAG J . 15.18 -5.23 -34.69
C1 NAG K . 12.29 27.66 9.95
C2 NAG K . 12.07 27.72 11.46
C3 NAG K . 12.95 28.81 12.14
C4 NAG K . 14.38 28.64 11.69
C5 NAG K . 14.46 28.61 10.14
C6 NAG K . 15.78 28.37 9.45
C7 NAG K . 9.90 27.02 12.34
C8 NAG K . 8.53 27.42 12.77
N2 NAG K . 10.68 27.93 11.76
O3 NAG K . 12.83 28.65 13.54
O4 NAG K . 15.14 29.73 12.30
O5 NAG K . 13.64 27.54 9.61
O6 NAG K . 16.40 27.30 10.15
O7 NAG K . 10.33 25.90 12.58
C1 NAG K . 16.02 29.22 13.34
C2 NAG K . 17.22 30.13 13.50
C3 NAG K . 18.19 29.72 14.59
C4 NAG K . 17.51 29.20 15.85
C5 NAG K . 16.33 28.29 15.52
C6 NAG K . 15.62 27.91 16.82
C7 NAG K . 17.85 31.04 11.37
C8 NAG K . 18.70 30.82 10.14
N2 NAG K . 17.97 30.09 12.27
O3 NAG K . 18.92 30.93 14.89
O4 NAG K . 18.50 28.53 16.68
O5 NAG K . 15.42 28.96 14.61
O6 NAG K . 14.80 29.01 17.22
O7 NAG K . 17.09 31.95 11.57
C1 NAG L . 34.63 17.13 -7.38
C2 NAG L . 35.78 17.96 -6.84
C3 NAG L . 37.05 17.11 -6.89
C4 NAG L . 36.87 15.80 -6.14
C5 NAG L . 35.52 15.12 -6.44
C6 NAG L . 35.15 13.87 -5.64
C7 NAG L . 35.65 20.37 -7.06
C8 NAG L . 35.84 21.55 -7.99
N2 NAG L . 35.92 19.19 -7.60
O3 NAG L . 38.07 17.88 -6.22
O4 NAG L . 37.97 14.96 -6.56
O5 NAG L . 34.48 16.13 -6.33
O6 NAG L . 35.22 14.02 -4.21
O7 NAG L . 35.26 20.45 -5.90
C1 NAG L . 38.84 14.85 -5.42
C2 NAG L . 39.56 13.52 -5.37
C3 NAG L . 40.46 13.53 -4.12
C4 NAG L . 41.44 14.71 -4.27
C5 NAG L . 40.58 15.98 -4.34
C6 NAG L . 41.37 17.29 -4.39
C7 NAG L . 38.23 11.69 -6.20
C8 NAG L . 37.23 10.61 -5.82
N2 NAG L . 38.62 12.43 -5.24
O3 NAG L . 41.14 12.29 -3.97
O4 NAG L . 42.29 14.82 -3.12
O5 NAG L . 39.85 15.85 -5.55
O6 NAG L . 42.18 17.06 -5.53
O7 NAG L . 38.60 11.87 -7.33
C1 BMA L . 43.45 13.94 -3.12
C2 BMA L . 44.62 14.85 -2.85
C3 BMA L . 45.86 13.98 -2.65
C4 BMA L . 45.60 13.00 -1.52
C5 BMA L . 44.38 12.10 -1.85
C6 BMA L . 43.98 11.18 -0.69
O2 BMA L . 44.27 15.58 -1.67
O3 BMA L . 47.05 14.77 -2.39
O4 BMA L . 46.75 12.19 -1.32
O5 BMA L . 43.24 12.93 -2.13
O6 BMA L . 43.54 11.99 0.39
C1 MAN L . 43.07 11.26 1.55
C2 MAN L . 42.30 12.26 2.40
C3 MAN L . 43.28 13.36 2.90
C4 MAN L . 44.40 12.68 3.66
C5 MAN L . 45.07 11.66 2.76
C6 MAN L . 46.14 10.95 3.57
O2 MAN L . 41.58 11.62 3.47
O3 MAN L . 42.63 14.31 3.78
O4 MAN L . 45.40 13.59 4.13
O5 MAN L . 44.10 10.70 2.35
O6 MAN L . 45.45 10.45 4.75
C1 MAN L . 41.67 15.15 3.10
C2 MAN L . 41.48 16.41 3.94
C3 MAN L . 40.78 16.03 5.25
C4 MAN L . 39.42 15.37 4.96
C5 MAN L . 39.69 14.12 4.13
C6 MAN L . 38.38 13.34 3.84
O2 MAN L . 40.64 17.26 3.17
O3 MAN L . 40.62 17.17 6.07
O4 MAN L . 38.71 15.01 6.17
O5 MAN L . 40.38 14.52 2.93
O6 MAN L . 38.62 12.02 3.39
C1 MAN L . 46.36 9.70 5.52
C2 MAN L . 45.54 9.13 6.65
C3 MAN L . 44.99 10.28 7.47
C4 MAN L . 46.16 11.17 8.00
C5 MAN L . 47.12 11.65 6.91
C6 MAN L . 48.39 12.19 7.61
O2 MAN L . 46.45 8.32 7.42
O3 MAN L . 44.40 9.69 8.64
O4 MAN L . 45.62 12.36 8.64
O5 MAN L . 47.44 10.55 6.03
O6 MAN L . 49.24 12.84 6.65
C1 NAG M . 16.96 -21.79 28.15
C2 NAG M . 17.05 -22.05 29.67
C3 NAG M . 16.55 -23.46 29.99
C4 NAG M . 15.11 -23.70 29.44
C5 NAG M . 14.97 -23.15 28.02
C6 NAG M . 13.57 -23.12 27.41
C7 NAG M . 18.79 -20.86 30.87
C8 NAG M . 20.26 -20.87 31.17
N2 NAG M . 18.42 -21.89 30.13
O3 NAG M . 16.48 -23.64 31.41
O4 NAG M . 14.92 -25.15 29.40
O5 NAG M . 15.52 -21.82 27.94
O6 NAG M . 12.60 -22.41 28.20
O7 NAG M . 18.01 -19.98 31.23
C1 NAG M . 13.99 -25.41 30.46
C2 NAG M . 13.16 -26.61 30.06
C3 NAG M . 12.21 -26.88 31.22
C4 NAG M . 13.04 -27.13 32.50
C5 NAG M . 13.85 -25.84 32.76
C6 NAG M . 14.69 -25.83 34.06
C7 NAG M . 12.59 -26.79 27.67
C8 NAG M . 11.62 -26.41 26.57
N2 NAG M . 12.35 -26.36 28.88
O3 NAG M . 11.41 -28.03 30.89
O4 NAG M . 12.17 -27.27 33.61
O5 NAG M . 14.72 -25.72 31.64
O6 NAG M . 15.54 -26.94 33.86
O7 NAG M . 13.57 -27.43 27.42
C1 BMA M . 11.73 -28.62 33.83
C2 BMA M . 12.05 -28.95 35.25
C3 BMA M . 11.44 -30.26 35.60
C4 BMA M . 9.96 -30.07 35.41
C5 BMA M . 9.66 -29.74 33.94
C6 BMA M . 8.21 -29.43 33.68
O2 BMA M . 11.46 -27.92 36.07
O3 BMA M . 11.63 -30.62 36.97
O4 BMA M . 9.30 -31.27 35.77
O5 BMA M . 10.35 -28.56 33.58
O6 BMA M . 7.87 -28.36 34.59
C1 MAN M . 6.54 -27.86 34.33
C2 MAN M . 6.52 -26.45 34.88
C3 MAN M . 6.77 -26.50 36.40
C4 MAN M . 5.77 -27.44 37.06
C5 MAN M . 5.77 -28.81 36.37
C6 MAN M . 4.71 -29.71 37.01
O2 MAN M . 5.28 -25.80 34.53
O3 MAN M . 6.60 -25.22 36.99
O4 MAN M . 6.00 -27.66 38.46
O5 MAN M . 5.51 -28.60 34.96
O6 MAN M . 3.48 -28.93 36.98
C1 MAN M . 7.63 -24.29 36.54
C2 MAN M . 7.77 -23.21 37.62
C3 MAN M . 6.56 -22.29 37.60
C4 MAN M . 6.39 -21.64 36.22
C5 MAN M . 6.24 -22.75 35.17
C6 MAN M . 5.98 -22.28 33.71
O2 MAN M . 8.94 -22.43 37.35
O3 MAN M . 6.77 -21.30 38.60
O4 MAN M . 5.25 -20.77 36.21
O5 MAN M . 7.41 -23.60 35.27
O6 MAN M . 5.68 -23.44 32.89
C1 MAN M . 2.40 -29.77 37.33
C2 MAN M . 1.14 -28.96 37.09
C3 MAN M . 1.21 -27.66 37.87
C4 MAN M . 1.45 -28.07 39.33
C5 MAN M . 2.62 -29.06 39.58
C6 MAN M . 2.55 -29.65 40.97
O2 MAN M . 0.03 -29.73 37.57
O3 MAN M . -0.04 -26.92 37.81
O4 MAN M . 1.68 -26.87 40.07
O5 MAN M . 2.57 -30.17 38.70
O6 MAN M . 3.14 -28.67 41.80
C1 NAG N . 10.59 7.59 29.26
C2 NAG N . 9.47 8.32 30.01
C3 NAG N . 9.85 8.41 31.48
C4 NAG N . 10.18 7.04 32.02
C5 NAG N . 11.23 6.37 31.15
C6 NAG N . 11.57 4.95 31.56
C7 NAG N . 8.26 9.92 28.67
C8 NAG N . 8.15 11.37 28.26
N2 NAG N . 9.26 9.62 29.46
O3 NAG N . 8.71 8.96 32.15
O4 NAG N . 10.70 7.27 33.37
O5 NAG N . 10.77 6.30 29.79
O6 NAG N . 10.35 4.25 31.66
O7 NAG N . 7.41 9.04 28.31
C1 NAG N . 9.89 6.68 34.40
C2 NAG N . 10.69 6.71 35.69
C3 NAG N . 9.92 6.35 36.96
C4 NAG N . 8.50 6.85 36.98
C5 NAG N . 7.85 6.62 35.61
C6 NAG N . 6.39 7.06 35.65
C7 NAG N . 12.97 6.10 35.24
C8 NAG N . 13.91 4.93 35.09
N2 NAG N . 11.74 5.73 35.54
O3 NAG N . 10.56 6.93 38.09
O4 NAG N . 7.84 6.14 38.04
O5 NAG N . 8.64 7.31 34.59
O6 NAG N . 6.36 8.48 35.64
O7 NAG N . 13.26 7.28 35.11
C1 GOL O . -17.79 1.39 20.00
C1 GOL O . -17.43 0.59 20.16
O1 GOL O . -17.26 2.21 18.98
O1 GOL O . -16.83 1.50 19.22
C2 GOL O . -18.27 0.12 19.34
C2 GOL O . -18.87 0.24 19.80
O2 GOL O . -17.10 -0.41 18.69
O2 GOL O . -19.49 1.27 19.03
C3 GOL O . -18.82 -0.78 20.41
C3 GOL O . -19.63 0.04 21.11
O3 GOL O . -19.53 -1.86 19.83
O3 GOL O . -19.34 -1.25 21.70
C1 GOL P . -7.08 12.08 10.58
O1 GOL P . -7.29 12.44 9.18
C2 GOL P . -6.24 13.12 11.37
O2 GOL P . -4.95 13.43 10.82
C3 GOL P . -5.91 12.53 12.72
O3 GOL P . -7.17 12.20 13.27
C1 GOL Q . -30.06 15.22 -8.30
C1 GOL Q . -29.53 14.87 -9.29
O1 GOL Q . -29.15 16.24 -7.88
O1 GOL Q . -29.31 14.46 -7.94
C2 GOL Q . -31.32 16.02 -8.64
C2 GOL Q . -29.93 16.34 -9.19
O2 GOL Q . -32.38 15.23 -9.18
O2 GOL Q . -30.69 16.73 -10.35
C3 GOL Q . -30.97 17.07 -9.68
C3 GOL Q . -28.63 17.14 -9.09
O3 GOL Q . -29.83 16.77 -10.47
O3 GOL Q . -27.92 17.06 -10.32
C1 GOL R . -42.15 12.01 -21.62
C1 GOL R . -42.28 11.42 -22.52
O1 GOL R . -42.63 13.30 -21.18
O1 GOL R . -42.97 10.96 -21.33
C2 GOL R . -40.65 12.08 -21.91
C2 GOL R . -40.75 11.53 -22.34
O2 GOL R . -39.97 12.29 -20.67
O2 GOL R . -40.37 11.79 -20.97
C3 GOL R . -40.10 10.80 -22.53
C3 GOL R . -40.08 10.25 -22.80
O3 GOL R . -40.91 10.28 -23.56
O3 GOL R . -40.80 9.70 -23.92
C1 GOL S . -24.60 0.64 17.60
O1 GOL S . -25.83 -0.06 17.55
C2 GOL S . -24.66 2.13 18.00
O2 GOL S . -24.54 3.10 16.91
C3 GOL S . -23.52 2.41 18.99
O3 GOL S . -22.39 1.49 19.00
C1 GOL T . -34.10 -11.71 -24.57
O1 GOL T . -32.66 -11.85 -24.65
C2 GOL T . -34.47 -10.58 -25.53
O2 GOL T . -35.13 -9.52 -24.86
C3 GOL T . -33.18 -9.96 -26.03
O3 GOL T . -33.52 -9.01 -27.04
CA CA U . -39.46 12.28 -6.77
P PO4 V . -15.42 26.42 2.16
O1 PO4 V . -16.52 26.52 1.10
O2 PO4 V . -16.11 26.15 3.47
O3 PO4 V . -14.57 27.67 2.23
O4 PO4 V . -14.51 25.28 1.80
P PO4 W . -36.89 3.58 -28.67
O1 PO4 W . -37.34 3.06 -30.05
O2 PO4 W . -38.05 3.24 -27.76
O3 PO4 W . -35.58 2.88 -28.30
O4 PO4 W . -36.80 5.09 -28.83
C1 PEG X . -4.45 -5.70 1.24
O1 PEG X . -5.73 -6.26 0.99
C2 PEG X . -4.14 -4.57 0.33
O2 PEG X . -3.82 -3.42 1.09
C3 PEG X . -4.32 -2.20 0.53
C4 PEG X . -3.53 -1.83 -0.73
O4 PEG X . -3.67 -0.44 -1.10
C1 NAG Y . -4.11 -35.82 -2.87
C2 NAG Y . -2.88 -36.06 -3.75
C3 NAG Y . -3.15 -36.84 -5.06
C4 NAG Y . -4.35 -37.77 -5.03
C5 NAG Y . -5.54 -37.11 -4.34
C6 NAG Y . -6.82 -37.95 -4.27
C7 NAG Y . -1.15 -34.32 -3.63
C8 NAG Y . -0.93 -32.84 -3.70
N2 NAG Y . -2.36 -34.71 -4.00
O3 NAG Y . -2.03 -37.68 -5.35
O4 NAG Y . -4.62 -38.14 -6.38
O5 NAG Y . -5.16 -36.77 -2.99
O6 NAG Y . -7.97 -37.09 -4.17
O7 NAG Y . -0.30 -35.09 -3.21
C1 GOL Z . 10.99 0.99 24.52
O1 GOL Z . 9.76 1.06 23.78
C2 GOL Z . 11.59 -0.31 24.10
O2 GOL Z . 11.52 -0.11 22.67
C3 GOL Z . 13.02 -0.45 24.63
O3 GOL Z . 13.51 -1.78 24.31
C1 GOL AA . -18.50 -15.97 21.11
O1 GOL AA . -18.25 -16.25 19.73
C2 GOL AA . -19.62 -14.98 21.13
O2 GOL AA . -19.75 -14.33 22.43
C3 GOL AA . -19.34 -14.10 19.96
O3 GOL AA . -19.65 -12.82 20.43
C1 GOL BA . -17.24 -17.40 24.34
O1 GOL BA . -17.61 -17.82 23.05
C2 GOL BA . -18.23 -17.94 25.41
O2 GOL BA . -18.30 -19.39 25.53
C3 GOL BA . -19.59 -17.43 25.04
O3 GOL BA . -20.29 -18.43 24.28
C1 GOL CA . -22.97 -35.00 25.15
O1 GOL CA . -23.54 -34.43 26.34
C2 GOL CA . -23.43 -34.20 23.94
O2 GOL CA . -22.95 -32.87 24.14
C3 GOL CA . -22.91 -34.70 22.61
O3 GOL CA . -23.19 -36.11 22.53
C1 GOL DA . 7.41 -7.07 31.19
O1 GOL DA . 6.29 -6.33 31.64
C2 GOL DA . 8.18 -7.73 32.33
O2 GOL DA . 7.76 -9.07 32.31
C3 GOL DA . 9.71 -7.64 32.22
O3 GOL DA . 10.18 -7.68 30.86
C1 GOL EA . -0.58 -14.64 -0.52
O1 GOL EA . -1.60 -15.44 0.13
C2 GOL EA . 0.27 -14.04 0.62
O2 GOL EA . 0.17 -15.03 1.65
C3 GOL EA . -0.26 -12.68 1.09
O3 GOL EA . 0.09 -12.33 2.45
CA CA FA . -14.36 -24.34 30.96
P PO4 GA . -29.09 -26.60 9.80
O1 PO4 GA . -30.07 -27.50 9.09
O2 PO4 GA . -28.83 -25.35 8.98
O3 PO4 GA . -27.86 -27.43 10.03
O4 PO4 GA . -29.62 -26.19 11.15
C1 PEG HA . 5.48 -4.41 29.20
O1 PEG HA . 4.58 -3.37 28.87
C2 PEG HA . 6.85 -3.92 29.49
O2 PEG HA . 7.81 -4.68 28.75
C3 PEG HA . 9.15 -4.44 29.20
C4 PEG HA . 10.13 -5.06 28.27
O4 PEG HA . 10.41 -6.41 28.58
C1 PEG IA . 6.18 -23.53 9.98
O1 PEG IA . 5.33 -22.45 10.04
C2 PEG IA . 6.77 -23.84 11.28
O2 PEG IA . 8.02 -24.49 11.13
C3 PEG IA . 9.08 -23.95 11.93
C4 PEG IA . 10.41 -24.23 11.28
O4 PEG IA . 10.35 -25.24 10.28
C1 PEG JA . 7.00 4.03 31.10
O1 PEG JA . 7.84 4.64 30.09
C2 PEG JA . 6.43 5.01 32.11
O2 PEG JA . 6.03 6.20 31.45
C3 PEG JA . 5.89 7.35 32.29
C4 PEG JA . 5.82 8.61 31.46
O4 PEG JA . 4.49 8.93 31.02
C1 PEG KA . -25.65 -4.68 19.79
O1 PEG KA . -25.02 -5.51 20.74
C2 PEG KA . -24.69 -4.27 18.74
O2 PEG KA . -24.57 -2.85 18.69
C3 PEG KA . -23.22 -2.39 18.57
C4 PEG KA . -22.76 -1.65 19.80
O4 PEG KA . -22.26 -2.55 20.80
C1 PEG LA . 3.32 -34.95 37.70
C1 PEG LA . 4.12 -36.83 36.88
O1 PEG LA . 2.74 -33.67 37.43
O1 PEG LA . 3.43 -37.88 37.52
C2 PEG LA . 3.58 -35.79 36.48
C2 PEG LA . 5.49 -36.59 37.46
O2 PEG LA . 4.91 -35.57 35.97
O2 PEG LA . 6.41 -36.29 36.40
C3 PEG LA . 5.10 -35.95 34.60
C3 PEG LA . 5.94 -36.74 35.14
C4 PEG LA . 5.02 -37.44 34.40
C4 PEG LA . 5.36 -38.12 35.29
O4 PEG LA . 4.28 -37.81 33.23
O4 PEG LA . 3.94 -38.10 35.43
C1 PEG MA . -17.39 -20.04 38.73
O1 PEG MA . -17.00 -19.24 39.85
C2 PEG MA . -16.44 -19.93 37.57
O2 PEG MA . -17.02 -20.34 36.33
C3 PEG MA . -18.34 -19.90 36.07
C4 PEG MA . -18.42 -18.40 35.98
O4 PEG MA . -19.59 -17.96 35.27
C1 PEG NA . -24.77 -27.72 -1.61
O1 PEG NA . -25.15 -27.80 -0.25
C2 PEG NA . -24.17 -29.01 -2.10
O2 PEG NA . -23.58 -28.83 -3.39
C3 PEG NA . -23.25 -30.07 -4.02
C4 PEG NA . -21.80 -30.06 -4.40
O4 PEG NA . -20.99 -29.41 -3.43
C1 PEG OA . -30.17 -27.22 23.87
O1 PEG OA . -29.80 -28.53 23.47
C2 PEG OA . -30.54 -26.39 22.70
O2 PEG OA . -29.99 -25.08 22.79
C3 PEG OA . -30.95 -24.10 23.19
C4 PEG OA . -31.16 -23.09 22.10
O4 PEG OA . -30.81 -21.76 22.47
C1 GOL PA . -13.83 23.40 -1.31
O1 GOL PA . -12.57 23.89 -0.82
C2 GOL PA . -14.46 22.45 -0.30
O2 GOL PA . -13.44 21.77 0.46
C3 GOL PA . -15.22 21.48 -1.15
O3 GOL PA . -16.21 22.20 -1.94
C1 GOL QA . 25.28 38.50 -20.02
O1 GOL QA . 24.25 38.72 -21.00
C2 GOL QA . 24.99 39.60 -18.96
O2 GOL QA . 26.08 40.56 -18.69
C3 GOL QA . 24.62 38.69 -17.85
O3 GOL QA . 23.51 38.05 -18.42
C1 GOL RA . 23.94 28.10 -28.13
O1 GOL RA . 24.90 27.91 -26.88
C2 GOL RA . 24.55 27.97 -29.52
O2 GOL RA . 24.63 29.28 -30.16
C3 GOL RA . 23.88 26.91 -30.41
O3 GOL RA . 24.48 26.74 -31.72
C1 GOL SA . 16.92 22.01 -8.83
O1 GOL SA . 15.58 21.69 -8.61
C2 GOL SA . 17.15 22.85 -10.08
O2 GOL SA . 18.27 23.52 -9.61
C3 GOL SA . 17.66 22.20 -11.37
O3 GOL SA . 17.61 23.16 -12.42
C1 GOL TA . -1.43 16.20 10.30
C1 GOL TA . -1.75 15.12 10.28
O1 GOL TA . -1.73 17.52 9.86
O1 GOL TA . -2.09 13.74 10.06
C2 GOL TA . -0.06 15.81 9.78
C2 GOL TA . -0.36 15.46 9.70
O2 GOL TA . 0.39 14.75 10.67
O2 GOL TA . 0.20 16.64 10.33
C3 GOL TA . -0.17 15.45 8.30
C3 GOL TA . -0.45 15.69 8.19
O3 GOL TA . 1.08 15.10 7.62
O3 GOL TA . 0.73 15.32 7.45
C1 GOL UA . -4.90 36.98 -21.42
C1 GOL UA . -5.30 36.60 -22.23
O1 GOL UA . -5.57 35.73 -21.42
O1 GOL UA . -5.32 35.32 -21.63
C2 GOL UA . -4.70 37.41 -22.87
C2 GOL UA . -5.03 36.56 -23.73
O2 GOL UA . -4.04 38.68 -22.80
O2 GOL UA . -4.35 37.77 -24.05
C3 GOL UA . -3.99 36.35 -23.78
C3 GOL UA . -4.15 35.37 -24.13
O3 GOL UA . -2.79 35.83 -23.19
O3 GOL UA . -4.02 35.26 -25.53
C1 GOL VA . -1.09 37.20 -21.25
O1 GOL VA . -2.08 36.18 -21.28
C2 GOL VA . -0.92 37.48 -22.69
O2 GOL VA . -2.03 38.31 -23.18
C3 GOL VA . 0.43 38.03 -22.93
O3 GOL VA . 0.30 39.45 -23.08
C1 GOL WA . 1.54 1.89 -12.68
O1 GOL WA . 0.93 2.95 -11.96
C2 GOL WA . 1.18 1.88 -14.18
O2 GOL WA . 0.36 3.01 -14.56
C3 GOL WA . 2.42 1.99 -15.04
O3 GOL WA . 3.47 1.05 -14.70
CA CA XA . 13.12 33.56 -21.04
C1 PEG YA . -4.39 9.94 -23.88
O1 PEG YA . -3.81 10.04 -22.67
C2 PEG YA . -5.12 11.17 -24.26
O2 PEG YA . -6.35 10.80 -24.86
C3 PEG YA . -7.45 11.55 -24.38
C4 PEG YA . -8.68 11.18 -25.09
O4 PEG YA . -8.59 9.97 -25.86
C1 PEG ZA . 12.43 26.15 15.34
O1 PEG ZA . 11.66 25.25 16.15
C2 PEG ZA . 13.70 25.52 14.92
O2 PEG ZA . 14.35 26.25 13.88
C3 PEG ZA . 15.60 25.67 13.50
C4 PEG ZA . 15.40 24.59 12.46
O4 PEG ZA . 14.98 25.05 11.18
C1 PEG AB . -4.76 8.84 -39.07
O1 PEG AB . -4.87 9.71 -37.95
C2 PEG AB . -3.35 8.64 -39.52
O2 PEG AB . -2.62 7.88 -38.54
C3 PEG AB . -2.63 6.47 -38.76
C4 PEG AB . -1.36 5.85 -38.25
O4 PEG AB . -1.48 4.44 -37.97
C1 PEG BB . 15.69 39.15 -15.26
O1 PEG BB . 14.78 38.96 -14.18
C2 PEG BB . 15.07 38.79 -16.60
O2 PEG BB . 13.67 38.58 -16.45
C3 PEG BB . 12.84 39.19 -17.44
C4 PEG BB . 12.51 38.22 -18.57
O4 PEG BB . 13.04 38.62 -19.83
C1 NAG CB . 25.61 -21.86 -11.19
C2 NAG CB . 24.76 -21.99 -12.45
C3 NAG CB . 23.69 -23.06 -12.21
C4 NAG CB . 24.32 -24.40 -11.76
C5 NAG CB . 25.26 -24.17 -10.56
C6 NAG CB . 26.06 -25.43 -10.23
C7 NAG CB . 24.47 -20.09 -13.92
C8 NAG CB . 23.71 -18.82 -14.22
N2 NAG CB . 24.13 -20.74 -12.80
O3 NAG CB . 22.98 -23.21 -13.44
O4 NAG CB . 23.31 -25.41 -11.45
O5 NAG CB . 26.23 -23.14 -10.88
O6 NAG CB . 27.05 -25.59 -11.28
O7 NAG CB . 25.36 -20.49 -14.63
C1 GOL DB . 14.51 21.99 4.47
O1 GOL DB . 13.85 20.85 4.96
C2 GOL DB . 15.18 21.52 3.23
O2 GOL DB . 14.15 20.73 2.56
C3 GOL DB . 15.63 22.70 2.38
O3 GOL DB . 16.54 22.18 1.40
C1 GOL EB . 28.82 -5.99 21.01
O1 GOL EB . 29.10 -7.35 20.71
C2 GOL EB . 29.44 -5.10 19.98
O2 GOL EB . 30.68 -5.71 19.55
C3 GOL EB . 28.36 -4.97 18.87
O3 GOL EB . 28.07 -6.29 18.43
C1 GOL FB . 25.33 -7.20 18.45
O1 GOL FB . 25.39 -7.51 17.04
C2 GOL FB . 24.01 -7.62 19.00
O2 GOL FB . 22.97 -7.34 18.07
C3 GOL FB . 23.86 -6.82 20.26
O3 GOL FB . 22.47 -6.57 20.47
C1 GOL GB . 39.96 -16.16 17.52
O1 GOL GB . 39.08 -16.53 18.72
C2 GOL GB . 41.07 -17.11 17.07
O2 GOL GB . 42.29 -16.39 16.97
C3 GOL GB . 40.82 -17.77 15.71
O3 GOL GB . 41.83 -18.70 15.33
C1 GOL HB . 11.58 -7.13 -5.21
O1 GOL HB . 12.23 -8.33 -4.73
C2 GOL HB . 12.58 -6.23 -5.93
O2 GOL HB . 11.98 -5.13 -6.65
C3 GOL HB . 13.57 -5.72 -4.89
O3 GOL HB . 14.56 -6.73 -4.63
CA CA IB . 37.95 -2.35 17.34
C1 PEG JB . 24.80 -25.51 21.44
O1 PEG JB . 26.14 -25.90 21.68
C2 PEG JB . 24.45 -25.69 20.00
O2 PEG JB . 24.63 -24.48 19.25
C3 PEG JB . 24.27 -24.63 17.87
C4 PEG JB . 25.23 -25.54 17.12
O4 PEG JB . 26.38 -24.87 16.61
C1 PEG KB . 23.13 -1.97 -7.13
O1 PEG KB . 22.30 -1.46 -6.17
C2 PEG KB . 23.72 -0.93 -8.00
O2 PEG KB . 24.82 -1.53 -8.61
C3 PEG KB . 25.56 -0.81 -9.63
C4 PEG KB . 25.88 0.56 -9.30
O4 PEG KB . 26.09 1.33 -10.40
C1 PEG LB . 13.90 -15.96 -8.63
O1 PEG LB . 14.37 -16.50 -9.85
C2 PEG LB . 13.10 -14.71 -8.88
O2 PEG LB . 13.06 -13.87 -7.73
C3 PEG LB . 13.00 -14.59 -6.49
C4 PEG LB . 12.69 -13.64 -5.38
O4 PEG LB . 12.49 -14.33 -4.14
C1 PEG MB . 50.77 3.96 -0.87
O1 PEG MB . 51.26 4.52 0.31
C2 PEG MB . 50.15 4.98 -1.74
O2 PEG MB . 50.53 6.28 -1.27
C3 PEG MB . 49.64 6.78 -0.27
C4 PEG MB . 49.96 8.21 0.03
O4 PEG MB . 49.90 9.03 -1.13
C1 PEG NB . 31.95 -17.74 26.38
O1 PEG NB . 30.62 -17.13 26.47
C2 PEG NB . 32.57 -17.65 24.98
O2 PEG NB . 33.75 -18.40 24.92
C3 PEG NB . 34.94 -17.60 24.91
C4 PEG NB . 36.13 -18.46 25.11
O4 PEG NB . 36.61 -18.97 23.88
C1 PEG OB . 5.31 -0.69 -2.51
O1 PEG OB . 5.83 -0.33 -1.24
C2 PEG OB . 5.92 0.12 -3.66
O2 PEG OB . 4.94 0.99 -4.23
C3 PEG OB . 5.43 2.06 -5.05
C4 PEG OB . 4.32 2.43 -6.05
O4 PEG OB . 4.43 3.75 -6.61
#